data_6GN6
#
_entry.id   6GN6
#
_cell.length_a   107.772
_cell.length_b   148.758
_cell.length_c   194.895
_cell.angle_alpha   90.00
_cell.angle_beta   90.00
_cell.angle_gamma   90.00
#
_symmetry.space_group_name_H-M   'P 21 21 21'
#
loop_
_entity.id
_entity.type
_entity.pdbx_description
1 polymer Alpha-L-fucosidase
2 branched alpha-D-glucopyranose-(1-4)-alpha-D-glucopyranose
3 non-polymer alpha-D-glucopyranose
4 non-polymer 'TRIETHYLENE GLYCOL'
5 non-polymer DI(HYDROXYETHYL)ETHER
6 non-polymer 'PENTAETHYLENE GLYCOL'
7 non-polymer 'TETRAETHYLENE GLYCOL'
8 non-polymer 'HEXAETHYLENE GLYCOL'
9 non-polymer 'SODIUM ION'
10 water water
#
_entity_poly.entity_id   1
_entity_poly.type   'polypeptide(L)'
_entity_poly.pdbx_seq_one_letter_code
;MGHHHHHHHHHHSSGHIEGRHMTLTAREQRIQWFNHDRFGMFIHWGLYAIPARGEWVRSFERIPVEDYEKYFNSFNPVNY
DPKAWAKAAKAAGMKYAVMTTKHHDGFCLFDSALTDYKATNTPAGRDLIREYADAFRAEGLKVGFYYSIIDWHHPDYPAY
GDRQHPMRDNAEFKDRPQDFNRYLDYMHGQVKELLTNYGTIDVLWFDFSYEDMTGEKWKATELVKMIRELQPNVLIDNRL
GGNIKAREPEIYAGDFASPEQLLPPHGIVNEDGKPLPWEACITLNHHWGYHAHDRDYKTPKQVVRGLVECVSKNGNMLLN
VGPNAKGEIPQLSLDVLGEVGAWMRANGDSIYGCGAAALSKPEWGRYTQKGNKLYAHILDRGIGPIALQGLNGRVKEARL
LADGAEVNIQTPWNAVDYPDYLFVNIPTAQLPDDFNTVIELTLEDAE
;
_entity_poly.pdbx_strand_id   A,B,C,D,E,F
#
# COMPACT_ATOMS: atom_id res chain seq x y z
N THR A 25 31.00 28.13 -38.46
CA THR A 25 30.73 26.87 -39.24
C THR A 25 31.31 25.66 -38.52
N ALA A 26 32.61 25.72 -38.21
CA ALA A 26 33.27 24.62 -37.54
C ALA A 26 32.65 24.51 -36.14
N ARG A 27 32.47 25.66 -35.47
CA ARG A 27 31.86 25.69 -34.15
C ARG A 27 30.41 25.14 -34.22
N GLU A 28 29.65 25.49 -35.25
CA GLU A 28 28.26 25.03 -35.32
C GLU A 28 28.15 23.55 -35.70
N GLN A 29 29.05 23.12 -36.59
CA GLN A 29 28.97 21.77 -37.09
C GLN A 29 29.26 20.79 -35.93
N ARG A 30 30.23 21.11 -35.07
CA ARG A 30 30.65 20.12 -34.11
C ARG A 30 29.67 19.98 -32.95
N ILE A 31 28.93 21.05 -32.63
CA ILE A 31 27.95 21.03 -31.56
C ILE A 31 26.63 20.36 -31.99
N GLN A 32 26.44 20.00 -33.26
CA GLN A 32 25.06 19.63 -33.70
C GLN A 32 24.51 18.42 -32.96
N TRP A 33 25.31 17.35 -32.89
CA TRP A 33 24.92 16.17 -32.20
C TRP A 33 24.52 16.49 -30.74
N PHE A 34 25.22 17.39 -30.08
CA PHE A 34 25.02 17.67 -28.66
C PHE A 34 23.68 18.38 -28.47
N ASN A 35 23.41 19.35 -29.34
CA ASN A 35 22.14 20.09 -29.25
C ASN A 35 20.99 19.16 -29.56
N HIS A 36 21.24 18.19 -30.45
CA HIS A 36 20.21 17.26 -30.83
C HIS A 36 19.90 16.31 -29.65
N ASP A 37 20.96 15.78 -29.01
CA ASP A 37 20.83 14.64 -28.16
C ASP A 37 20.26 14.98 -26.75
N ARG A 38 20.62 16.14 -26.23
CA ARG A 38 20.03 16.83 -25.03
C ARG A 38 20.26 16.23 -23.68
N PHE A 39 20.40 14.92 -23.57
CA PHE A 39 20.26 14.24 -22.29
C PHE A 39 21.41 13.28 -22.10
N GLY A 40 22.20 13.52 -21.07
CA GLY A 40 23.35 12.70 -20.77
C GLY A 40 23.49 12.37 -19.27
N MET A 41 24.50 11.53 -19.00
CA MET A 41 24.77 10.97 -17.71
C MET A 41 26.12 11.46 -17.17
N PHE A 42 26.13 12.16 -16.02
CA PHE A 42 27.39 12.52 -15.37
C PHE A 42 27.76 11.33 -14.48
N ILE A 43 29.03 10.94 -14.40
CA ILE A 43 29.48 9.84 -13.50
C ILE A 43 30.63 10.37 -12.62
N HIS A 44 30.40 10.61 -11.33
CA HIS A 44 31.45 10.88 -10.40
C HIS A 44 31.83 9.62 -9.63
N TRP A 45 33.05 9.16 -9.85
CA TRP A 45 33.50 7.92 -9.24
C TRP A 45 35.00 7.96 -8.98
N GLY A 46 35.41 7.52 -7.80
CA GLY A 46 36.81 7.35 -7.45
C GLY A 46 37.00 6.98 -5.96
N LEU A 47 38.22 7.17 -5.45
CA LEU A 47 38.54 6.88 -4.07
C LEU A 47 37.57 7.55 -3.10
N TYR A 48 37.07 8.74 -3.38
CA TYR A 48 36.16 9.40 -2.42
C TYR A 48 34.82 8.65 -2.17
N ALA A 49 34.50 7.65 -3.03
CA ALA A 49 33.35 6.68 -2.80
C ALA A 49 33.49 5.82 -1.54
N ILE A 50 34.72 5.63 -1.07
CA ILE A 50 34.94 4.95 0.19
C ILE A 50 34.61 5.88 1.38
N PRO A 51 35.23 7.05 1.55
CA PRO A 51 34.76 7.86 2.69
C PRO A 51 33.25 8.17 2.54
N ALA A 52 32.76 8.10 1.32
CA ALA A 52 31.32 8.17 0.99
C ALA A 52 30.63 9.40 1.58
N ARG A 53 31.34 10.53 1.59
CA ARG A 53 30.74 11.75 2.10
C ARG A 53 31.05 12.93 1.22
N GLY A 54 31.26 12.68 -0.07
CA GLY A 54 31.53 13.77 -1.01
C GLY A 54 32.99 13.79 -1.49
N GLU A 55 33.15 14.17 -2.77
CA GLU A 55 34.43 14.25 -3.47
C GLU A 55 35.34 15.40 -2.99
N TRP A 56 34.76 16.45 -2.36
CA TRP A 56 35.57 17.43 -1.64
C TRP A 56 36.07 16.98 -0.26
N VAL A 57 35.94 15.71 0.13
CA VAL A 57 36.26 15.41 1.56
C VAL A 57 37.69 15.80 2.00
N ARG A 58 38.68 15.63 1.12
CA ARG A 58 40.07 15.96 1.45
C ARG A 58 40.17 17.44 1.82
N SER A 59 39.42 18.28 1.08
CA SER A 59 39.44 19.68 1.26
C SER A 59 38.79 20.10 2.57
N PHE A 60 37.55 19.64 2.78
CA PHE A 60 36.77 20.21 3.87
C PHE A 60 37.15 19.56 5.19
N GLU A 61 37.80 18.39 5.18
CA GLU A 61 38.33 17.79 6.41
C GLU A 61 39.86 17.91 6.46
N ARG A 62 40.47 18.61 5.49
CA ARG A 62 41.95 18.92 5.49
C ARG A 62 42.78 17.66 5.72
N ILE A 63 42.55 16.69 4.84
CA ILE A 63 43.16 15.37 4.94
C ILE A 63 44.46 15.41 4.15
N PRO A 64 45.59 15.14 4.80
CA PRO A 64 46.81 15.00 4.02
C PRO A 64 46.78 13.77 3.11
N VAL A 65 47.61 13.81 2.07
CA VAL A 65 47.79 12.64 1.21
C VAL A 65 47.99 11.33 2.00
N GLU A 66 48.79 11.31 3.07
CA GLU A 66 49.16 10.03 3.77
C GLU A 66 47.94 9.39 4.38
N ASP A 67 47.03 10.22 4.90
CA ASP A 67 45.79 9.69 5.56
C ASP A 67 44.73 9.15 4.56
N TYR A 68 44.82 9.56 3.28
CA TYR A 68 43.88 9.19 2.28
C TYR A 68 44.39 7.99 1.52
N GLU A 69 45.65 7.59 1.80
CA GLU A 69 46.27 6.43 1.17
C GLU A 69 45.50 5.15 1.51
N LYS A 70 44.86 5.11 2.68
CA LYS A 70 44.09 3.95 3.07
C LYS A 70 42.95 3.68 2.08
N TYR A 71 42.40 4.73 1.47
CA TYR A 71 41.39 4.53 0.43
C TYR A 71 42.05 3.95 -0.83
N PHE A 72 43.23 4.46 -1.21
CA PHE A 72 43.98 3.97 -2.41
C PHE A 72 44.22 2.45 -2.24
N ASN A 73 44.59 2.07 -1.02
CA ASN A 73 44.98 0.66 -0.72
C ASN A 73 43.80 -0.31 -0.62
N SER A 74 42.60 0.19 -0.36
CA SER A 74 41.45 -0.65 -0.21
C SER A 74 40.42 -0.44 -1.34
N PHE A 75 40.83 0.16 -2.45
CA PHE A 75 39.95 0.40 -3.56
C PHE A 75 39.99 -0.84 -4.41
N ASN A 76 38.92 -1.62 -4.33
CA ASN A 76 38.85 -2.84 -5.15
C ASN A 76 37.42 -3.12 -5.52
N PRO A 77 36.89 -2.44 -6.53
CA PRO A 77 35.46 -2.60 -6.86
C PRO A 77 35.07 -4.01 -7.30
N VAL A 78 34.35 -4.68 -6.44
CA VAL A 78 33.92 -6.09 -6.62
C VAL A 78 32.84 -6.20 -7.73
N ASN A 79 32.04 -5.15 -7.97
CA ASN A 79 30.89 -5.22 -8.86
C ASN A 79 30.84 -4.01 -9.84
N TYR A 80 31.97 -3.68 -10.47
CA TYR A 80 32.04 -2.58 -11.45
C TYR A 80 31.82 -3.20 -12.81
N ASP A 81 30.63 -2.98 -13.35
CA ASP A 81 30.26 -3.51 -14.63
C ASP A 81 29.75 -2.35 -15.47
N PRO A 82 30.68 -1.70 -16.17
CA PRO A 82 30.28 -0.52 -16.91
C PRO A 82 29.36 -0.86 -18.07
N LYS A 83 29.31 -2.13 -18.48
CA LYS A 83 28.25 -2.55 -19.44
C LYS A 83 26.86 -2.43 -18.79
N ALA A 84 26.73 -2.85 -17.53
CA ALA A 84 25.48 -2.58 -16.79
C ALA A 84 25.17 -1.08 -16.82
N TRP A 85 26.17 -0.24 -16.50
CA TRP A 85 25.97 1.22 -16.46
C TRP A 85 25.45 1.79 -17.80
N ALA A 86 26.11 1.38 -18.85
CA ALA A 86 25.77 1.78 -20.18
C ALA A 86 24.36 1.35 -20.56
N LYS A 87 23.96 0.14 -20.17
CA LYS A 87 22.59 -0.33 -20.45
C LYS A 87 21.55 0.49 -19.68
N ALA A 88 21.85 0.85 -18.43
CA ALA A 88 20.92 1.63 -17.64
C ALA A 88 20.77 3.03 -18.26
N ALA A 89 21.90 3.66 -18.63
CA ALA A 89 21.91 4.94 -19.26
C ALA A 89 21.12 4.97 -20.58
N LYS A 90 21.46 4.04 -21.48
CA LYS A 90 20.78 3.92 -22.75
C LYS A 90 19.25 3.77 -22.51
N ALA A 91 18.90 2.87 -21.61
CA ALA A 91 17.50 2.59 -21.20
C ALA A 91 16.78 3.81 -20.63
N ALA A 92 17.51 4.68 -19.94
CA ALA A 92 16.97 5.92 -19.45
C ALA A 92 16.65 6.95 -20.54
N GLY A 93 17.12 6.72 -21.78
CA GLY A 93 17.04 7.74 -22.88
C GLY A 93 18.26 8.68 -22.95
N MET A 94 19.32 8.42 -22.17
CA MET A 94 20.53 9.23 -22.26
C MET A 94 21.31 8.82 -23.51
N LYS A 95 21.94 9.81 -24.15
CA LYS A 95 22.53 9.73 -25.45
C LYS A 95 24.04 9.86 -25.32
N TYR A 96 24.51 10.27 -24.13
CA TYR A 96 25.95 10.55 -23.90
C TYR A 96 26.23 10.51 -22.41
N ALA A 97 27.50 10.28 -22.08
CA ALA A 97 27.97 10.22 -20.73
C ALA A 97 29.30 10.96 -20.58
N VAL A 98 29.52 11.50 -19.38
CA VAL A 98 30.71 12.17 -18.97
C VAL A 98 31.13 11.49 -17.65
N MET A 99 32.27 10.81 -17.65
CA MET A 99 32.83 10.17 -16.49
C MET A 99 34.14 10.85 -15.98
N THR A 100 34.27 10.95 -14.66
CA THR A 100 35.42 11.52 -14.03
C THR A 100 36.69 10.64 -14.23
N THR A 101 37.61 11.10 -15.05
CA THR A 101 38.94 10.43 -15.30
C THR A 101 39.94 10.81 -14.23
N LYS A 102 39.82 12.01 -13.68
CA LYS A 102 40.55 12.39 -12.45
C LYS A 102 39.79 13.50 -11.81
N HIS A 103 39.59 13.49 -10.51
CA HIS A 103 38.94 14.62 -9.84
C HIS A 103 40.00 15.47 -9.08
N HIS A 104 39.54 16.46 -8.31
CA HIS A 104 40.36 17.32 -7.55
C HIS A 104 41.43 16.58 -6.72
N ASP A 105 41.09 15.45 -6.12
CA ASP A 105 41.99 14.69 -5.27
C ASP A 105 43.18 14.13 -6.10
N GLY A 106 43.11 14.25 -7.43
CA GLY A 106 44.21 13.84 -8.28
C GLY A 106 44.38 12.36 -8.57
N PHE A 107 43.48 11.51 -8.08
CA PHE A 107 43.54 10.10 -8.40
C PHE A 107 42.99 9.83 -9.80
N CYS A 108 43.75 9.06 -10.57
CA CYS A 108 43.42 8.87 -11.97
C CYS A 108 42.86 7.48 -12.10
N LEU A 109 41.67 7.41 -12.70
CA LEU A 109 40.93 6.12 -12.97
C LEU A 109 41.41 5.49 -14.31
N PHE A 110 42.19 6.23 -15.09
CA PHE A 110 42.75 5.72 -16.35
C PHE A 110 44.20 5.36 -16.11
N ASP A 111 44.78 4.58 -17.02
CA ASP A 111 46.17 4.11 -16.84
C ASP A 111 47.24 5.13 -17.36
N SER A 112 47.43 6.26 -16.65
CA SER A 112 48.34 7.33 -17.07
C SER A 112 49.78 6.81 -17.03
N ALA A 113 50.59 7.23 -18.01
CA ALA A 113 52.05 7.02 -17.94
C ALA A 113 52.73 8.06 -17.05
N LEU A 114 52.01 9.06 -16.53
CA LEU A 114 52.67 10.20 -15.87
C LEU A 114 52.54 10.18 -14.33
N THR A 115 51.91 9.17 -13.76
CA THR A 115 51.77 9.09 -12.28
C THR A 115 51.59 7.63 -11.90
N ASP A 116 51.85 7.35 -10.62
CA ASP A 116 51.59 6.08 -9.96
CA ASP A 116 51.53 6.04 -10.05
C ASP A 116 50.22 6.08 -9.22
N TYR A 117 49.63 7.27 -9.01
CA TYR A 117 48.38 7.43 -8.27
C TYR A 117 47.21 7.20 -9.22
N LYS A 118 47.02 5.94 -9.53
CA LYS A 118 46.04 5.53 -10.53
C LYS A 118 45.50 4.13 -10.19
N ALA A 119 44.34 3.89 -10.79
CA ALA A 119 43.52 2.71 -10.54
C ALA A 119 44.27 1.40 -10.81
N THR A 120 45.11 1.40 -11.86
CA THR A 120 45.94 0.20 -12.18
C THR A 120 46.97 -0.16 -11.09
N ASN A 121 47.24 0.71 -10.14
CA ASN A 121 48.15 0.42 -9.04
C ASN A 121 47.38 0.15 -7.75
N THR A 122 46.05 0.30 -7.78
CA THR A 122 45.20 -0.10 -6.67
C THR A 122 44.98 -1.60 -6.75
N PRO A 123 44.43 -2.21 -5.70
CA PRO A 123 44.02 -3.59 -5.85
C PRO A 123 43.08 -3.85 -7.05
N ALA A 124 42.32 -2.87 -7.50
CA ALA A 124 41.52 -3.05 -8.72
C ALA A 124 42.36 -3.53 -9.91
N GLY A 125 43.60 -3.00 -10.02
CA GLY A 125 44.50 -3.37 -11.17
C GLY A 125 43.86 -3.23 -12.55
N ARG A 126 42.94 -2.28 -12.74
CA ARG A 126 42.25 -2.09 -14.02
C ARG A 126 42.27 -0.62 -14.46
N ASP A 127 42.15 -0.42 -15.77
CA ASP A 127 41.87 0.88 -16.34
C ASP A 127 40.33 0.99 -16.46
N LEU A 128 39.72 1.62 -15.45
CA LEU A 128 38.32 1.81 -15.34
C LEU A 128 37.79 2.70 -16.47
N ILE A 129 38.55 3.69 -16.89
CA ILE A 129 38.14 4.56 -17.99
C ILE A 129 38.11 3.81 -19.34
N ARG A 130 39.04 2.88 -19.57
CA ARG A 130 39.03 2.14 -20.80
C ARG A 130 37.75 1.32 -20.86
N GLU A 131 37.50 0.58 -19.76
CA GLU A 131 36.29 -0.19 -19.56
C GLU A 131 35.04 0.66 -19.80
N TYR A 132 34.96 1.82 -19.14
CA TYR A 132 33.82 2.79 -19.35
C TYR A 132 33.68 3.15 -20.84
N ALA A 133 34.79 3.57 -21.45
CA ALA A 133 34.74 4.10 -22.81
C ALA A 133 34.23 3.07 -23.77
N ASP A 134 34.76 1.85 -23.67
CA ASP A 134 34.39 0.75 -24.51
C ASP A 134 32.93 0.33 -24.33
N ALA A 135 32.47 0.29 -23.07
CA ALA A 135 31.17 -0.19 -22.79
C ALA A 135 30.14 0.81 -23.31
N PHE A 136 30.40 2.11 -23.09
CA PHE A 136 29.41 3.08 -23.55
C PHE A 136 29.41 3.25 -25.07
N ARG A 137 30.58 3.14 -25.67
CA ARG A 137 30.73 3.23 -27.13
C ARG A 137 29.94 2.07 -27.76
N ALA A 138 30.02 0.91 -27.11
CA ALA A 138 29.32 -0.26 -27.54
C ALA A 138 27.81 -0.09 -27.56
N GLU A 139 27.24 0.67 -26.62
CA GLU A 139 25.77 0.90 -26.57
C GLU A 139 25.33 2.04 -27.45
N GLY A 140 26.28 2.69 -28.13
CA GLY A 140 25.95 3.83 -29.02
C GLY A 140 25.85 5.15 -28.26
N LEU A 141 26.40 5.24 -27.03
CA LEU A 141 26.44 6.51 -26.37
C LEU A 141 27.76 7.22 -26.71
N LYS A 142 27.67 8.55 -26.89
CA LYS A 142 28.87 9.39 -26.99
C LYS A 142 29.69 9.40 -25.69
N VAL A 143 31.02 9.45 -25.85
CA VAL A 143 31.87 9.21 -24.71
C VAL A 143 32.50 10.52 -24.28
N GLY A 144 32.33 10.87 -23.02
CA GLY A 144 32.89 12.07 -22.53
C GLY A 144 33.76 11.76 -21.34
N PHE A 145 34.79 12.62 -21.17
CA PHE A 145 35.70 12.55 -20.08
C PHE A 145 35.67 13.85 -19.33
N TYR A 146 35.61 13.77 -18.01
CA TYR A 146 35.76 14.90 -17.15
C TYR A 146 37.18 14.85 -16.58
N TYR A 147 37.92 15.97 -16.65
CA TYR A 147 39.30 16.05 -16.10
C TYR A 147 39.39 17.27 -15.17
N SER A 148 39.67 17.07 -13.88
CA SER A 148 39.93 18.17 -12.97
C SER A 148 41.32 18.85 -13.23
N ILE A 149 41.26 20.16 -13.56
CA ILE A 149 42.49 20.91 -13.71
C ILE A 149 43.05 21.26 -12.35
N ILE A 150 42.20 21.33 -11.32
CA ILE A 150 42.67 21.35 -9.93
C ILE A 150 43.27 19.98 -9.57
N ASP A 151 44.37 19.94 -8.81
CA ASP A 151 44.97 18.66 -8.36
C ASP A 151 45.49 18.83 -6.92
N TRP A 152 44.91 18.09 -5.99
CA TRP A 152 45.35 18.15 -4.61
C TRP A 152 46.41 17.11 -4.31
N HIS A 153 46.87 16.41 -5.34
CA HIS A 153 47.90 15.38 -5.15
C HIS A 153 49.25 15.77 -5.74
N HIS A 154 49.23 16.41 -6.91
CA HIS A 154 50.43 16.82 -7.59
C HIS A 154 51.26 17.81 -6.74
N PRO A 155 52.55 17.51 -6.49
CA PRO A 155 53.39 18.35 -5.58
C PRO A 155 53.61 19.81 -6.03
N ASP A 156 53.46 20.06 -7.33
CA ASP A 156 53.63 21.39 -7.90
C ASP A 156 52.32 22.19 -8.01
N TYR A 157 51.21 21.66 -7.52
CA TYR A 157 49.98 22.44 -7.58
C TYR A 157 49.97 23.31 -6.33
N PRO A 158 49.57 24.59 -6.41
CA PRO A 158 49.53 25.42 -5.22
C PRO A 158 48.69 24.88 -4.07
N ALA A 159 49.28 24.90 -2.88
CA ALA A 159 48.72 24.33 -1.68
C ALA A 159 48.47 25.42 -0.64
N TYR A 160 49.51 25.89 0.03
CA TYR A 160 49.37 26.91 1.04
C TYR A 160 48.83 28.20 0.44
N GLY A 161 47.77 28.73 1.04
CA GLY A 161 47.08 29.88 0.55
C GLY A 161 46.10 29.65 -0.58
N ASP A 162 45.95 28.42 -1.03
CA ASP A 162 44.99 28.08 -2.10
C ASP A 162 43.54 28.20 -1.58
N ARG A 163 42.61 28.59 -2.43
CA ARG A 163 41.18 28.77 -2.03
C ARG A 163 40.67 27.50 -1.36
N GLN A 164 41.06 26.32 -1.87
CA GLN A 164 40.53 25.07 -1.38
C GLN A 164 41.47 23.86 -1.31
N HIS A 165 42.77 23.99 -1.54
CA HIS A 165 43.67 22.84 -1.28
C HIS A 165 43.51 22.35 0.16
N PRO A 166 43.44 20.99 0.38
CA PRO A 166 43.47 20.42 1.72
C PRO A 166 44.49 21.07 2.68
N MET A 167 45.67 21.45 2.18
CA MET A 167 46.81 21.90 2.99
C MET A 167 46.91 23.45 3.06
N ARG A 168 45.88 24.16 2.57
CA ARG A 168 45.89 25.60 2.46
C ARG A 168 46.23 26.35 3.75
N ASP A 169 45.86 25.80 4.91
CA ASP A 169 46.10 26.51 6.20
C ASP A 169 47.17 25.80 7.01
N ASN A 170 47.88 24.84 6.41
CA ASN A 170 48.92 24.12 7.11
C ASN A 170 50.23 24.76 6.73
N ALA A 171 50.79 25.56 7.64
CA ALA A 171 52.00 26.40 7.37
C ALA A 171 53.26 25.55 7.17
N GLU A 172 53.25 24.28 7.60
CA GLU A 172 54.35 23.33 7.24
C GLU A 172 54.47 23.09 5.73
N PHE A 173 53.51 23.60 4.94
CA PHE A 173 53.51 23.50 3.46
C PHE A 173 53.81 24.85 2.79
N LYS A 174 53.82 25.93 3.58
CA LYS A 174 54.31 27.23 3.11
C LYS A 174 55.78 27.10 2.77
N ASP A 175 56.15 27.54 1.56
CA ASP A 175 57.54 27.50 1.07
C ASP A 175 57.98 26.09 0.63
N ARG A 176 57.06 25.17 0.38
CA ARG A 176 57.42 23.85 -0.17
C ARG A 176 57.90 24.05 -1.62
N PRO A 177 58.86 23.22 -2.09
CA PRO A 177 59.37 23.40 -3.44
C PRO A 177 58.23 23.30 -4.46
N GLN A 178 58.20 24.16 -5.47
CA GLN A 178 57.12 24.14 -6.44
C GLN A 178 57.62 24.67 -7.79
N ASP A 179 57.46 23.89 -8.86
CA ASP A 179 57.51 24.45 -10.18
C ASP A 179 56.19 24.18 -10.90
N PHE A 180 55.31 25.18 -10.93
CA PHE A 180 54.01 25.04 -11.52
C PHE A 180 54.09 24.59 -12.97
N ASN A 181 55.20 24.86 -13.64
CA ASN A 181 55.32 24.39 -15.04
C ASN A 181 55.26 22.88 -15.12
N ARG A 182 55.73 22.18 -14.09
CA ARG A 182 55.71 20.73 -14.12
C ARG A 182 54.25 20.21 -13.98
N TYR A 183 53.44 20.86 -13.13
CA TYR A 183 51.97 20.57 -13.09
C TYR A 183 51.33 20.78 -14.47
N LEU A 184 51.71 21.83 -15.20
CA LEU A 184 51.12 22.09 -16.51
C LEU A 184 51.53 21.03 -17.54
N ASP A 185 52.78 20.59 -17.50
CA ASP A 185 53.25 19.49 -18.35
C ASP A 185 52.47 18.19 -18.08
N TYR A 186 52.23 17.96 -16.79
CA TYR A 186 51.49 16.82 -16.31
C TYR A 186 50.05 16.93 -16.86
N MET A 187 49.40 18.06 -16.62
CA MET A 187 48.02 18.23 -17.00
C MET A 187 47.90 18.13 -18.53
N HIS A 188 48.73 18.88 -19.26
CA HIS A 188 48.61 18.89 -20.74
C HIS A 188 48.92 17.47 -21.24
N GLY A 189 49.87 16.78 -20.59
CA GLY A 189 50.22 15.41 -20.97
C GLY A 189 49.05 14.45 -20.78
N GLN A 190 48.35 14.52 -19.62
CA GLN A 190 47.23 13.61 -19.33
C GLN A 190 46.07 13.84 -20.33
N VAL A 191 45.83 15.08 -20.70
CA VAL A 191 44.77 15.37 -21.67
C VAL A 191 45.21 14.76 -23.01
N LYS A 192 46.50 14.87 -23.32
CA LYS A 192 47.02 14.26 -24.60
C LYS A 192 46.77 12.73 -24.57
N GLU A 193 47.07 12.08 -23.43
CA GLU A 193 46.77 10.62 -23.22
C GLU A 193 45.27 10.29 -23.38
N LEU A 194 44.39 11.12 -22.80
CA LEU A 194 42.98 10.83 -22.86
C LEU A 194 42.51 10.91 -24.30
N LEU A 195 43.12 11.79 -25.07
CA LEU A 195 42.69 12.03 -26.45
C LEU A 195 43.46 11.20 -27.48
N THR A 196 44.32 10.27 -27.03
CA THR A 196 45.10 9.46 -27.97
C THR A 196 44.83 7.99 -27.68
N ASN A 197 44.62 7.62 -26.41
CA ASN A 197 44.71 6.20 -26.06
C ASN A 197 43.37 5.52 -25.92
N TYR A 198 42.27 6.24 -26.18
CA TYR A 198 40.92 5.77 -25.80
C TYR A 198 39.89 5.99 -26.95
N GLY A 199 40.34 6.05 -28.20
CA GLY A 199 39.47 6.23 -29.37
C GLY A 199 38.80 7.57 -29.37
N THR A 200 37.71 7.71 -30.15
CA THR A 200 37.05 9.00 -30.37
C THR A 200 36.36 9.43 -29.06
N ILE A 201 36.70 10.62 -28.59
CA ILE A 201 36.16 11.25 -27.43
C ILE A 201 35.30 12.43 -27.88
N ASP A 202 34.11 12.53 -27.34
CA ASP A 202 33.14 13.49 -27.79
C ASP A 202 33.03 14.73 -26.86
N VAL A 203 33.33 14.59 -25.56
CA VAL A 203 33.27 15.72 -24.64
C VAL A 203 34.45 15.63 -23.67
N LEU A 204 35.10 16.78 -23.48
CA LEU A 204 36.07 17.02 -22.46
C LEU A 204 35.51 18.11 -21.55
N TRP A 205 35.41 17.78 -20.28
CA TRP A 205 34.67 18.58 -19.33
C TRP A 205 35.68 18.98 -18.27
N PHE A 206 36.23 20.18 -18.39
CA PHE A 206 37.28 20.60 -17.43
C PHE A 206 36.60 21.24 -16.22
N ASP A 207 37.29 21.29 -15.09
CA ASP A 207 36.70 21.79 -13.86
C ASP A 207 37.82 22.10 -12.87
N PHE A 208 37.91 23.30 -12.30
CA PHE A 208 37.34 24.56 -12.72
C PHE A 208 38.37 25.66 -12.38
N SER A 209 38.24 26.79 -13.08
CA SER A 209 39.00 28.00 -12.90
C SER A 209 38.39 28.87 -11.79
N TYR A 210 39.28 29.52 -11.04
CA TYR A 210 38.96 30.32 -9.84
C TYR A 210 40.12 31.29 -9.61
N GLU A 211 39.77 32.52 -9.24
CA GLU A 211 40.71 33.59 -8.91
C GLU A 211 41.73 33.78 -10.04
N ASP A 212 43.03 33.79 -9.70
CA ASP A 212 44.08 33.86 -10.70
C ASP A 212 44.29 32.51 -11.42
N MET A 213 43.74 31.42 -10.89
CA MET A 213 43.89 30.09 -11.53
C MET A 213 42.87 29.99 -12.68
N THR A 214 43.20 30.69 -13.77
CA THR A 214 42.26 30.89 -14.84
C THR A 214 43.00 31.25 -16.11
N GLY A 215 42.36 30.96 -17.24
CA GLY A 215 42.84 31.38 -18.53
C GLY A 215 44.26 30.91 -18.83
N GLU A 216 45.15 31.88 -19.11
CA GLU A 216 46.52 31.54 -19.53
C GLU A 216 47.37 30.99 -18.39
N LYS A 217 46.92 31.08 -17.16
CA LYS A 217 47.59 30.41 -16.05
C LYS A 217 47.68 28.89 -16.32
N TRP A 218 46.67 28.31 -17.00
CA TRP A 218 46.60 26.94 -17.42
C TRP A 218 47.29 26.70 -18.78
N LYS A 219 47.78 27.77 -19.39
CA LYS A 219 48.14 27.76 -20.81
C LYS A 219 46.96 27.22 -21.59
N ALA A 220 45.78 27.77 -21.29
CA ALA A 220 44.57 27.33 -21.92
C ALA A 220 44.69 27.37 -23.44
N THR A 221 45.42 28.34 -24.00
CA THR A 221 45.43 28.48 -25.47
C THR A 221 46.19 27.33 -26.08
N GLU A 222 47.36 27.01 -25.54
CA GLU A 222 48.13 25.86 -26.08
C GLU A 222 47.42 24.52 -25.84
N LEU A 223 46.77 24.37 -24.69
CA LEU A 223 45.94 23.21 -24.37
C LEU A 223 44.86 23.01 -25.42
N VAL A 224 44.12 24.05 -25.75
CA VAL A 224 43.02 23.85 -26.67
C VAL A 224 43.52 23.60 -28.11
N LYS A 225 44.63 24.25 -28.47
CA LYS A 225 45.26 24.00 -29.79
C LYS A 225 45.73 22.56 -29.90
N MET A 226 46.33 22.08 -28.81
CA MET A 226 46.69 20.68 -28.76
C MET A 226 45.42 19.80 -28.89
N ILE A 227 44.37 20.14 -28.15
CA ILE A 227 43.11 19.36 -28.17
C ILE A 227 42.55 19.29 -29.58
N ARG A 228 42.41 20.45 -30.23
CA ARG A 228 41.82 20.45 -31.58
C ARG A 228 42.75 19.84 -32.64
N GLU A 229 44.07 19.80 -32.40
CA GLU A 229 45.00 19.09 -33.28
C GLU A 229 44.64 17.63 -33.21
N LEU A 230 44.50 17.08 -31.99
CA LEU A 230 44.25 15.62 -31.82
C LEU A 230 42.83 15.19 -32.22
N GLN A 231 41.78 15.89 -31.79
CA GLN A 231 40.41 15.49 -32.05
C GLN A 231 39.63 16.78 -32.26
N PRO A 232 39.66 17.33 -33.48
CA PRO A 232 39.10 18.67 -33.70
C PRO A 232 37.61 18.80 -33.34
N ASN A 233 36.87 17.68 -33.34
CA ASN A 233 35.43 17.72 -33.18
C ASN A 233 34.96 17.65 -31.71
N VAL A 234 35.88 17.46 -30.76
CA VAL A 234 35.50 17.34 -29.35
C VAL A 234 34.87 18.63 -28.85
N LEU A 235 33.96 18.52 -27.89
CA LEU A 235 33.30 19.67 -27.29
C LEU A 235 33.90 19.90 -25.93
N ILE A 236 34.11 21.18 -25.61
CA ILE A 236 34.69 21.56 -24.35
C ILE A 236 33.70 22.47 -23.63
N ASP A 237 33.70 22.33 -22.31
CA ASP A 237 32.87 23.18 -21.44
C ASP A 237 33.58 24.49 -21.25
N ASN A 238 33.02 25.37 -20.43
CA ASN A 238 33.46 26.72 -20.33
C ASN A 238 34.10 27.01 -18.98
N ARG A 239 34.92 26.10 -18.48
CA ARG A 239 35.52 26.27 -17.16
C ARG A 239 37.06 26.46 -17.19
N LEU A 240 37.62 26.73 -18.38
CA LEU A 240 39.03 27.03 -18.49
C LEU A 240 39.28 28.53 -18.32
N GLY A 241 38.26 29.33 -17.96
CA GLY A 241 38.33 30.79 -17.97
C GLY A 241 37.72 31.23 -19.30
N GLY A 242 37.93 32.48 -19.64
CA GLY A 242 37.37 32.91 -20.94
C GLY A 242 35.99 33.47 -20.70
N ASN A 243 35.35 33.96 -21.75
CA ASN A 243 33.98 34.46 -21.68
C ASN A 243 33.31 34.02 -22.97
N ILE A 244 32.56 32.94 -22.85
CA ILE A 244 31.77 32.35 -23.98
C ILE A 244 30.64 33.30 -24.45
N LYS A 245 30.18 34.19 -23.57
CA LYS A 245 29.16 35.16 -23.87
C LYS A 245 29.69 36.32 -24.72
N ALA A 246 31.02 36.45 -24.88
CA ALA A 246 31.63 37.52 -25.68
C ALA A 246 31.39 37.24 -27.17
N ARG A 247 31.32 38.32 -27.97
CA ARG A 247 30.94 38.26 -29.40
C ARG A 247 31.91 37.37 -30.18
N GLU A 248 33.22 37.57 -29.98
CA GLU A 248 34.24 36.60 -30.43
C GLU A 248 35.06 36.24 -29.17
N PRO A 249 34.84 35.05 -28.59
CA PRO A 249 35.53 34.68 -27.36
C PRO A 249 36.90 34.02 -27.57
N GLU A 250 37.62 33.87 -26.45
CA GLU A 250 38.91 33.22 -26.44
C GLU A 250 38.72 31.83 -27.07
N ILE A 251 39.79 31.22 -27.59
CA ILE A 251 39.69 29.93 -28.22
C ILE A 251 39.38 28.85 -27.18
N TYR A 252 39.64 29.13 -25.89
CA TYR A 252 39.44 28.19 -24.80
C TYR A 252 38.17 28.56 -23.99
N ALA A 253 37.40 29.50 -24.49
CA ALA A 253 36.14 29.86 -23.83
C ALA A 253 35.13 28.70 -23.72
N GLY A 254 35.15 27.75 -24.65
CA GLY A 254 34.27 26.62 -24.58
C GLY A 254 33.24 26.59 -25.69
N ASP A 255 32.75 25.38 -25.99
CA ASP A 255 31.65 25.15 -26.87
C ASP A 255 30.27 25.31 -26.20
N PHE A 256 30.19 25.05 -24.90
CA PHE A 256 28.91 25.08 -24.24
C PHE A 256 29.11 25.62 -22.83
N ALA A 257 28.07 26.33 -22.37
CA ALA A 257 27.99 26.82 -20.95
C ALA A 257 27.49 25.71 -19.99
N SER A 258 27.82 25.85 -18.70
CA SER A 258 27.62 24.76 -17.72
C SER A 258 27.00 25.23 -16.44
N PRO A 259 25.76 25.76 -16.48
CA PRO A 259 25.09 26.09 -15.22
C PRO A 259 24.98 24.82 -14.35
N GLU A 260 24.92 25.03 -13.05
CA GLU A 260 25.10 23.95 -12.10
C GLU A 260 24.09 24.05 -10.95
N GLN A 261 23.45 22.90 -10.71
CA GLN A 261 22.45 22.65 -9.65
C GLN A 261 21.33 23.72 -9.71
N LEU A 262 21.04 24.15 -10.94
CA LEU A 262 19.93 25.03 -11.21
C LEU A 262 19.63 24.99 -12.69
N LEU A 263 18.37 25.27 -13.00
CA LEU A 263 17.92 25.35 -14.36
C LEU A 263 17.73 26.84 -14.55
N PRO A 264 18.49 27.48 -15.46
CA PRO A 264 18.43 28.94 -15.66
C PRO A 264 17.03 29.44 -15.94
N PRO A 265 16.66 30.59 -15.38
CA PRO A 265 15.29 31.08 -15.62
C PRO A 265 14.98 31.27 -17.10
N HIS A 266 16.01 31.57 -17.90
CA HIS A 266 15.92 31.77 -19.34
C HIS A 266 17.11 31.05 -19.96
N GLY A 267 16.96 30.64 -21.21
CA GLY A 267 18.10 30.12 -21.95
C GLY A 267 19.29 31.10 -21.92
N ILE A 268 20.48 30.53 -21.89
CA ILE A 268 21.75 31.28 -21.92
C ILE A 268 22.01 31.86 -23.32
N VAL A 269 22.28 33.16 -23.36
CA VAL A 269 22.61 33.86 -24.59
C VAL A 269 23.91 34.62 -24.38
N ASN A 270 24.58 34.94 -25.49
CA ASN A 270 25.76 35.84 -25.47
C ASN A 270 25.36 37.30 -25.45
N GLU A 271 26.35 38.19 -25.35
CA GLU A 271 26.15 39.67 -25.24
C GLU A 271 25.11 40.23 -26.22
N ASP A 272 25.17 39.80 -27.48
CA ASP A 272 24.20 40.19 -28.52
C ASP A 272 22.79 39.55 -28.41
N GLY A 273 22.57 38.65 -27.43
CA GLY A 273 21.37 37.84 -27.33
C GLY A 273 21.32 36.65 -28.27
N LYS A 274 22.44 36.21 -28.87
CA LYS A 274 22.46 34.92 -29.60
C LYS A 274 22.40 33.80 -28.56
N PRO A 275 21.55 32.74 -28.78
CA PRO A 275 21.52 31.58 -27.88
C PRO A 275 22.81 30.77 -27.99
N LEU A 276 23.35 30.40 -26.82
CA LEU A 276 24.55 29.54 -26.71
C LEU A 276 24.15 28.10 -26.39
N PRO A 277 24.87 27.09 -26.89
CA PRO A 277 24.72 25.76 -26.33
C PRO A 277 25.02 25.81 -24.84
N TRP A 278 24.16 25.17 -24.06
CA TRP A 278 24.39 25.04 -22.63
C TRP A 278 23.84 23.72 -22.12
N GLU A 279 24.24 23.39 -20.90
CA GLU A 279 23.92 22.13 -20.28
C GLU A 279 23.87 22.32 -18.77
N ALA A 280 22.77 21.96 -18.15
CA ALA A 280 22.70 22.03 -16.69
C ALA A 280 23.12 20.68 -16.12
N CYS A 281 24.11 20.69 -15.25
CA CYS A 281 24.62 19.50 -14.60
C CYS A 281 23.94 19.46 -13.22
N ILE A 282 23.29 18.33 -12.94
CA ILE A 282 22.35 18.15 -11.86
C ILE A 282 22.63 16.83 -11.16
N THR A 283 22.67 16.86 -9.82
CA THR A 283 22.74 15.60 -9.03
C THR A 283 21.36 14.93 -8.91
N LEU A 284 21.32 13.59 -8.83
CA LEU A 284 20.07 12.87 -8.46
C LEU A 284 19.68 12.99 -7.00
N ASN A 285 20.64 12.86 -6.08
CA ASN A 285 20.43 13.31 -4.73
C ASN A 285 21.08 14.68 -4.58
N HIS A 286 21.65 14.98 -3.41
CA HIS A 286 22.38 16.23 -3.21
C HIS A 286 23.90 16.14 -3.50
N HIS A 287 24.42 15.01 -3.99
CA HIS A 287 25.86 14.79 -3.98
C HIS A 287 26.38 14.28 -5.35
N TRP A 288 27.64 14.61 -5.70
CA TRP A 288 28.21 14.19 -6.96
C TRP A 288 28.74 12.78 -6.75
N GLY A 289 29.78 12.69 -5.93
CA GLY A 289 30.25 11.40 -5.45
C GLY A 289 29.19 10.76 -4.55
N TYR A 290 29.33 9.46 -4.37
CA TYR A 290 28.48 8.63 -3.55
C TYR A 290 28.46 9.14 -2.12
N HIS A 291 27.25 9.36 -1.62
CA HIS A 291 27.06 9.73 -0.20
C HIS A 291 26.26 8.63 0.46
N ALA A 292 26.91 7.92 1.35
CA ALA A 292 26.28 6.74 1.95
C ALA A 292 24.97 7.03 2.70
N HIS A 293 24.72 8.25 3.15
CA HIS A 293 23.52 8.54 3.91
C HIS A 293 22.59 9.53 3.19
N ASP A 294 22.79 9.78 1.91
CA ASP A 294 21.93 10.72 1.20
C ASP A 294 20.96 9.92 0.34
N ARG A 295 19.76 9.77 0.87
CA ARG A 295 18.68 9.13 0.17
C ARG A 295 17.60 10.14 -0.21
N ASP A 296 17.97 11.43 -0.26
CA ASP A 296 16.97 12.43 -0.61
C ASP A 296 17.01 12.67 -2.13
N TYR A 297 16.48 11.71 -2.87
CA TYR A 297 16.49 11.73 -4.33
C TYR A 297 15.34 12.51 -4.96
N LYS A 298 15.65 13.03 -6.14
CA LYS A 298 14.69 13.61 -6.98
C LYS A 298 13.82 12.43 -7.51
N THR A 299 12.58 12.72 -7.86
CA THR A 299 11.70 11.71 -8.36
C THR A 299 11.89 11.62 -9.88
N PRO A 300 11.39 10.55 -10.50
CA PRO A 300 11.45 10.48 -11.95
C PRO A 300 10.66 11.61 -12.61
N LYS A 301 9.61 12.04 -11.94
CA LYS A 301 8.75 13.14 -12.41
C LYS A 301 9.57 14.45 -12.52
N GLN A 302 10.38 14.69 -11.48
CA GLN A 302 11.21 15.87 -11.42
C GLN A 302 12.27 15.87 -12.52
N VAL A 303 12.92 14.72 -12.70
CA VAL A 303 13.92 14.60 -13.72
C VAL A 303 13.31 14.87 -15.10
N VAL A 304 12.16 14.27 -15.41
CA VAL A 304 11.47 14.44 -16.69
C VAL A 304 11.14 15.90 -16.87
N ARG A 305 10.66 16.55 -15.82
CA ARG A 305 10.30 17.97 -15.95
C ARG A 305 11.53 18.87 -16.00
N GLY A 306 12.63 18.47 -15.34
CA GLY A 306 13.85 19.24 -15.50
C GLY A 306 14.37 19.17 -16.95
N LEU A 307 14.35 17.99 -17.54
CA LEU A 307 14.88 17.86 -18.91
C LEU A 307 14.03 18.65 -19.87
N VAL A 308 12.71 18.56 -19.73
CA VAL A 308 11.76 19.28 -20.56
C VAL A 308 12.02 20.76 -20.42
N GLU A 309 12.20 21.21 -19.17
CA GLU A 309 12.50 22.61 -19.01
C GLU A 309 13.76 23.07 -19.80
N CYS A 310 14.88 22.39 -19.57
CA CYS A 310 16.08 22.64 -20.28
C CYS A 310 15.84 22.75 -21.80
N VAL A 311 15.16 21.78 -22.38
CA VAL A 311 14.96 21.75 -23.84
C VAL A 311 14.11 22.94 -24.27
N SER A 312 13.15 23.33 -23.41
CA SER A 312 12.24 24.44 -23.72
C SER A 312 13.04 25.76 -23.72
N LYS A 313 14.23 25.73 -23.10
CA LYS A 313 15.09 26.89 -23.06
C LYS A 313 16.41 26.72 -23.83
N ASN A 314 16.36 25.88 -24.88
CA ASN A 314 17.43 25.59 -25.80
C ASN A 314 18.64 24.88 -25.17
N GLY A 315 18.42 24.12 -24.11
CA GLY A 315 19.52 23.50 -23.36
C GLY A 315 19.42 22.01 -23.12
N ASN A 316 20.57 21.43 -22.71
CA ASN A 316 20.75 20.02 -22.36
C ASN A 316 20.70 19.84 -20.86
N MET A 317 20.51 18.58 -20.41
CA MET A 317 20.65 18.24 -18.99
C MET A 317 21.55 17.01 -18.84
N LEU A 318 22.48 17.09 -17.92
CA LEU A 318 23.46 16.07 -17.68
C LEU A 318 23.24 15.64 -16.24
N LEU A 319 22.65 14.48 -16.04
CA LEU A 319 22.24 14.10 -14.70
C LEU A 319 23.25 13.09 -14.10
N ASN A 320 23.66 13.34 -12.88
CA ASN A 320 24.77 12.60 -12.25
C ASN A 320 24.33 11.34 -11.53
N VAL A 321 25.19 10.32 -11.54
CA VAL A 321 25.10 9.17 -10.60
C VAL A 321 26.47 9.02 -9.95
N GLY A 322 26.49 8.68 -8.67
CA GLY A 322 27.69 8.49 -7.97
C GLY A 322 27.84 7.05 -7.49
N PRO A 323 28.53 6.16 -8.26
CA PRO A 323 28.65 4.79 -7.82
C PRO A 323 29.37 4.65 -6.48
N ASN A 324 29.00 3.61 -5.77
CA ASN A 324 29.53 3.33 -4.48
C ASN A 324 30.91 2.70 -4.69
N ALA A 325 31.59 2.40 -3.58
CA ALA A 325 32.94 1.91 -3.63
C ALA A 325 33.06 0.55 -4.31
N LYS A 326 31.94 -0.15 -4.50
CA LYS A 326 31.94 -1.46 -5.13
C LYS A 326 31.75 -1.37 -6.63
N GLY A 327 31.52 -0.17 -7.12
CA GLY A 327 31.29 -0.01 -8.54
C GLY A 327 29.83 -0.02 -8.93
N GLU A 328 28.92 0.11 -7.95
CA GLU A 328 27.45 -0.05 -8.27
C GLU A 328 26.76 1.28 -8.37
N ILE A 329 26.02 1.46 -9.44
CA ILE A 329 25.06 2.57 -9.45
C ILE A 329 24.04 2.22 -8.37
N PRO A 330 23.85 3.12 -7.42
CA PRO A 330 22.98 2.83 -6.29
C PRO A 330 21.55 2.51 -6.77
N GLN A 331 20.88 1.60 -6.09
CA GLN A 331 19.59 1.06 -6.57
C GLN A 331 18.54 2.17 -6.74
N LEU A 332 18.48 3.12 -5.79
CA LEU A 332 17.57 4.24 -5.88
C LEU A 332 17.83 5.08 -7.13
N SER A 333 19.11 5.19 -7.54
CA SER A 333 19.45 5.90 -8.75
C SER A 333 18.91 5.15 -9.97
N LEU A 334 19.15 3.84 -10.01
CA LEU A 334 18.61 2.91 -11.12
C LEU A 334 17.07 2.91 -11.16
N ASP A 335 16.43 3.02 -10.00
CA ASP A 335 14.95 3.06 -9.98
C ASP A 335 14.43 4.30 -10.70
N VAL A 336 15.02 5.44 -10.34
CA VAL A 336 14.69 6.70 -10.98
C VAL A 336 14.92 6.61 -12.50
N LEU A 337 16.12 6.15 -12.91
CA LEU A 337 16.47 6.10 -14.34
C LEU A 337 15.53 5.16 -15.12
N GLY A 338 15.08 4.07 -14.51
CA GLY A 338 14.20 3.09 -15.14
C GLY A 338 12.87 3.74 -15.50
N GLU A 339 12.31 4.48 -14.55
CA GLU A 339 11.04 5.18 -14.83
C GLU A 339 11.19 6.35 -15.79
N VAL A 340 12.34 7.06 -15.76
CA VAL A 340 12.55 8.15 -16.64
C VAL A 340 12.52 7.56 -18.06
N GLY A 341 13.19 6.42 -18.19
CA GLY A 341 13.31 5.75 -19.46
C GLY A 341 11.97 5.33 -20.00
N ALA A 342 11.08 4.80 -19.15
CA ALA A 342 9.73 4.44 -19.66
C ALA A 342 9.06 5.66 -20.30
N TRP A 343 9.22 6.81 -19.68
CA TRP A 343 8.67 8.07 -20.23
C TRP A 343 9.33 8.44 -21.55
N MET A 344 10.66 8.34 -21.60
CA MET A 344 11.41 8.69 -22.78
C MET A 344 11.07 7.81 -23.97
N ARG A 345 10.75 6.53 -23.73
CA ARG A 345 10.38 5.61 -24.80
C ARG A 345 9.11 6.11 -25.45
N ALA A 346 8.12 6.52 -24.66
CA ALA A 346 6.88 7.04 -25.21
C ALA A 346 7.04 8.44 -25.78
N ASN A 347 7.92 9.28 -25.23
CA ASN A 347 7.86 10.74 -25.48
C ASN A 347 9.14 11.40 -25.98
N GLY A 348 10.21 10.63 -26.25
CA GLY A 348 11.47 11.21 -26.67
C GLY A 348 11.43 12.06 -27.92
N ASP A 349 10.43 11.92 -28.79
CA ASP A 349 10.39 12.87 -29.91
C ASP A 349 10.31 14.32 -29.47
N SER A 350 9.80 14.61 -28.26
CA SER A 350 9.56 15.99 -27.82
C SER A 350 10.85 16.53 -27.19
N ILE A 351 11.90 15.68 -27.16
CA ILE A 351 13.15 16.03 -26.49
C ILE A 351 14.22 16.11 -27.56
N TYR A 352 14.51 14.92 -28.15
CA TYR A 352 15.60 14.78 -29.11
C TYR A 352 15.32 15.63 -30.34
N GLY A 353 16.31 16.47 -30.67
CA GLY A 353 16.24 17.32 -31.81
C GLY A 353 15.40 18.57 -31.61
N CYS A 354 14.94 18.84 -30.38
CA CYS A 354 14.01 19.93 -30.11
C CYS A 354 14.72 21.04 -29.40
N GLY A 355 14.03 22.18 -29.34
CA GLY A 355 14.45 23.32 -28.55
C GLY A 355 13.27 24.27 -28.33
N ALA A 356 13.56 25.56 -28.12
CA ALA A 356 12.52 26.51 -27.65
C ALA A 356 11.49 26.80 -28.72
N ALA A 357 10.25 27.02 -28.31
CA ALA A 357 9.25 27.61 -29.19
C ALA A 357 9.34 29.12 -29.01
N ALA A 358 8.94 29.90 -30.01
CA ALA A 358 8.91 31.35 -29.81
C ALA A 358 7.57 31.76 -29.20
N LEU A 359 7.29 31.21 -28.03
CA LEU A 359 6.04 31.47 -27.33
C LEU A 359 6.39 31.61 -25.87
N SER A 360 5.73 32.53 -25.18
CA SER A 360 5.81 32.53 -23.70
C SER A 360 5.43 31.16 -23.13
N LYS A 361 6.03 30.88 -21.98
CA LYS A 361 5.62 29.69 -21.25
C LYS A 361 4.14 29.82 -20.96
N PRO A 362 3.36 28.76 -21.26
CA PRO A 362 1.95 28.74 -20.96
C PRO A 362 1.71 28.25 -19.53
N GLU A 363 0.52 28.58 -19.06
CA GLU A 363 0.06 28.41 -17.69
C GLU A 363 0.15 26.97 -17.21
N TRP A 364 -0.09 26.06 -18.14
CA TRP A 364 -0.32 24.66 -17.93
C TRP A 364 0.92 23.80 -18.18
N GLY A 365 2.05 24.38 -18.55
CA GLY A 365 3.27 23.59 -18.77
C GLY A 365 4.28 24.31 -19.65
N ARG A 366 4.80 23.65 -20.69
CA ARG A 366 5.86 24.21 -21.48
C ARG A 366 5.85 23.70 -22.91
N TYR A 367 6.45 24.48 -23.81
CA TYR A 367 6.60 24.08 -25.20
C TYR A 367 8.04 23.67 -25.50
N THR A 368 8.21 22.68 -26.36
CA THR A 368 9.43 22.44 -27.05
C THR A 368 9.07 22.28 -28.52
N GLN A 369 10.03 22.43 -29.42
CA GLN A 369 9.65 22.52 -30.86
C GLN A 369 10.74 21.96 -31.76
N LYS A 370 10.30 21.50 -32.92
CA LYS A 370 11.14 20.90 -33.96
C LYS A 370 10.40 21.13 -35.30
N GLY A 371 10.89 22.06 -36.14
CA GLY A 371 10.27 22.33 -37.44
C GLY A 371 8.81 22.72 -37.24
N ASN A 372 7.89 22.01 -37.89
CA ASN A 372 6.44 22.28 -37.74
C ASN A 372 5.77 21.46 -36.60
N LYS A 373 6.55 20.71 -35.82
CA LYS A 373 6.03 20.04 -34.67
C LYS A 373 6.23 20.89 -33.39
N LEU A 374 5.12 21.39 -32.86
CA LEU A 374 5.11 22.05 -31.52
C LEU A 374 4.57 21.05 -30.51
N TYR A 375 5.38 20.75 -29.50
CA TYR A 375 5.06 19.83 -28.41
C TYR A 375 4.54 20.62 -27.21
N ALA A 376 3.26 20.44 -26.85
CA ALA A 376 2.70 21.00 -25.61
C ALA A 376 2.91 19.97 -24.46
N HIS A 377 3.62 20.37 -23.43
CA HIS A 377 4.01 19.53 -22.35
C HIS A 377 3.03 19.90 -21.24
N ILE A 378 2.00 19.08 -21.04
CA ILE A 378 1.02 19.39 -20.04
C ILE A 378 1.45 18.85 -18.70
N LEU A 379 1.79 19.78 -17.84
CA LEU A 379 2.30 19.52 -16.53
C LEU A 379 1.29 19.70 -15.41
N ASP A 380 0.19 20.42 -15.70
CA ASP A 380 -0.91 20.60 -14.77
C ASP A 380 -2.24 20.59 -15.55
N ARG A 381 -3.04 19.55 -15.34
CA ARG A 381 -4.32 19.37 -16.05
C ARG A 381 -5.30 20.54 -15.82
N GLY A 382 -5.19 21.23 -14.67
CA GLY A 382 -6.11 22.26 -14.34
C GLY A 382 -7.51 21.69 -14.28
N ILE A 383 -8.50 22.51 -14.62
CA ILE A 383 -9.87 22.09 -14.66
C ILE A 383 -10.44 22.59 -15.96
N GLY A 384 -11.19 21.75 -16.64
CA GLY A 384 -11.74 22.16 -17.91
C GLY A 384 -10.73 22.01 -19.04
N PRO A 385 -11.09 22.52 -20.24
CA PRO A 385 -10.21 22.46 -21.39
C PRO A 385 -8.99 23.29 -21.14
N ILE A 386 -7.87 22.83 -21.68
CA ILE A 386 -6.58 23.48 -21.62
C ILE A 386 -6.51 24.56 -22.69
N ALA A 387 -6.15 25.75 -22.27
CA ALA A 387 -6.25 26.93 -23.11
C ALA A 387 -4.87 27.21 -23.67
N LEU A 388 -4.72 27.16 -24.99
CA LEU A 388 -3.44 27.51 -25.62
C LEU A 388 -3.50 28.86 -26.37
N GLN A 389 -2.82 29.85 -25.81
CA GLN A 389 -2.84 31.20 -26.31
C GLN A 389 -2.17 31.36 -27.66
N GLY A 390 -2.83 32.13 -28.53
CA GLY A 390 -2.26 32.52 -29.84
C GLY A 390 -2.23 31.43 -30.91
N LEU A 391 -2.83 30.25 -30.65
CA LEU A 391 -2.70 29.12 -31.60
C LEU A 391 -4.04 28.77 -32.30
N ASN A 392 -5.14 29.44 -32.01
CA ASN A 392 -6.36 29.21 -32.81
C ASN A 392 -6.03 29.43 -34.30
N GLY A 393 -6.54 28.53 -35.14
CA GLY A 393 -6.31 28.60 -36.56
C GLY A 393 -4.89 28.27 -36.95
N ARG A 394 -3.99 28.02 -35.99
CA ARG A 394 -2.57 27.81 -36.35
C ARG A 394 -2.14 26.35 -36.24
N VAL A 395 -3.07 25.49 -35.85
CA VAL A 395 -2.80 24.11 -35.62
C VAL A 395 -3.66 23.30 -36.55
N LYS A 396 -3.03 22.35 -37.24
CA LYS A 396 -3.63 21.50 -38.25
C LYS A 396 -4.10 20.15 -37.64
N GLU A 397 -3.24 19.45 -36.88
CA GLU A 397 -3.54 18.16 -36.26
C GLU A 397 -3.05 18.24 -34.80
N ALA A 398 -3.67 17.46 -33.91
CA ALA A 398 -3.15 17.29 -32.55
C ALA A 398 -3.23 15.83 -32.15
N ARG A 399 -2.13 15.29 -31.60
CA ARG A 399 -2.05 13.87 -31.25
CA ARG A 399 -2.05 13.86 -31.24
C ARG A 399 -1.26 13.61 -29.92
N LEU A 400 -1.82 12.73 -29.09
CA LEU A 400 -1.09 12.39 -27.89
C LEU A 400 0.20 11.70 -28.35
N LEU A 401 1.34 12.21 -27.94
CA LEU A 401 2.61 11.69 -28.43
C LEU A 401 2.83 10.25 -28.00
N ALA A 402 2.44 9.92 -26.78
CA ALA A 402 2.75 8.58 -26.19
C ALA A 402 2.05 7.45 -26.95
N ASP A 403 0.78 7.64 -27.40
CA ASP A 403 0.10 6.57 -28.12
C ASP A 403 -0.33 6.88 -29.57
N GLY A 404 -0.01 8.04 -30.11
CA GLY A 404 -0.49 8.41 -31.48
C GLY A 404 -1.96 8.83 -31.54
N ALA A 405 -2.62 9.04 -30.39
CA ALA A 405 -4.10 9.18 -30.41
C ALA A 405 -4.48 10.62 -30.71
N GLU A 406 -5.56 10.77 -31.46
CA GLU A 406 -6.05 12.07 -31.81
C GLU A 406 -6.60 12.81 -30.58
N VAL A 407 -6.27 14.09 -30.48
CA VAL A 407 -6.85 14.98 -29.47
C VAL A 407 -7.83 15.97 -30.11
N ASN A 408 -8.95 16.23 -29.42
CA ASN A 408 -9.99 17.12 -29.95
C ASN A 408 -9.59 18.54 -29.58
N ILE A 409 -9.34 19.35 -30.60
CA ILE A 409 -8.96 20.79 -30.45
C ILE A 409 -10.08 21.73 -30.94
N GLN A 410 -11.33 21.29 -30.88
CA GLN A 410 -12.48 22.16 -31.09
C GLN A 410 -12.85 22.94 -29.82
N THR A 411 -13.15 24.21 -30.02
CA THR A 411 -13.65 25.07 -28.98
C THR A 411 -14.93 24.47 -28.40
N PRO A 412 -14.91 24.00 -27.13
CA PRO A 412 -16.13 23.55 -26.50
C PRO A 412 -17.10 24.74 -26.23
N TRP A 413 -18.39 24.41 -26.11
CA TRP A 413 -19.52 25.34 -25.87
C TRP A 413 -19.18 26.38 -24.76
N ASN A 414 -18.49 25.98 -23.68
CA ASN A 414 -18.32 26.84 -22.49
C ASN A 414 -17.09 27.78 -22.63
N ALA A 415 -16.45 27.72 -23.82
CA ALA A 415 -15.20 28.46 -24.08
C ALA A 415 -15.30 29.45 -25.27
N VAL A 416 -16.50 29.68 -25.79
CA VAL A 416 -16.62 30.53 -27.01
C VAL A 416 -16.26 32.01 -26.79
N ASP A 417 -16.28 32.48 -25.54
CA ASP A 417 -15.87 33.84 -25.22
C ASP A 417 -14.34 34.07 -25.34
N TYR A 418 -13.57 33.03 -25.69
CA TYR A 418 -12.09 33.19 -25.72
C TYR A 418 -11.54 32.83 -27.11
N PRO A 419 -11.84 33.62 -28.18
CA PRO A 419 -11.51 33.22 -29.56
C PRO A 419 -10.02 33.24 -29.91
N ASP A 420 -9.22 34.02 -29.20
CA ASP A 420 -7.74 34.04 -29.34
C ASP A 420 -7.00 32.85 -28.66
N TYR A 421 -7.73 31.84 -28.18
CA TYR A 421 -7.15 30.61 -27.62
C TYR A 421 -7.54 29.37 -28.47
N LEU A 422 -6.62 28.40 -28.49
CA LEU A 422 -6.92 27.03 -28.97
C LEU A 422 -7.21 26.21 -27.73
N PHE A 423 -8.24 25.37 -27.79
CA PHE A 423 -8.61 24.57 -26.62
C PHE A 423 -8.36 23.11 -26.89
N VAL A 424 -7.65 22.48 -25.96
CA VAL A 424 -7.47 21.04 -25.92
C VAL A 424 -8.43 20.49 -24.90
N ASN A 425 -9.30 19.57 -25.37
CA ASN A 425 -10.29 18.89 -24.57
C ASN A 425 -9.79 17.52 -24.10
N ILE A 426 -9.71 17.33 -22.79
CA ILE A 426 -9.29 16.06 -22.18
C ILE A 426 -10.52 15.51 -21.49
N PRO A 427 -11.05 14.35 -21.92
CA PRO A 427 -12.31 13.87 -21.35
C PRO A 427 -12.21 13.19 -19.97
N THR A 428 -11.03 13.13 -19.36
CA THR A 428 -10.92 12.46 -18.10
C THR A 428 -10.49 13.52 -17.11
N ALA A 429 -10.78 13.30 -15.84
CA ALA A 429 -10.43 14.26 -14.79
C ALA A 429 -8.92 14.34 -14.57
N GLN A 430 -8.19 13.25 -14.78
CA GLN A 430 -6.72 13.30 -14.71
C GLN A 430 -6.06 13.03 -16.08
N LEU A 431 -4.85 13.53 -16.20
CA LEU A 431 -4.04 13.29 -17.37
C LEU A 431 -3.74 11.81 -17.44
N PRO A 432 -3.57 11.31 -18.66
CA PRO A 432 -2.98 10.01 -18.86
C PRO A 432 -1.60 9.88 -18.22
N ASP A 433 -0.79 10.94 -18.18
CA ASP A 433 0.57 10.81 -17.64
C ASP A 433 0.86 11.97 -16.68
N ASP A 434 0.95 11.62 -15.38
CA ASP A 434 1.16 12.58 -14.30
C ASP A 434 2.57 13.22 -14.37
N PHE A 435 3.59 12.50 -14.94
CA PHE A 435 4.92 13.09 -15.17
C PHE A 435 4.76 14.31 -16.07
N ASN A 436 3.98 14.13 -17.15
CA ASN A 436 4.00 15.04 -18.31
C ASN A 436 3.25 14.37 -19.48
N THR A 437 2.07 14.90 -19.79
CA THR A 437 1.32 14.38 -20.91
C THR A 437 1.67 15.29 -22.07
N VAL A 438 2.28 14.72 -23.12
CA VAL A 438 2.70 15.52 -24.25
C VAL A 438 1.75 15.46 -25.42
N ILE A 439 1.51 16.60 -26.07
CA ILE A 439 0.63 16.70 -27.19
C ILE A 439 1.43 17.22 -28.36
N GLU A 440 1.46 16.44 -29.45
CA GLU A 440 2.15 16.84 -30.62
C GLU A 440 1.19 17.67 -31.47
N LEU A 441 1.45 18.97 -31.57
CA LEU A 441 0.67 19.88 -32.45
C LEU A 441 1.40 20.05 -33.80
N THR A 442 0.72 19.70 -34.89
CA THR A 442 1.33 19.93 -36.21
C THR A 442 0.93 21.30 -36.62
N LEU A 443 1.89 22.19 -36.79
CA LEU A 443 1.59 23.60 -37.17
C LEU A 443 1.28 23.73 -38.65
N GLU A 444 0.38 24.65 -38.99
CA GLU A 444 0.11 25.08 -40.39
C GLU A 444 1.32 25.74 -41.08
N ASP A 445 1.44 25.44 -42.40
CA ASP A 445 2.25 26.15 -43.48
C ASP A 445 2.91 25.13 -44.41
N THR B 25 -21.99 52.31 -4.66
CA THR B 25 -21.52 52.02 -3.25
C THR B 25 -22.29 50.82 -2.71
N ALA B 26 -23.63 50.86 -2.85
CA ALA B 26 -24.49 49.70 -2.45
C ALA B 26 -24.01 48.42 -3.18
N ARG B 27 -23.74 48.54 -4.49
CA ARG B 27 -23.24 47.45 -5.32
C ARG B 27 -21.94 46.93 -4.69
N GLU B 28 -21.04 47.85 -4.35
CA GLU B 28 -19.71 47.50 -3.86
C GLU B 28 -19.82 46.89 -2.45
N GLN B 29 -20.82 47.30 -1.69
CA GLN B 29 -20.92 46.99 -0.30
C GLN B 29 -21.42 45.56 -0.12
N ARG B 30 -22.45 45.18 -0.88
CA ARG B 30 -23.08 43.88 -0.72
C ARG B 30 -22.19 42.74 -1.26
N ILE B 31 -21.25 43.02 -2.19
CA ILE B 31 -20.36 42.04 -2.77
C ILE B 31 -19.09 41.82 -1.92
N GLN B 32 -18.83 42.62 -0.90
CA GLN B 32 -17.56 42.47 -0.14
C GLN B 32 -17.37 41.05 0.43
N TRP B 33 -18.37 40.51 1.11
CA TRP B 33 -18.22 39.21 1.78
C TRP B 33 -17.82 38.15 0.69
N PHE B 34 -18.35 38.32 -0.52
CA PHE B 34 -18.32 37.33 -1.56
C PHE B 34 -16.93 37.24 -2.07
N ASN B 35 -16.39 38.40 -2.41
CA ASN B 35 -14.95 38.57 -2.83
C ASN B 35 -13.96 38.08 -1.76
N HIS B 36 -14.28 38.35 -0.51
CA HIS B 36 -13.48 37.91 0.63
C HIS B 36 -13.49 36.39 0.78
N ASP B 37 -14.69 35.77 0.71
CA ASP B 37 -14.90 34.39 1.06
C ASP B 37 -14.37 33.39 -0.01
N ARG B 38 -14.48 33.74 -1.29
CA ARG B 38 -13.78 32.98 -2.37
C ARG B 38 -14.28 31.56 -2.70
N PHE B 39 -14.64 30.76 -1.71
CA PHE B 39 -14.89 29.33 -1.88
C PHE B 39 -16.26 28.91 -1.38
N GLY B 40 -17.05 28.34 -2.28
CA GLY B 40 -18.43 27.84 -1.98
C GLY B 40 -18.75 26.41 -2.42
N MET B 41 -19.84 25.90 -1.85
CA MET B 41 -20.41 24.64 -2.24
C MET B 41 -21.65 24.85 -3.12
N PHE B 42 -21.60 24.24 -4.31
CA PHE B 42 -22.81 24.08 -5.12
C PHE B 42 -23.49 22.75 -4.77
N ILE B 43 -24.82 22.73 -4.71
CA ILE B 43 -25.53 21.51 -4.40
C ILE B 43 -26.67 21.30 -5.36
N HIS B 44 -26.57 20.26 -6.16
CA HIS B 44 -27.65 19.87 -7.14
C HIS B 44 -28.34 18.60 -6.67
N TRP B 45 -29.62 18.73 -6.33
CA TRP B 45 -30.41 17.68 -5.80
C TRP B 45 -31.88 17.86 -6.17
N GLY B 46 -32.47 16.72 -6.46
CA GLY B 46 -33.80 16.65 -7.01
C GLY B 46 -34.20 15.26 -7.42
N LEU B 47 -35.37 15.18 -8.05
CA LEU B 47 -35.91 13.89 -8.50
C LEU B 47 -34.90 13.25 -9.45
N TYR B 48 -34.16 14.07 -10.19
CA TYR B 48 -33.18 13.57 -11.15
C TYR B 48 -32.16 12.60 -10.50
N ALA B 49 -31.95 12.73 -9.18
CA ALA B 49 -31.02 11.83 -8.45
C ALA B 49 -31.47 10.36 -8.52
N ILE B 50 -32.78 10.12 -8.75
CA ILE B 50 -33.25 8.74 -8.89
C ILE B 50 -32.83 8.17 -10.25
N PRO B 51 -33.12 8.82 -11.38
CA PRO B 51 -32.62 8.24 -12.62
C PRO B 51 -31.09 8.26 -12.69
N ALA B 52 -30.49 9.18 -11.92
CA ALA B 52 -29.07 9.20 -11.57
C ALA B 52 -28.20 9.19 -12.83
N ARG B 53 -28.60 10.00 -13.81
CA ARG B 53 -27.82 10.14 -15.04
C ARG B 53 -27.73 11.61 -15.52
N GLY B 54 -28.08 12.56 -14.64
CA GLY B 54 -27.97 13.94 -15.01
C GLY B 54 -29.34 14.58 -14.85
N GLU B 55 -29.30 15.85 -14.43
CA GLU B 55 -30.42 16.73 -14.28
C GLU B 55 -31.12 17.05 -15.60
N TRP B 56 -30.52 16.74 -16.75
CA TRP B 56 -31.12 17.05 -18.04
C TRP B 56 -31.87 15.87 -18.67
N VAL B 57 -32.08 14.84 -17.86
CA VAL B 57 -32.54 13.59 -18.35
C VAL B 57 -33.93 13.70 -18.98
N ARG B 58 -34.84 14.49 -18.40
CA ARG B 58 -36.13 14.73 -19.08
C ARG B 58 -35.92 15.25 -20.51
N SER B 59 -34.95 16.13 -20.69
CA SER B 59 -34.66 16.71 -21.99
C SER B 59 -33.95 15.76 -22.94
N PHE B 60 -32.84 15.15 -22.55
CA PHE B 60 -32.18 14.28 -23.54
C PHE B 60 -32.93 12.96 -23.78
N GLU B 61 -33.82 12.51 -22.88
CA GLU B 61 -34.58 11.31 -23.16
C GLU B 61 -36.02 11.68 -23.55
N ARG B 62 -36.32 12.97 -23.74
CA ARG B 62 -37.69 13.42 -24.03
C ARG B 62 -38.75 12.70 -23.20
N ILE B 63 -38.67 12.88 -21.88
CA ILE B 63 -39.48 12.16 -20.96
C ILE B 63 -40.62 13.08 -20.61
N PRO B 64 -41.87 12.66 -20.88
CA PRO B 64 -42.99 13.51 -20.56
C PRO B 64 -43.25 13.40 -19.05
N VAL B 65 -44.11 14.30 -18.57
CA VAL B 65 -44.31 14.53 -17.14
C VAL B 65 -44.88 13.28 -16.43
N GLU B 66 -45.78 12.57 -17.12
CA GLU B 66 -46.47 11.37 -16.59
C GLU B 66 -45.42 10.30 -16.31
N ASP B 67 -44.49 10.09 -17.22
CA ASP B 67 -43.39 9.18 -17.03
C ASP B 67 -42.36 9.59 -15.95
N TYR B 68 -42.22 10.88 -15.62
CA TYR B 68 -41.30 11.28 -14.54
C TYR B 68 -41.94 11.10 -13.17
N GLU B 69 -43.23 10.80 -13.20
CA GLU B 69 -44.02 10.80 -11.97
C GLU B 69 -43.55 9.67 -11.02
N LYS B 70 -43.04 8.57 -11.59
CA LYS B 70 -42.59 7.50 -10.74
C LYS B 70 -41.46 7.99 -9.84
N TYR B 71 -40.68 8.98 -10.29
CA TYR B 71 -39.64 9.53 -9.42
C TYR B 71 -40.21 10.43 -8.33
N PHE B 72 -41.15 11.30 -8.73
CA PHE B 72 -41.92 12.06 -7.75
C PHE B 72 -42.47 11.16 -6.64
N ASN B 73 -43.12 10.05 -7.04
CA ASN B 73 -43.83 9.19 -6.07
C ASN B 73 -42.87 8.32 -5.27
N SER B 74 -41.63 8.09 -5.73
CA SER B 74 -40.70 7.31 -4.93
C SER B 74 -39.60 8.09 -4.21
N PHE B 75 -39.64 9.43 -4.24
CA PHE B 75 -38.55 10.23 -3.69
C PHE B 75 -38.71 10.27 -2.17
N ASN B 76 -37.81 9.57 -1.48
CA ASN B 76 -37.88 9.41 -0.01
C ASN B 76 -36.47 9.56 0.57
N PRO B 77 -35.94 10.78 0.74
CA PRO B 77 -34.54 10.93 1.19
C PRO B 77 -34.37 10.60 2.68
N VAL B 78 -34.31 9.33 2.99
CA VAL B 78 -34.29 8.87 4.34
C VAL B 78 -32.98 9.18 5.05
N ASN B 79 -31.90 9.47 4.35
CA ASN B 79 -30.59 9.77 5.01
C ASN B 79 -30.19 11.20 4.76
N TYR B 80 -31.17 12.09 4.56
CA TYR B 80 -30.89 13.45 4.26
C TYR B 80 -30.56 14.12 5.56
N ASP B 81 -29.32 14.62 5.69
CA ASP B 81 -28.87 15.30 6.90
C ASP B 81 -28.04 16.53 6.51
N PRO B 82 -28.70 17.68 6.38
CA PRO B 82 -27.99 18.79 5.83
C PRO B 82 -27.07 19.41 6.86
N LYS B 83 -27.17 19.00 8.10
CA LYS B 83 -26.23 19.48 9.12
C LYS B 83 -24.90 18.77 8.84
N ALA B 84 -24.98 17.53 8.44
CA ALA B 84 -23.77 16.79 8.07
C ALA B 84 -23.20 17.36 6.76
N TRP B 85 -24.08 17.82 5.86
CA TRP B 85 -23.59 18.49 4.64
C TRP B 85 -22.84 19.78 4.99
N ALA B 86 -23.42 20.55 5.91
CA ALA B 86 -22.84 21.81 6.27
C ALA B 86 -21.53 21.63 7.05
N LYS B 87 -21.42 20.63 7.89
CA LYS B 87 -20.20 20.40 8.61
C LYS B 87 -19.13 20.01 7.61
N ALA B 88 -19.52 19.22 6.62
CA ALA B 88 -18.55 18.84 5.59
C ALA B 88 -18.04 20.06 4.83
N ALA B 89 -18.94 20.98 4.47
CA ALA B 89 -18.57 22.16 3.68
C ALA B 89 -17.64 23.06 4.48
N LYS B 90 -18.01 23.30 5.74
CA LYS B 90 -17.25 24.13 6.66
C LYS B 90 -15.84 23.59 6.92
N ALA B 91 -15.76 22.30 7.16
CA ALA B 91 -14.49 21.61 7.37
C ALA B 91 -13.66 21.67 6.08
N ALA B 92 -14.32 21.75 4.92
CA ALA B 92 -13.59 21.90 3.64
C ALA B 92 -12.99 23.32 3.44
N GLY B 93 -13.38 24.27 4.26
CA GLY B 93 -12.99 25.63 4.10
C GLY B 93 -13.97 26.41 3.24
N MET B 94 -15.14 25.87 3.00
CA MET B 94 -16.11 26.62 2.20
C MET B 94 -16.86 27.58 3.10
N LYS B 95 -17.22 28.73 2.56
CA LYS B 95 -17.85 29.83 3.30
C LYS B 95 -19.29 30.14 2.90
N TYR B 96 -19.78 29.53 1.83
CA TYR B 96 -21.17 29.79 1.40
C TYR B 96 -21.57 28.59 0.59
N ALA B 97 -22.89 28.44 0.40
CA ALA B 97 -23.44 27.35 -0.41
C ALA B 97 -24.52 27.89 -1.31
N VAL B 98 -24.83 27.12 -2.34
CA VAL B 98 -25.95 27.44 -3.20
C VAL B 98 -26.67 26.14 -3.53
N MET B 99 -27.95 26.02 -3.19
CA MET B 99 -28.62 24.78 -3.40
C MET B 99 -29.80 24.95 -4.32
N THR B 100 -29.98 23.99 -5.21
CA THR B 100 -31.12 23.97 -6.12
C THR B 100 -32.48 23.90 -5.40
N THR B 101 -33.24 25.03 -5.46
CA THR B 101 -34.66 25.05 -4.92
C THR B 101 -35.63 24.46 -5.96
N LYS B 102 -35.26 24.56 -7.22
CA LYS B 102 -36.07 24.12 -8.33
C LYS B 102 -35.18 24.14 -9.56
N HIS B 103 -35.00 23.00 -10.19
CA HIS B 103 -34.16 22.87 -11.38
C HIS B 103 -35.08 22.85 -12.61
N HIS B 104 -34.56 22.49 -13.78
CA HIS B 104 -35.24 22.74 -15.04
C HIS B 104 -36.51 21.86 -15.11
N ASP B 105 -36.50 20.72 -14.38
CA ASP B 105 -37.64 19.82 -14.24
C ASP B 105 -38.87 20.43 -13.50
N GLY B 106 -38.73 21.55 -12.82
CA GLY B 106 -39.90 22.27 -12.22
C GLY B 106 -40.22 21.80 -10.82
N PHE B 107 -39.57 20.71 -10.40
CA PHE B 107 -39.84 20.17 -9.06
C PHE B 107 -39.28 21.13 -7.98
N CYS B 108 -40.13 21.64 -7.07
CA CYS B 108 -39.68 22.51 -6.01
C CYS B 108 -39.30 21.69 -4.79
N LEU B 109 -38.08 21.85 -4.32
CA LEU B 109 -37.72 21.21 -3.08
C LEU B 109 -38.26 21.97 -1.86
N PHE B 110 -38.84 23.14 -2.11
CA PHE B 110 -39.33 24.01 -0.99
C PHE B 110 -40.86 23.96 -0.98
N ASP B 111 -41.46 24.40 0.13
CA ASP B 111 -42.90 24.29 0.34
C ASP B 111 -43.61 25.50 -0.30
N SER B 112 -43.73 25.49 -1.65
CA SER B 112 -44.38 26.59 -2.35
C SER B 112 -45.90 26.52 -2.17
N ALA B 113 -46.51 27.68 -1.98
CA ALA B 113 -47.94 27.78 -1.93
C ALA B 113 -48.50 27.90 -3.36
N LEU B 114 -47.63 27.78 -4.38
CA LEU B 114 -48.10 28.02 -5.77
C LEU B 114 -48.19 26.76 -6.64
N THR B 115 -47.61 25.66 -6.19
CA THR B 115 -47.65 24.40 -6.91
C THR B 115 -47.87 23.23 -5.92
N ASP B 116 -48.32 22.11 -6.49
CA ASP B 116 -48.35 20.84 -5.80
C ASP B 116 -47.08 19.99 -6.10
N TYR B 117 -46.31 20.36 -7.13
CA TYR B 117 -45.15 19.62 -7.61
C TYR B 117 -43.93 19.98 -6.73
N LYS B 118 -43.92 19.53 -5.48
CA LYS B 118 -42.97 19.94 -4.48
C LYS B 118 -42.74 18.80 -3.47
N ALA B 119 -41.68 18.95 -2.71
CA ALA B 119 -41.22 17.82 -1.91
C ALA B 119 -42.23 17.45 -0.85
N THR B 120 -43.02 18.40 -0.34
CA THR B 120 -43.98 18.10 0.73
C THR B 120 -45.08 17.10 0.28
N ASN B 121 -45.31 16.97 -1.03
CA ASN B 121 -46.26 16.04 -1.59
C ASN B 121 -45.58 14.78 -2.05
N THR B 122 -44.27 14.63 -1.82
CA THR B 122 -43.62 13.33 -2.09
C THR B 122 -43.57 12.56 -0.80
N PRO B 123 -43.10 11.30 -0.82
CA PRO B 123 -42.83 10.68 0.47
C PRO B 123 -41.84 11.41 1.37
N ALA B 124 -41.03 12.32 0.85
CA ALA B 124 -40.19 13.17 1.75
C ALA B 124 -41.06 13.90 2.83
N GLY B 125 -42.27 14.33 2.44
CA GLY B 125 -43.28 14.99 3.31
C GLY B 125 -42.78 16.20 4.07
N ARG B 126 -41.83 16.94 3.46
CA ARG B 126 -41.23 18.07 4.14
C ARG B 126 -40.53 19.02 3.18
N ASP B 127 -40.38 20.25 3.69
CA ASP B 127 -39.57 21.33 3.08
C ASP B 127 -38.06 21.01 3.26
N LEU B 128 -37.45 20.50 2.20
CA LEU B 128 -36.02 20.15 2.19
C LEU B 128 -35.13 21.37 2.18
N ILE B 129 -35.63 22.46 1.58
CA ILE B 129 -34.95 23.68 1.56
C ILE B 129 -34.91 24.36 2.92
N ARG B 130 -35.99 24.27 3.70
CA ARG B 130 -35.88 24.86 5.04
C ARG B 130 -34.77 24.16 5.85
N GLU B 131 -34.69 22.83 5.77
CA GLU B 131 -33.65 22.08 6.52
C GLU B 131 -32.23 22.52 6.09
N TYR B 132 -32.06 22.72 4.79
CA TYR B 132 -30.81 23.17 4.24
C TYR B 132 -30.47 24.56 4.76
N ALA B 133 -31.40 25.50 4.63
CA ALA B 133 -31.12 26.85 5.05
C ALA B 133 -30.78 26.92 6.54
N ASP B 134 -31.50 26.18 7.38
CA ASP B 134 -31.24 26.26 8.86
C ASP B 134 -29.89 25.62 9.20
N ALA B 135 -29.54 24.56 8.51
CA ALA B 135 -28.30 23.87 8.85
C ALA B 135 -27.07 24.70 8.48
N PHE B 136 -27.06 25.29 7.26
CA PHE B 136 -25.98 26.07 6.78
C PHE B 136 -25.84 27.38 7.54
N ARG B 137 -26.96 28.08 7.73
CA ARG B 137 -26.98 29.26 8.60
C ARG B 137 -26.35 28.90 9.95
N ALA B 138 -26.73 27.80 10.56
CA ALA B 138 -26.18 27.52 11.92
C ALA B 138 -24.68 27.21 11.91
N GLU B 139 -24.11 26.74 10.78
CA GLU B 139 -22.64 26.59 10.69
C GLU B 139 -21.89 27.91 10.35
N GLY B 140 -22.59 29.02 10.19
CA GLY B 140 -21.94 30.24 9.82
C GLY B 140 -21.74 30.36 8.31
N LEU B 141 -22.32 29.48 7.48
CA LEU B 141 -22.20 29.59 6.05
C LEU B 141 -23.28 30.52 5.49
N LYS B 142 -22.92 31.34 4.48
CA LYS B 142 -23.90 32.12 3.76
C LYS B 142 -24.76 31.16 2.92
N VAL B 143 -26.05 31.52 2.83
CA VAL B 143 -27.10 30.67 2.31
C VAL B 143 -27.50 31.18 0.94
N GLY B 144 -27.30 30.36 -0.07
CA GLY B 144 -27.63 30.67 -1.44
C GLY B 144 -28.69 29.72 -2.00
N PHE B 145 -29.57 30.26 -2.86
CA PHE B 145 -30.60 29.49 -3.50
C PHE B 145 -30.37 29.59 -5.01
N TYR B 146 -30.43 28.45 -5.70
CA TYR B 146 -30.44 28.38 -7.14
C TYR B 146 -31.92 28.24 -7.52
N TYR B 147 -32.39 28.90 -8.58
CA TYR B 147 -33.80 28.87 -9.02
C TYR B 147 -33.76 28.81 -10.57
N SER B 148 -34.24 27.72 -11.21
CA SER B 148 -34.28 27.61 -12.66
C SER B 148 -35.40 28.52 -13.22
N ILE B 149 -35.03 29.52 -13.99
CA ILE B 149 -36.08 30.29 -14.72
C ILE B 149 -36.69 29.41 -15.83
N ILE B 150 -35.94 28.40 -16.29
CA ILE B 150 -36.50 27.33 -17.14
C ILE B 150 -37.42 26.42 -16.30
N ASP B 151 -38.56 26.03 -16.88
CA ASP B 151 -39.44 25.14 -16.19
C ASP B 151 -40.12 24.20 -17.18
N TRP B 152 -39.69 22.92 -17.13
CA TRP B 152 -40.20 21.85 -18.04
C TRP B 152 -41.52 21.23 -17.55
N HIS B 153 -42.00 21.64 -16.37
CA HIS B 153 -43.25 21.17 -15.87
C HIS B 153 -44.39 22.20 -16.07
N HIS B 154 -44.13 23.49 -15.92
CA HIS B 154 -45.24 24.41 -15.88
C HIS B 154 -45.93 24.40 -17.27
N PRO B 155 -47.28 24.24 -17.33
CA PRO B 155 -47.91 24.11 -18.66
C PRO B 155 -47.85 25.39 -19.51
N ASP B 156 -47.56 26.57 -18.94
CA ASP B 156 -47.42 27.79 -19.82
C ASP B 156 -46.02 28.13 -20.34
N TYR B 157 -44.99 27.39 -19.92
CA TYR B 157 -43.64 27.56 -20.40
C TYR B 157 -43.54 27.04 -21.83
N PRO B 158 -42.91 27.74 -22.77
CA PRO B 158 -42.96 27.21 -24.16
C PRO B 158 -42.21 25.90 -24.35
N ALA B 159 -42.84 25.00 -25.10
CA ALA B 159 -42.42 23.64 -25.23
C ALA B 159 -42.14 23.25 -26.67
N TYR B 160 -43.13 23.27 -27.56
CA TYR B 160 -42.88 22.86 -28.94
C TYR B 160 -41.91 23.86 -29.60
N GLY B 161 -40.84 23.38 -30.21
CA GLY B 161 -39.81 24.29 -30.78
C GLY B 161 -38.81 24.89 -29.80
N ASP B 162 -38.92 24.68 -28.49
CA ASP B 162 -37.96 25.26 -27.55
C ASP B 162 -36.60 24.55 -27.74
N ARG B 163 -35.50 25.28 -27.53
CA ARG B 163 -34.14 24.71 -27.62
C ARG B 163 -34.00 23.40 -26.80
N GLN B 164 -34.63 23.27 -25.60
CA GLN B 164 -34.36 22.04 -24.81
C GLN B 164 -35.56 21.47 -24.04
N HIS B 165 -36.74 22.02 -24.23
CA HIS B 165 -37.90 21.42 -23.59
C HIS B 165 -37.94 19.92 -23.91
N PRO B 166 -38.24 19.06 -22.93
CA PRO B 166 -38.46 17.63 -23.20
C PRO B 166 -39.42 17.32 -24.36
N MET B 167 -40.49 18.12 -24.52
CA MET B 167 -41.48 17.91 -25.56
C MET B 167 -41.26 18.84 -26.75
N ARG B 168 -40.01 19.26 -26.97
CA ARG B 168 -39.69 20.18 -28.05
C ARG B 168 -40.02 19.60 -29.44
N ASP B 169 -40.00 18.29 -29.61
CA ASP B 169 -40.28 17.69 -30.93
C ASP B 169 -41.62 16.93 -30.94
N ASN B 170 -42.42 17.04 -29.88
CA ASN B 170 -43.72 16.39 -29.83
C ASN B 170 -44.77 17.33 -30.44
N ALA B 171 -45.37 16.91 -31.58
CA ALA B 171 -46.27 17.76 -32.38
C ALA B 171 -47.62 17.95 -31.69
N GLU B 172 -47.96 17.01 -30.81
CA GLU B 172 -49.10 17.11 -29.85
C GLU B 172 -49.05 18.38 -28.93
N PHE B 173 -47.93 19.13 -28.93
CA PHE B 173 -47.77 20.36 -28.16
C PHE B 173 -47.73 21.59 -29.06
N LYS B 174 -47.64 21.38 -30.38
CA LYS B 174 -47.64 22.48 -31.32
C LYS B 174 -48.95 23.25 -31.13
N ASP B 175 -48.88 24.58 -31.09
CA ASP B 175 -50.06 25.45 -30.97
C ASP B 175 -51.05 25.04 -29.85
N ARG B 176 -50.58 24.36 -28.80
CA ARG B 176 -51.39 24.17 -27.59
C ARG B 176 -51.54 25.56 -26.98
N PRO B 177 -52.71 25.92 -26.40
CA PRO B 177 -52.90 27.31 -25.98
C PRO B 177 -52.15 27.59 -24.66
N GLN B 178 -51.37 28.66 -24.62
CA GLN B 178 -50.50 28.93 -23.48
C GLN B 178 -50.55 30.40 -23.16
N ASP B 179 -50.44 30.75 -21.88
CA ASP B 179 -50.17 32.13 -21.52
C ASP B 179 -48.86 32.25 -20.69
N PHE B 180 -47.77 32.58 -21.39
CA PHE B 180 -46.50 32.79 -20.74
C PHE B 180 -46.57 33.74 -19.53
N ASN B 181 -47.46 34.71 -19.57
CA ASN B 181 -47.60 35.60 -18.45
C ASN B 181 -47.97 34.89 -17.14
N ARG B 182 -48.69 33.76 -17.21
CA ARG B 182 -49.00 33.03 -16.02
C ARG B 182 -47.73 32.38 -15.44
N TYR B 183 -46.85 31.83 -16.31
CA TYR B 183 -45.55 31.27 -15.90
C TYR B 183 -44.76 32.35 -15.20
N LEU B 184 -44.72 33.58 -15.77
CA LEU B 184 -43.94 34.62 -15.17
C LEU B 184 -44.47 34.99 -13.80
N ASP B 185 -45.80 35.02 -13.67
CA ASP B 185 -46.38 35.38 -12.39
C ASP B 185 -46.01 34.31 -11.36
N TYR B 186 -46.06 33.05 -11.80
CA TYR B 186 -45.69 31.91 -10.98
C TYR B 186 -44.24 32.04 -10.51
N MET B 187 -43.37 32.33 -11.46
CA MET B 187 -41.92 32.44 -11.25
C MET B 187 -41.59 33.63 -10.33
N HIS B 188 -42.23 34.78 -10.57
CA HIS B 188 -42.02 35.93 -9.72
C HIS B 188 -42.51 35.66 -8.32
N GLY B 189 -43.66 35.00 -8.20
CA GLY B 189 -44.16 34.56 -6.88
C GLY B 189 -43.27 33.59 -6.10
N GLN B 190 -42.68 32.63 -6.80
CA GLN B 190 -41.81 31.65 -6.14
C GLN B 190 -40.57 32.34 -5.60
N VAL B 191 -40.06 33.32 -6.33
CA VAL B 191 -38.87 34.08 -5.93
C VAL B 191 -39.23 34.88 -4.68
N LYS B 192 -40.43 35.48 -4.67
CA LYS B 192 -40.88 36.16 -3.53
C LYS B 192 -40.94 35.24 -2.32
N GLU B 193 -41.55 34.08 -2.48
CA GLU B 193 -41.58 33.12 -1.38
C GLU B 193 -40.16 32.82 -0.87
N LEU B 194 -39.25 32.48 -1.79
CA LEU B 194 -37.87 32.20 -1.39
C LEU B 194 -37.21 33.36 -0.60
N LEU B 195 -37.57 34.62 -0.92
CA LEU B 195 -36.93 35.76 -0.25
C LEU B 195 -37.70 36.25 0.97
N THR B 196 -38.86 35.65 1.27
CA THR B 196 -39.66 36.04 2.40
C THR B 196 -39.71 34.95 3.47
N ASN B 197 -39.70 33.67 3.10
CA ASN B 197 -40.04 32.61 4.09
C ASN B 197 -38.81 31.89 4.65
N TYR B 198 -37.57 32.29 4.35
CA TYR B 198 -36.41 31.49 4.68
C TYR B 198 -35.31 32.28 5.35
N GLY B 199 -35.65 33.43 5.89
CA GLY B 199 -34.65 34.29 6.47
C GLY B 199 -33.81 35.01 5.42
N THR B 200 -32.62 35.45 5.85
CA THR B 200 -31.70 36.17 5.00
C THR B 200 -31.03 35.22 3.98
N ILE B 201 -31.02 35.67 2.73
CA ILE B 201 -30.51 34.93 1.57
C ILE B 201 -29.40 35.77 0.95
N ASP B 202 -28.24 35.16 0.87
CA ASP B 202 -27.06 35.83 0.43
C ASP B 202 -26.91 35.80 -1.10
N VAL B 203 -27.47 34.81 -1.80
CA VAL B 203 -27.22 34.63 -3.24
C VAL B 203 -28.49 34.07 -3.89
N LEU B 204 -28.81 34.57 -5.08
CA LEU B 204 -29.83 34.05 -5.89
C LEU B 204 -29.17 33.73 -7.20
N TRP B 205 -29.16 32.48 -7.59
CA TRP B 205 -28.40 32.02 -8.70
C TRP B 205 -29.42 31.51 -9.68
N PHE B 206 -29.80 32.36 -10.63
CA PHE B 206 -30.75 32.06 -11.67
C PHE B 206 -30.06 31.34 -12.81
N ASP B 207 -30.85 30.60 -13.62
CA ASP B 207 -30.30 29.68 -14.62
C ASP B 207 -31.40 29.24 -15.59
N PHE B 208 -31.30 29.45 -16.91
CA PHE B 208 -30.43 30.38 -17.60
C PHE B 208 -31.18 31.03 -18.78
N SER B 209 -30.66 32.14 -19.27
CA SER B 209 -31.20 32.80 -20.47
C SER B 209 -30.55 32.27 -21.73
N TYR B 210 -31.35 32.23 -22.79
CA TYR B 210 -30.99 31.54 -24.06
C TYR B 210 -31.94 32.04 -25.14
N GLU B 211 -31.37 32.27 -26.32
CA GLU B 211 -32.03 32.84 -27.50
C GLU B 211 -32.93 34.00 -27.08
N ASP B 212 -34.23 33.91 -27.40
CA ASP B 212 -35.17 34.96 -27.06
C ASP B 212 -35.65 34.84 -25.60
N MET B 213 -35.21 33.81 -24.88
CA MET B 213 -35.66 33.64 -23.47
C MET B 213 -34.61 34.31 -22.61
N THR B 214 -34.67 35.63 -22.65
CA THR B 214 -33.67 36.47 -22.02
C THR B 214 -34.26 37.82 -21.62
N GLY B 215 -33.62 38.46 -20.65
CA GLY B 215 -33.92 39.83 -20.26
C GLY B 215 -35.36 40.09 -19.90
N GLU B 216 -35.97 41.01 -20.64
CA GLU B 216 -37.32 41.44 -20.39
C GLU B 216 -38.34 40.32 -20.62
N LYS B 217 -38.00 39.33 -21.44
CA LYS B 217 -38.84 38.18 -21.55
C LYS B 217 -39.19 37.63 -20.15
N TRP B 218 -38.32 37.77 -19.14
CA TRP B 218 -38.63 37.27 -17.78
C TRP B 218 -39.31 38.35 -16.94
N LYS B 219 -39.55 39.50 -17.55
CA LYS B 219 -39.75 40.75 -16.82
C LYS B 219 -38.63 40.91 -15.75
N ALA B 220 -37.40 40.80 -16.23
CA ALA B 220 -36.22 40.84 -15.40
C ALA B 220 -36.09 42.15 -14.63
N THR B 221 -36.44 43.26 -15.26
CA THR B 221 -36.34 44.53 -14.58
C THR B 221 -37.21 44.49 -13.33
N GLU B 222 -38.45 44.04 -13.53
CA GLU B 222 -39.40 43.94 -12.44
C GLU B 222 -38.96 42.90 -11.43
N LEU B 223 -38.46 41.75 -11.92
CA LEU B 223 -37.99 40.72 -11.03
C LEU B 223 -36.99 41.27 -10.03
N VAL B 224 -36.01 42.01 -10.56
CA VAL B 224 -34.89 42.52 -9.74
C VAL B 224 -35.35 43.66 -8.81
N LYS B 225 -36.34 44.46 -9.23
CA LYS B 225 -36.83 45.52 -8.37
C LYS B 225 -37.48 44.88 -7.16
N MET B 226 -38.36 43.92 -7.42
CA MET B 226 -38.98 43.17 -6.37
C MET B 226 -37.92 42.56 -5.42
N ILE B 227 -36.91 41.89 -6.00
CA ILE B 227 -35.87 41.24 -5.18
C ILE B 227 -35.21 42.23 -4.20
N ARG B 228 -34.88 43.45 -4.70
CA ARG B 228 -34.11 44.44 -3.90
C ARG B 228 -34.98 45.20 -2.91
N GLU B 229 -36.29 45.20 -3.09
CA GLU B 229 -37.23 45.63 -2.02
C GLU B 229 -37.32 44.56 -0.93
N LEU B 230 -37.19 43.29 -1.30
CA LEU B 230 -37.28 42.27 -0.27
C LEU B 230 -35.94 42.10 0.44
N GLN B 231 -34.89 41.79 -0.32
CA GLN B 231 -33.54 41.59 0.29
C GLN B 231 -32.47 42.37 -0.49
N PRO B 232 -32.28 43.67 -0.20
CA PRO B 232 -31.44 44.53 -1.02
C PRO B 232 -29.98 44.07 -1.12
N ASN B 233 -29.49 43.25 -0.17
CA ASN B 233 -28.11 42.78 -0.21
C ASN B 233 -27.91 41.48 -0.97
N VAL B 234 -28.96 40.88 -1.52
CA VAL B 234 -28.76 39.59 -2.12
C VAL B 234 -27.89 39.72 -3.39
N LEU B 235 -26.99 38.77 -3.65
CA LEU B 235 -26.18 38.74 -4.87
C LEU B 235 -26.87 37.89 -5.93
N ILE B 236 -26.92 38.39 -7.16
CA ILE B 236 -27.54 37.72 -8.27
C ILE B 236 -26.47 37.39 -9.30
N ASP B 237 -26.60 36.28 -10.00
CA ASP B 237 -25.60 35.94 -11.01
C ASP B 237 -25.92 36.68 -12.30
N ASN B 238 -25.30 36.32 -13.41
CA ASN B 238 -25.53 37.07 -14.62
C ASN B 238 -26.33 36.33 -15.67
N ARG B 239 -27.33 35.53 -15.25
CA ARG B 239 -28.01 34.65 -16.24
C ARG B 239 -29.43 35.08 -16.60
N LEU B 240 -29.88 36.23 -16.12
CA LEU B 240 -31.19 36.75 -16.51
C LEU B 240 -31.17 37.43 -17.88
N GLY B 241 -29.98 37.61 -18.47
CA GLY B 241 -29.73 38.41 -19.68
C GLY B 241 -28.89 39.65 -19.41
N GLY B 242 -28.79 40.50 -20.41
CA GLY B 242 -28.02 41.71 -20.29
C GLY B 242 -26.54 41.44 -20.33
N ASN B 243 -25.75 42.45 -19.93
CA ASN B 243 -24.30 42.38 -20.12
C ASN B 243 -23.57 43.02 -18.93
N ILE B 244 -23.07 42.14 -18.07
CA ILE B 244 -22.43 42.56 -16.87
C ILE B 244 -21.13 43.33 -17.18
N LYS B 245 -20.54 43.07 -18.38
CA LYS B 245 -19.34 43.81 -18.85
C LYS B 245 -19.61 45.26 -19.28
N ALA B 246 -20.86 45.69 -19.40
CA ALA B 246 -21.13 47.08 -19.83
C ALA B 246 -20.78 48.02 -18.67
N ARG B 247 -20.26 49.21 -18.97
CA ARG B 247 -20.04 50.23 -17.98
C ARG B 247 -21.36 50.61 -17.31
N GLU B 248 -22.45 50.63 -18.06
CA GLU B 248 -23.74 51.03 -17.52
C GLU B 248 -24.70 49.88 -17.74
N PRO B 249 -24.58 48.80 -16.96
CA PRO B 249 -25.36 47.63 -17.31
C PRO B 249 -26.84 47.79 -16.88
N GLU B 250 -27.69 46.97 -17.48
CA GLU B 250 -29.07 46.83 -17.08
C GLU B 250 -29.12 46.41 -15.62
N ILE B 251 -30.24 46.68 -14.98
CA ILE B 251 -30.40 46.41 -13.57
C ILE B 251 -30.40 44.89 -13.26
N TYR B 252 -30.73 44.04 -14.23
CA TYR B 252 -30.73 42.59 -13.98
C TYR B 252 -29.45 41.86 -14.47
N ALA B 253 -28.37 42.56 -14.77
CA ALA B 253 -27.22 41.94 -15.50
C ALA B 253 -26.32 41.19 -14.53
N GLY B 254 -26.40 41.51 -13.24
CA GLY B 254 -25.87 40.64 -12.24
C GLY B 254 -24.88 41.35 -11.39
N ASP B 255 -24.63 40.81 -10.17
CA ASP B 255 -23.56 41.30 -9.31
C ASP B 255 -22.24 40.57 -9.62
N PHE B 256 -22.32 39.34 -10.15
CA PHE B 256 -21.09 38.57 -10.48
C PHE B 256 -21.29 37.74 -11.71
N ALA B 257 -20.20 37.47 -12.40
CA ALA B 257 -20.27 36.56 -13.58
C ALA B 257 -20.01 35.08 -13.16
N SER B 258 -20.39 34.16 -14.05
CA SER B 258 -20.46 32.76 -13.75
C SER B 258 -19.90 31.86 -14.88
N PRO B 259 -18.61 31.98 -15.22
CA PRO B 259 -18.03 30.95 -16.08
C PRO B 259 -18.22 29.54 -15.47
N GLU B 260 -18.40 28.58 -16.39
CA GLU B 260 -18.82 27.24 -16.07
C GLU B 260 -17.85 26.21 -16.61
N GLN B 261 -17.42 25.31 -15.71
CA GLN B 261 -16.58 24.17 -16.06
C GLN B 261 -15.30 24.56 -16.78
N LEU B 262 -14.88 25.81 -16.64
CA LEU B 262 -13.53 26.20 -16.97
C LEU B 262 -13.08 27.30 -16.04
N LEU B 263 -11.76 27.52 -15.97
CA LEU B 263 -11.22 28.72 -15.29
C LEU B 263 -10.80 29.69 -16.38
N PRO B 264 -11.36 30.91 -16.39
CA PRO B 264 -10.99 31.89 -17.38
C PRO B 264 -9.45 32.03 -17.46
N PRO B 265 -8.90 32.31 -18.65
CA PRO B 265 -7.44 32.44 -18.76
C PRO B 265 -6.90 33.69 -18.05
N HIS B 266 -7.76 34.69 -17.95
CA HIS B 266 -7.53 35.98 -17.30
CA HIS B 266 -7.46 35.88 -17.14
C HIS B 266 -8.74 36.28 -16.40
N GLY B 267 -8.57 37.02 -15.31
CA GLY B 267 -9.74 37.50 -14.53
C GLY B 267 -10.79 38.17 -15.45
N ILE B 268 -12.07 38.10 -15.13
CA ILE B 268 -13.12 38.71 -15.93
C ILE B 268 -13.12 40.21 -15.61
N VAL B 269 -13.09 41.04 -16.65
CA VAL B 269 -13.07 42.51 -16.46
C VAL B 269 -14.18 43.11 -17.33
N ASN B 270 -14.63 44.30 -16.98
CA ASN B 270 -15.69 44.97 -17.75
C ASN B 270 -14.99 45.71 -18.90
N GLU B 271 -15.76 46.49 -19.64
CA GLU B 271 -15.27 47.14 -20.90
C GLU B 271 -14.21 48.24 -20.62
N ASP B 272 -14.16 48.80 -19.40
CA ASP B 272 -13.15 49.73 -19.00
C ASP B 272 -11.95 48.99 -18.41
N GLY B 273 -11.90 47.68 -18.55
CA GLY B 273 -10.91 46.88 -17.88
C GLY B 273 -11.01 46.83 -16.38
N LYS B 274 -12.15 47.21 -15.74
CA LYS B 274 -12.33 47.09 -14.22
C LYS B 274 -12.66 45.64 -13.79
N PRO B 275 -12.04 45.08 -12.73
CA PRO B 275 -12.36 43.71 -12.39
C PRO B 275 -13.81 43.54 -12.02
N LEU B 276 -14.44 42.53 -12.57
CA LEU B 276 -15.81 42.16 -12.15
C LEU B 276 -15.72 40.99 -11.17
N PRO B 277 -16.60 40.95 -10.16
CA PRO B 277 -16.72 39.72 -9.35
C PRO B 277 -17.17 38.56 -10.24
N TRP B 278 -16.54 37.40 -10.03
CA TRP B 278 -16.92 36.24 -10.76
C TRP B 278 -16.65 34.98 -9.95
N GLU B 279 -17.32 33.90 -10.34
CA GLU B 279 -17.19 32.66 -9.68
C GLU B 279 -17.32 31.53 -10.68
N ALA B 280 -16.25 30.74 -10.83
CA ALA B 280 -16.29 29.54 -11.66
C ALA B 280 -17.04 28.46 -10.94
N CYS B 281 -18.10 27.94 -11.62
CA CYS B 281 -18.85 26.77 -11.11
C CYS B 281 -18.29 25.51 -11.77
N ILE B 282 -17.96 24.55 -10.92
CA ILE B 282 -17.19 23.35 -11.25
C ILE B 282 -17.80 22.10 -10.60
N THR B 283 -17.94 21.02 -11.40
CA THR B 283 -18.37 19.75 -10.89
C THR B 283 -17.16 19.02 -10.27
N LEU B 284 -17.41 18.18 -9.25
CA LEU B 284 -16.42 17.36 -8.62
C LEU B 284 -16.05 16.18 -9.52
N ASN B 285 -17.07 15.46 -10.02
CA ASN B 285 -16.90 14.54 -11.10
C ASN B 285 -17.25 15.34 -12.35
N HIS B 286 -17.86 14.72 -13.35
CA HIS B 286 -18.32 15.39 -14.51
C HIS B 286 -19.78 15.81 -14.40
N HIS B 287 -20.48 15.61 -13.29
CA HIS B 287 -21.95 15.79 -13.38
C HIS B 287 -22.42 16.67 -12.25
N TRP B 288 -23.55 17.37 -12.48
CA TRP B 288 -24.14 18.24 -11.41
C TRP B 288 -25.00 17.42 -10.46
N GLY B 289 -26.07 16.81 -11.00
CA GLY B 289 -26.87 15.86 -10.26
C GLY B 289 -26.06 14.60 -10.08
N TYR B 290 -26.43 13.83 -9.05
CA TYR B 290 -25.87 12.52 -8.86
C TYR B 290 -25.93 11.66 -10.12
N HIS B 291 -24.78 11.08 -10.44
CA HIS B 291 -24.66 10.11 -11.53
C HIS B 291 -24.02 8.86 -10.98
N ALA B 292 -24.82 7.82 -10.92
CA ALA B 292 -24.55 6.58 -10.22
C ALA B 292 -23.32 5.82 -10.74
N HIS B 293 -22.87 6.10 -11.95
CA HIS B 293 -21.68 5.42 -12.44
C HIS B 293 -20.54 6.38 -12.80
N ASP B 294 -20.58 7.64 -12.39
CA ASP B 294 -19.50 8.57 -12.64
C ASP B 294 -18.66 8.67 -11.37
N ARG B 295 -17.51 8.01 -11.39
CA ARG B 295 -16.59 8.02 -10.27
C ARG B 295 -15.29 8.68 -10.68
N ASP B 296 -15.31 9.35 -11.83
CA ASP B 296 -14.16 10.03 -12.37
C ASP B 296 -14.00 11.39 -11.67
N TYR B 297 -13.64 11.33 -10.40
CA TYR B 297 -13.44 12.48 -9.53
C TYR B 297 -12.11 13.25 -9.73
N LYS B 298 -12.23 14.57 -9.63
CA LYS B 298 -11.11 15.47 -9.41
C LYS B 298 -10.41 15.10 -8.10
N THR B 299 -9.09 15.31 -8.03
CA THR B 299 -8.39 15.03 -6.77
C THR B 299 -8.41 16.28 -5.89
N PRO B 300 -8.12 16.14 -4.60
CA PRO B 300 -8.08 17.34 -3.76
C PRO B 300 -6.98 18.30 -4.22
N LYS B 301 -5.93 17.74 -4.77
CA LYS B 301 -4.87 18.52 -5.28
C LYS B 301 -5.36 19.46 -6.40
N GLN B 302 -6.17 18.96 -7.32
CA GLN B 302 -6.67 19.77 -8.45
C GLN B 302 -7.70 20.78 -7.94
N VAL B 303 -8.37 20.42 -6.84
CA VAL B 303 -9.42 21.29 -6.28
C VAL B 303 -8.76 22.50 -5.66
N VAL B 304 -7.76 22.25 -4.83
CA VAL B 304 -6.87 23.32 -4.27
C VAL B 304 -6.26 24.18 -5.39
N ARG B 305 -5.60 23.55 -6.35
CA ARG B 305 -4.99 24.32 -7.37
C ARG B 305 -6.02 25.15 -8.14
N GLY B 306 -7.22 24.66 -8.39
CA GLY B 306 -8.25 25.48 -9.11
C GLY B 306 -8.75 26.67 -8.28
N LEU B 307 -8.95 26.44 -6.98
CA LEU B 307 -9.28 27.55 -6.10
C LEU B 307 -8.19 28.60 -6.14
N VAL B 308 -6.93 28.16 -6.07
CA VAL B 308 -5.84 29.11 -6.03
C VAL B 308 -5.80 29.84 -7.40
N GLU B 309 -6.04 29.12 -8.49
CA GLU B 309 -6.04 29.73 -9.77
C GLU B 309 -7.16 30.81 -9.84
N CYS B 310 -8.33 30.51 -9.29
CA CYS B 310 -9.44 31.49 -9.35
C CYS B 310 -9.08 32.71 -8.55
N VAL B 311 -8.51 32.50 -7.38
CA VAL B 311 -8.19 33.68 -6.56
C VAL B 311 -7.08 34.54 -7.22
N SER B 312 -6.12 33.86 -7.86
CA SER B 312 -5.01 34.50 -8.47
C SER B 312 -5.47 35.39 -9.63
N LYS B 313 -6.71 35.20 -10.06
CA LYS B 313 -7.31 36.01 -11.10
C LYS B 313 -8.58 36.75 -10.58
N ASN B 314 -8.63 37.02 -9.25
CA ASN B 314 -9.69 37.86 -8.62
C ASN B 314 -11.09 37.22 -8.64
N GLY B 315 -11.15 35.88 -8.70
CA GLY B 315 -12.39 35.17 -8.71
C GLY B 315 -12.59 34.14 -7.62
N ASN B 316 -13.81 33.62 -7.61
CA ASN B 316 -14.31 32.63 -6.68
C ASN B 316 -14.48 31.30 -7.39
N MET B 317 -14.60 30.28 -6.55
CA MET B 317 -14.90 28.91 -7.03
C MET B 317 -16.02 28.32 -6.22
N LEU B 318 -16.98 27.82 -6.99
CA LEU B 318 -18.21 27.16 -6.51
C LEU B 318 -18.16 25.73 -6.95
N LEU B 319 -17.83 24.90 -5.96
CA LEU B 319 -17.58 23.44 -6.16
C LEU B 319 -18.81 22.63 -5.81
N ASN B 320 -19.25 21.85 -6.76
CA ASN B 320 -20.52 21.12 -6.71
C ASN B 320 -20.41 19.72 -6.09
N VAL B 321 -21.45 19.37 -5.30
CA VAL B 321 -21.81 18.03 -4.94
C VAL B 321 -23.22 17.73 -5.44
N GLY B 322 -23.37 16.48 -5.88
CA GLY B 322 -24.67 15.93 -6.30
C GLY B 322 -25.10 14.80 -5.40
N PRO B 323 -25.93 15.08 -4.36
CA PRO B 323 -26.30 14.01 -3.43
C PRO B 323 -27.19 12.93 -4.11
N ASN B 324 -27.08 11.69 -3.58
CA ASN B 324 -27.88 10.58 -4.08
C ASN B 324 -29.34 10.76 -3.60
N ALA B 325 -30.19 9.90 -4.13
CA ALA B 325 -31.62 9.95 -3.88
C ALA B 325 -31.96 9.71 -2.40
N LYS B 326 -31.03 9.07 -1.67
CA LYS B 326 -31.20 8.94 -0.25
C LYS B 326 -30.84 10.21 0.55
N GLY B 327 -30.25 11.19 -0.15
CA GLY B 327 -29.88 12.48 0.41
C GLY B 327 -28.47 12.48 1.00
N GLU B 328 -27.58 11.63 0.46
CA GLU B 328 -26.18 11.56 0.94
C GLU B 328 -25.21 12.23 -0.03
N ILE B 329 -24.29 13.04 0.47
CA ILE B 329 -23.16 13.41 -0.39
C ILE B 329 -22.38 12.09 -0.58
N PRO B 330 -22.07 11.69 -1.82
CA PRO B 330 -21.27 10.51 -2.02
C PRO B 330 -19.92 10.48 -1.31
N GLN B 331 -19.53 9.30 -0.87
CA GLN B 331 -18.36 9.12 -0.04
C GLN B 331 -17.14 9.71 -0.75
N LEU B 332 -16.98 9.43 -2.05
CA LEU B 332 -15.84 9.97 -2.81
C LEU B 332 -15.81 11.52 -2.80
N SER B 333 -16.97 12.15 -2.91
CA SER B 333 -17.07 13.59 -2.75
C SER B 333 -16.57 14.04 -1.36
N LEU B 334 -17.04 13.39 -0.31
CA LEU B 334 -16.62 13.78 1.06
C LEU B 334 -15.09 13.57 1.26
N ASP B 335 -14.55 12.48 0.73
CA ASP B 335 -13.09 12.18 0.85
C ASP B 335 -12.31 13.34 0.22
N VAL B 336 -12.72 13.81 -0.96
CA VAL B 336 -12.05 14.96 -1.55
C VAL B 336 -12.17 16.20 -0.65
N LEU B 337 -13.37 16.52 -0.20
CA LEU B 337 -13.54 17.71 0.62
C LEU B 337 -12.71 17.67 1.92
N GLY B 338 -12.61 16.52 2.56
CA GLY B 338 -11.85 16.39 3.81
C GLY B 338 -10.38 16.75 3.62
N GLU B 339 -9.79 16.39 2.48
CA GLU B 339 -8.37 16.69 2.23
C GLU B 339 -8.11 18.13 1.80
N VAL B 340 -9.06 18.66 1.02
CA VAL B 340 -9.02 20.05 0.68
C VAL B 340 -9.02 20.83 1.98
N GLY B 341 -9.88 20.40 2.87
CA GLY B 341 -10.09 21.10 4.14
C GLY B 341 -8.80 21.07 4.94
N ALA B 342 -8.05 19.97 4.87
CA ALA B 342 -6.77 19.88 5.65
C ALA B 342 -5.76 20.94 5.15
N TRP B 343 -5.68 21.07 3.82
CA TRP B 343 -4.89 22.09 3.20
C TRP B 343 -5.37 23.51 3.61
N MET B 344 -6.68 23.74 3.57
CA MET B 344 -7.21 25.07 3.90
C MET B 344 -6.97 25.44 5.37
N ARG B 345 -7.05 24.51 6.28
CA ARG B 345 -6.72 24.84 7.72
C ARG B 345 -5.34 25.46 7.84
N ALA B 346 -4.35 24.94 7.08
CA ALA B 346 -2.97 25.47 7.08
C ALA B 346 -2.75 26.74 6.23
N ASN B 347 -3.41 26.81 5.07
CA ASN B 347 -3.05 27.70 3.97
C ASN B 347 -4.12 28.76 3.60
N GLY B 348 -5.24 28.75 4.31
CA GLY B 348 -6.36 29.65 4.05
C GLY B 348 -6.09 31.13 3.95
N ASP B 349 -5.16 31.66 4.74
CA ASP B 349 -4.76 33.06 4.60
C ASP B 349 -4.43 33.53 3.19
N SER B 350 -3.90 32.65 2.34
CA SER B 350 -3.62 32.91 0.97
C SER B 350 -4.82 32.79 0.04
N ILE B 351 -5.98 32.45 0.58
CA ILE B 351 -7.23 32.40 -0.19
C ILE B 351 -8.18 33.49 0.29
N TYR B 352 -8.53 33.45 1.56
CA TYR B 352 -9.56 34.34 2.10
C TYR B 352 -9.07 35.79 2.09
N GLY B 353 -9.92 36.71 1.63
CA GLY B 353 -9.53 38.09 1.44
C GLY B 353 -8.45 38.36 0.38
N CYS B 354 -7.97 37.37 -0.40
CA CYS B 354 -6.92 37.57 -1.34
C CYS B 354 -7.46 37.80 -2.74
N GLY B 355 -6.56 38.31 -3.58
CA GLY B 355 -6.84 38.55 -4.97
C GLY B 355 -5.60 38.38 -5.81
N ALA B 356 -5.69 38.95 -7.03
CA ALA B 356 -4.64 38.84 -8.00
C ALA B 356 -3.51 39.77 -7.57
N ALA B 357 -2.29 39.38 -7.89
CA ALA B 357 -1.11 40.23 -7.73
C ALA B 357 -0.87 40.91 -9.08
N ALA B 358 -0.26 42.09 -9.10
CA ALA B 358 0.02 42.74 -10.42
C ALA B 358 1.33 42.18 -11.02
N LEU B 359 1.51 40.86 -11.09
CA LEU B 359 2.70 40.21 -11.71
C LEU B 359 2.20 39.17 -12.71
N SER B 360 2.99 38.92 -13.75
CA SER B 360 2.73 37.78 -14.63
C SER B 360 2.78 36.50 -13.82
N LYS B 361 2.09 35.50 -14.32
CA LYS B 361 2.13 34.23 -13.70
C LYS B 361 3.57 33.67 -13.75
N PRO B 362 4.11 33.16 -12.62
CA PRO B 362 5.46 32.60 -12.64
C PRO B 362 5.58 31.17 -13.17
N GLU B 363 6.81 30.80 -13.52
CA GLU B 363 7.11 29.50 -14.09
CA GLU B 363 7.10 29.50 -14.12
C GLU B 363 6.70 28.40 -13.11
N TRP B 364 6.75 28.69 -11.79
CA TRP B 364 6.72 27.63 -10.75
C TRP B 364 5.36 27.55 -10.04
N GLY B 365 4.44 28.46 -10.40
CA GLY B 365 3.13 28.40 -9.81
C GLY B 365 2.29 29.66 -9.96
N ARG B 366 1.81 30.20 -8.85
CA ARG B 366 0.85 31.30 -8.89
C ARG B 366 1.08 32.25 -7.73
N TYR B 367 0.57 33.49 -7.89
CA TYR B 367 0.58 34.45 -6.84
C TYR B 367 -0.85 34.87 -6.48
N THR B 368 -1.05 35.14 -5.19
CA THR B 368 -2.25 35.76 -4.67
C THR B 368 -1.71 36.79 -3.71
N GLN B 369 -2.55 37.77 -3.38
CA GLN B 369 -2.09 38.85 -2.61
C GLN B 369 -3.20 39.49 -1.79
N LYS B 370 -2.75 40.04 -0.68
CA LYS B 370 -3.65 40.70 0.26
C LYS B 370 -2.81 41.76 0.94
N GLY B 371 -3.02 43.02 0.57
CA GLY B 371 -2.20 44.16 1.02
C GLY B 371 -0.73 43.96 0.65
N ASN B 372 0.12 43.97 1.69
CA ASN B 372 1.54 43.84 1.55
C ASN B 372 1.98 42.40 1.71
N LYS B 373 1.04 41.47 1.73
CA LYS B 373 1.33 40.03 1.77
C LYS B 373 1.11 39.45 0.38
N LEU B 374 2.19 38.97 -0.19
CA LEU B 374 2.18 38.39 -1.51
C LEU B 374 2.47 36.91 -1.24
N TYR B 375 1.50 36.07 -1.63
CA TYR B 375 1.59 34.64 -1.46
C TYR B 375 2.08 33.97 -2.73
N ALA B 376 3.23 33.26 -2.59
CA ALA B 376 3.83 32.47 -3.68
C ALA B 376 3.39 31.02 -3.47
N HIS B 377 2.52 30.53 -4.38
CA HIS B 377 2.00 29.21 -4.42
C HIS B 377 2.95 28.31 -5.27
N ILE B 378 3.78 27.52 -4.61
CA ILE B 378 4.74 26.67 -5.34
C ILE B 378 4.02 25.37 -5.76
N LEU B 379 3.70 25.31 -7.04
CA LEU B 379 3.02 24.19 -7.65
C LEU B 379 4.04 23.19 -8.21
N ASP B 380 5.22 23.68 -8.55
CA ASP B 380 6.29 22.85 -9.16
C ASP B 380 7.68 23.21 -8.56
N ARG B 381 8.16 22.36 -7.65
CA ARG B 381 9.50 22.47 -7.02
C ARG B 381 10.63 22.79 -8.04
N GLY B 382 10.56 22.21 -9.23
CA GLY B 382 11.66 22.27 -10.15
C GLY B 382 12.88 21.55 -9.59
N ILE B 383 14.06 22.06 -9.93
CA ILE B 383 15.36 21.58 -9.47
C ILE B 383 16.22 22.80 -9.12
N GLY B 384 16.88 22.74 -7.97
CA GLY B 384 17.58 23.89 -7.47
C GLY B 384 16.66 25.03 -7.06
N PRO B 385 17.24 26.19 -6.76
CA PRO B 385 16.46 27.31 -6.21
C PRO B 385 15.41 27.84 -7.17
N ILE B 386 14.38 28.42 -6.55
CA ILE B 386 13.22 28.81 -7.26
C ILE B 386 13.41 30.28 -7.54
N ALA B 387 13.17 30.68 -8.79
CA ALA B 387 13.47 32.06 -9.29
C ALA B 387 12.21 32.93 -9.35
N LEU B 388 12.12 33.98 -8.53
CA LEU B 388 10.95 34.86 -8.57
C LEU B 388 11.38 36.16 -9.28
N GLN B 389 10.99 36.27 -10.53
CA GLN B 389 11.40 37.36 -11.35
C GLN B 389 10.81 38.67 -10.80
N GLY B 390 11.60 39.75 -10.79
CA GLY B 390 11.14 41.12 -10.49
C GLY B 390 11.01 41.47 -9.01
N LEU B 391 11.45 40.59 -8.10
CA LEU B 391 11.21 40.76 -6.64
C LEU B 391 12.53 40.85 -5.84
N ASN B 392 13.69 40.89 -6.51
CA ASN B 392 14.96 41.18 -5.79
C ASN B 392 14.86 42.59 -5.10
N GLY B 393 15.19 42.60 -3.82
CA GLY B 393 14.97 43.73 -2.96
C GLY B 393 13.57 44.31 -2.98
N ARG B 394 12.49 43.52 -3.09
CA ARG B 394 11.14 44.08 -2.82
C ARG B 394 10.44 43.37 -1.67
N VAL B 395 11.09 42.35 -1.12
CA VAL B 395 10.59 41.40 -0.13
C VAL B 395 11.41 41.59 1.15
N LYS B 396 10.74 42.01 2.20
CA LYS B 396 11.33 42.19 3.50
C LYS B 396 11.46 40.84 4.24
N GLU B 397 10.37 40.03 4.33
CA GLU B 397 10.38 38.69 5.00
C GLU B 397 9.77 37.60 4.09
N ALA B 398 10.29 36.38 4.27
CA ALA B 398 9.67 35.20 3.70
C ALA B 398 9.47 34.06 4.74
N ARG B 399 8.22 33.60 4.76
CA ARG B 399 7.76 32.57 5.70
CA ARG B 399 7.76 32.57 5.71
C ARG B 399 6.93 31.54 4.95
N LEU B 400 7.11 30.26 5.30
CA LEU B 400 6.18 29.19 4.92
C LEU B 400 4.88 29.39 5.70
N LEU B 401 3.81 29.51 4.91
CA LEU B 401 2.48 29.76 5.46
C LEU B 401 2.04 28.65 6.44
N ALA B 402 2.28 27.41 6.06
CA ALA B 402 1.81 26.27 6.81
C ALA B 402 2.40 26.17 8.23
N ASP B 403 3.66 26.56 8.44
CA ASP B 403 4.25 26.41 9.78
C ASP B 403 4.86 27.69 10.38
N GLY B 404 4.80 28.82 9.63
CA GLY B 404 5.41 30.08 9.97
C GLY B 404 6.92 30.07 10.05
N ALA B 405 7.57 29.06 9.46
CA ALA B 405 9.04 28.98 9.39
C ALA B 405 9.65 29.90 8.31
N GLU B 406 10.80 30.50 8.65
CA GLU B 406 11.57 31.30 7.75
C GLU B 406 11.98 30.46 6.52
N VAL B 407 11.98 31.15 5.37
CA VAL B 407 12.51 30.65 4.13
C VAL B 407 13.72 31.49 3.77
N ASN B 408 14.82 30.83 3.43
CA ASN B 408 16.02 31.54 3.00
C ASN B 408 15.85 32.15 1.58
N ILE B 409 16.02 33.45 1.47
CA ILE B 409 15.88 34.17 0.18
C ILE B 409 17.14 34.92 -0.24
N GLN B 410 18.31 34.47 0.20
CA GLN B 410 19.58 34.95 -0.23
C GLN B 410 19.95 34.25 -1.53
N THR B 411 20.42 35.01 -2.51
CA THR B 411 20.93 34.48 -3.76
C THR B 411 22.01 33.42 -3.46
N PRO B 412 21.78 32.15 -3.80
CA PRO B 412 22.85 31.16 -3.60
C PRO B 412 24.01 31.32 -4.60
N TRP B 413 25.15 30.68 -4.29
CA TRP B 413 26.43 30.80 -5.08
C TRP B 413 26.19 30.50 -6.59
N ASN B 414 25.34 29.53 -6.90
CA ASN B 414 25.26 29.01 -8.28
C ASN B 414 24.29 29.86 -9.09
N ALA B 415 23.69 30.89 -8.49
CA ALA B 415 22.69 31.72 -9.17
C ALA B 415 23.08 33.21 -9.27
N VAL B 416 24.35 33.55 -9.02
CA VAL B 416 24.79 34.98 -8.95
C VAL B 416 24.71 35.66 -10.33
N ASP B 417 24.63 34.90 -11.43
CA ASP B 417 24.46 35.50 -12.79
C ASP B 417 23.04 36.05 -13.06
N TYR B 418 22.10 36.02 -12.08
CA TYR B 418 20.66 36.36 -12.34
C TYR B 418 20.16 37.37 -11.30
N PRO B 419 20.65 38.63 -11.37
CA PRO B 419 20.34 39.64 -10.36
C PRO B 419 18.93 40.25 -10.44
N ASP B 420 18.24 40.11 -11.57
CA ASP B 420 16.83 40.51 -11.69
C ASP B 420 15.85 39.63 -10.87
N TYR B 421 16.32 38.49 -10.36
CA TYR B 421 15.52 37.52 -9.65
C TYR B 421 15.81 37.47 -8.16
N LEU B 422 14.75 37.27 -7.40
CA LEU B 422 14.85 36.78 -6.03
C LEU B 422 14.88 35.25 -6.04
N PHE B 423 15.66 34.65 -5.14
CA PHE B 423 15.77 33.17 -5.10
C PHE B 423 15.23 32.63 -3.79
N VAL B 424 14.34 31.63 -3.89
CA VAL B 424 13.94 30.86 -2.73
C VAL B 424 14.67 29.53 -2.73
N ASN B 425 15.24 29.21 -1.59
CA ASN B 425 16.08 28.08 -1.38
C ASN B 425 15.34 27.06 -0.51
N ILE B 426 15.09 25.89 -1.08
CA ILE B 426 14.41 24.77 -0.46
C ILE B 426 15.41 23.62 -0.31
N PRO B 427 15.78 23.26 0.91
CA PRO B 427 16.89 22.31 0.98
C PRO B 427 16.49 20.85 0.75
N THR B 428 15.21 20.56 0.55
CA THR B 428 14.78 19.19 0.27
C THR B 428 14.54 19.05 -1.25
N ALA B 429 14.64 17.80 -1.68
CA ALA B 429 14.41 17.40 -3.08
C ALA B 429 12.94 17.61 -3.43
N GLN B 430 12.07 17.35 -2.49
CA GLN B 430 10.64 17.56 -2.65
C GLN B 430 10.14 18.65 -1.69
N LEU B 431 9.06 19.30 -2.12
CA LEU B 431 8.35 20.24 -1.30
C LEU B 431 7.77 19.59 -0.07
N PRO B 432 7.55 20.37 0.99
CA PRO B 432 6.78 19.83 2.11
C PRO B 432 5.30 19.61 1.82
N ASP B 433 4.66 20.36 0.88
CA ASP B 433 3.29 20.03 0.50
C ASP B 433 3.16 19.85 -1.03
N ASP B 434 2.79 18.65 -1.45
CA ASP B 434 2.68 18.38 -2.91
C ASP B 434 1.43 19.02 -3.53
N PHE B 435 0.41 19.40 -2.74
CA PHE B 435 -0.80 20.06 -3.35
C PHE B 435 -0.32 21.40 -3.86
N ASN B 436 0.40 22.07 -2.95
CA ASN B 436 0.77 23.43 -3.12
C ASN B 436 1.50 23.96 -1.87
N THR B 437 2.76 24.40 -2.00
CA THR B 437 3.53 24.81 -0.81
C THR B 437 3.50 26.32 -0.85
N VAL B 438 2.90 26.99 0.15
CA VAL B 438 2.72 28.41 0.01
C VAL B 438 3.80 29.13 0.80
N ILE B 439 4.39 30.16 0.16
CA ILE B 439 5.35 31.04 0.81
C ILE B 439 4.75 32.42 0.91
N GLU B 440 4.57 32.87 2.16
CA GLU B 440 4.13 34.24 2.47
C GLU B 440 5.31 35.23 2.40
N LEU B 441 5.24 36.14 1.43
CA LEU B 441 6.22 37.18 1.22
C LEU B 441 5.63 38.51 1.71
N THR B 442 6.31 39.10 2.67
CA THR B 442 6.04 40.45 3.12
C THR B 442 6.86 41.41 2.27
N LEU B 443 6.16 42.20 1.47
CA LEU B 443 6.74 43.24 0.59
C LEU B 443 7.21 44.45 1.39
N GLU B 444 8.42 44.94 1.06
CA GLU B 444 8.94 46.27 1.53
C GLU B 444 7.91 47.35 1.28
N ASP B 445 7.95 48.41 2.10
CA ASP B 445 7.16 49.61 1.81
C ASP B 445 7.82 50.84 2.41
N THR C 25 -18.92 -35.58 -40.19
CA THR C 25 -17.52 -36.03 -39.79
C THR C 25 -16.41 -35.13 -40.36
N ALA C 26 -16.61 -34.57 -41.55
CA ALA C 26 -15.75 -33.46 -42.00
C ALA C 26 -15.89 -32.30 -40.98
N ARG C 27 -17.15 -31.91 -40.71
CA ARG C 27 -17.49 -30.85 -39.80
C ARG C 27 -16.92 -31.16 -38.40
N GLU C 28 -17.15 -32.37 -37.90
CA GLU C 28 -16.71 -32.73 -36.53
C GLU C 28 -15.18 -32.76 -36.42
N GLN C 29 -14.54 -33.29 -37.44
CA GLN C 29 -13.11 -33.46 -37.45
C GLN C 29 -12.41 -32.08 -37.43
N ARG C 30 -12.87 -31.11 -38.20
CA ARG C 30 -12.09 -29.88 -38.28
C ARG C 30 -12.31 -28.94 -37.06
N ILE C 31 -13.37 -29.15 -36.26
CA ILE C 31 -13.63 -28.29 -35.13
C ILE C 31 -13.00 -28.82 -33.83
N GLN C 32 -12.34 -29.98 -33.85
CA GLN C 32 -11.94 -30.57 -32.59
C GLN C 32 -10.87 -29.75 -31.87
N TRP C 33 -9.94 -29.16 -32.60
CA TRP C 33 -8.86 -28.36 -32.04
C TRP C 33 -9.46 -27.14 -31.31
N PHE C 34 -10.49 -26.56 -31.92
CA PHE C 34 -11.14 -25.37 -31.48
C PHE C 34 -11.79 -25.61 -30.13
N ASN C 35 -12.58 -26.68 -30.07
CA ASN C 35 -13.27 -27.10 -28.87
C ASN C 35 -12.30 -27.49 -27.77
N HIS C 36 -11.22 -28.13 -28.15
CA HIS C 36 -10.21 -28.48 -27.17
C HIS C 36 -9.48 -27.25 -26.58
N ASP C 37 -9.17 -26.23 -27.44
CA ASP C 37 -8.23 -25.18 -27.16
C ASP C 37 -8.86 -23.99 -26.37
N ARG C 38 -10.15 -23.68 -26.63
CA ARG C 38 -11.03 -22.90 -25.73
C ARG C 38 -10.80 -21.39 -25.64
N PHE C 39 -9.53 -20.95 -25.67
CA PHE C 39 -9.17 -19.59 -25.33
C PHE C 39 -8.37 -18.98 -26.45
N GLY C 40 -8.85 -17.86 -26.96
CA GLY C 40 -8.15 -17.20 -28.08
C GLY C 40 -8.01 -15.68 -27.91
N MET C 41 -7.16 -15.07 -28.75
CA MET C 41 -6.99 -13.64 -28.73
C MET C 41 -7.62 -12.97 -29.94
N PHE C 42 -8.45 -11.94 -29.68
CA PHE C 42 -8.99 -11.11 -30.76
C PHE C 42 -8.13 -9.87 -30.88
N ILE C 43 -7.82 -9.46 -32.10
CA ILE C 43 -7.03 -8.28 -32.27
C ILE C 43 -7.68 -7.34 -33.25
N HIS C 44 -8.13 -6.19 -32.77
CA HIS C 44 -8.65 -5.17 -33.67
C HIS C 44 -7.61 -4.07 -33.84
N TRP C 45 -7.15 -3.85 -35.07
CA TRP C 45 -6.18 -2.82 -35.38
C TRP C 45 -6.38 -2.35 -36.80
N GLY C 46 -6.03 -1.09 -36.98
CA GLY C 46 -6.18 -0.38 -38.24
C GLY C 46 -6.13 1.10 -37.97
N LEU C 47 -6.46 1.86 -39.01
CA LEU C 47 -6.32 3.26 -39.00
C LEU C 47 -7.12 3.90 -37.87
N TYR C 48 -8.23 3.27 -37.49
CA TYR C 48 -9.09 3.75 -36.38
C TYR C 48 -8.38 3.82 -35.01
N ALA C 49 -7.19 3.20 -34.87
CA ALA C 49 -6.35 3.33 -33.70
C ALA C 49 -5.89 4.76 -33.52
N ILE C 50 -5.84 5.56 -34.62
CA ILE C 50 -5.40 6.92 -34.52
C ILE C 50 -6.51 7.78 -33.92
N PRO C 51 -7.67 7.90 -34.57
CA PRO C 51 -8.70 8.73 -33.96
C PRO C 51 -9.04 8.19 -32.59
N ALA C 52 -8.86 6.86 -32.40
CA ALA C 52 -8.76 6.24 -31.07
C ALA C 52 -10.04 6.43 -30.23
N ARG C 53 -11.19 6.31 -30.90
CA ARG C 53 -12.47 6.32 -30.19
C ARG C 53 -13.51 5.33 -30.74
N GLY C 54 -12.98 4.25 -31.33
CA GLY C 54 -13.71 3.16 -31.81
C GLY C 54 -13.61 3.09 -33.31
N GLU C 55 -13.67 1.85 -33.76
CA GLU C 55 -13.60 1.44 -35.14
C GLU C 55 -14.85 1.81 -35.91
N TRP C 56 -15.92 2.16 -35.21
CA TRP C 56 -17.12 2.67 -35.90
C TRP C 56 -17.14 4.17 -36.21
N VAL C 57 -16.00 4.86 -35.99
CA VAL C 57 -15.93 6.32 -35.96
C VAL C 57 -16.37 7.00 -37.29
N ARG C 58 -15.95 6.44 -38.41
CA ARG C 58 -16.48 6.96 -39.68
C ARG C 58 -18.02 6.97 -39.68
N SER C 59 -18.64 5.94 -39.09
CA SER C 59 -20.10 5.79 -39.13
C SER C 59 -20.78 6.72 -38.12
N PHE C 60 -20.33 6.67 -36.85
CA PHE C 60 -21.02 7.54 -35.89
C PHE C 60 -20.68 9.01 -36.12
N GLU C 61 -19.58 9.36 -36.81
CA GLU C 61 -19.25 10.81 -37.07
C GLU C 61 -19.48 11.19 -38.55
N ARG C 62 -19.98 10.26 -39.37
CA ARG C 62 -20.34 10.49 -40.73
C ARG C 62 -19.15 11.11 -41.47
N ILE C 63 -18.00 10.45 -41.35
CA ILE C 63 -16.81 10.95 -41.82
C ILE C 63 -16.65 10.47 -43.26
N PRO C 64 -16.39 11.38 -44.24
CA PRO C 64 -16.12 10.94 -45.62
C PRO C 64 -14.69 10.46 -45.77
N VAL C 65 -14.47 9.69 -46.83
CA VAL C 65 -13.15 9.05 -47.05
C VAL C 65 -12.02 10.10 -47.00
N GLU C 66 -12.27 11.28 -47.58
CA GLU C 66 -11.28 12.36 -47.71
C GLU C 66 -10.79 12.88 -46.35
N ASP C 67 -11.67 12.96 -45.34
CA ASP C 67 -11.24 13.37 -43.97
C ASP C 67 -10.59 12.24 -43.14
N TYR C 68 -10.73 10.98 -43.58
CA TYR C 68 -10.13 9.82 -42.92
C TYR C 68 -8.72 9.65 -43.47
N GLU C 69 -8.45 10.29 -44.62
CA GLU C 69 -7.15 10.16 -45.32
C GLU C 69 -5.99 10.65 -44.43
N LYS C 70 -6.22 11.68 -43.60
CA LYS C 70 -5.17 12.10 -42.67
C LYS C 70 -4.60 10.93 -41.83
N TYR C 71 -5.42 9.91 -41.56
CA TYR C 71 -5.01 8.75 -40.77
C TYR C 71 -4.21 7.77 -41.61
N PHE C 72 -4.67 7.55 -42.85
CA PHE C 72 -3.90 6.77 -43.85
C PHE C 72 -2.47 7.34 -43.98
N ASN C 73 -2.38 8.67 -44.15
CA ASN C 73 -1.12 9.36 -44.38
C ASN C 73 -0.25 9.45 -43.15
N SER C 74 -0.79 9.20 -41.95
CA SER C 74 0.07 9.30 -40.77
C SER C 74 0.21 7.98 -40.01
N PHE C 75 -0.19 6.92 -40.69
CA PHE C 75 -0.11 5.60 -40.13
C PHE C 75 1.30 5.02 -40.29
N ASN C 76 2.09 5.01 -39.22
CA ASN C 76 3.39 4.39 -39.24
C ASN C 76 3.77 3.86 -37.87
N PRO C 77 3.23 2.69 -37.52
CA PRO C 77 3.53 2.13 -36.24
C PRO C 77 5.03 1.95 -36.01
N VAL C 78 5.58 2.76 -35.10
CA VAL C 78 6.97 2.64 -34.68
C VAL C 78 7.27 1.35 -33.89
N ASN C 79 6.30 0.75 -33.22
CA ASN C 79 6.62 -0.32 -32.26
C ASN C 79 5.66 -1.50 -32.43
N TYR C 80 5.42 -1.86 -33.70
CA TYR C 80 4.60 -3.02 -34.01
C TYR C 80 5.51 -4.25 -34.09
N ASP C 81 5.42 -5.09 -33.08
CA ASP C 81 6.20 -6.31 -33.01
C ASP C 81 5.22 -7.47 -32.73
N PRO C 82 4.71 -8.13 -33.79
CA PRO C 82 3.78 -9.21 -33.54
C PRO C 82 4.41 -10.43 -32.86
N LYS C 83 5.73 -10.60 -32.91
CA LYS C 83 6.38 -11.63 -32.11
C LYS C 83 6.13 -11.34 -30.62
N ALA C 84 6.18 -10.08 -30.23
CA ALA C 84 5.90 -9.69 -28.82
C ALA C 84 4.41 -9.98 -28.54
N TRP C 85 3.56 -9.67 -29.50
CA TRP C 85 2.11 -9.93 -29.31
C TRP C 85 1.84 -11.42 -29.04
N ALA C 86 2.39 -12.27 -29.90
CA ALA C 86 2.23 -13.69 -29.84
C ALA C 86 2.77 -14.28 -28.52
N LYS C 87 3.93 -13.83 -28.03
CA LYS C 87 4.48 -14.29 -26.72
C LYS C 87 3.51 -13.91 -25.60
N ALA C 88 2.98 -12.69 -25.67
CA ALA C 88 2.04 -12.22 -24.66
C ALA C 88 0.86 -13.21 -24.68
N ALA C 89 0.36 -13.53 -25.88
CA ALA C 89 -0.83 -14.40 -26.05
C ALA C 89 -0.57 -15.82 -25.53
N LYS C 90 0.60 -16.37 -25.92
CA LYS C 90 0.97 -17.67 -25.52
C LYS C 90 1.13 -17.72 -24.01
N ALA C 91 1.75 -16.71 -23.43
CA ALA C 91 1.96 -16.75 -21.99
C ALA C 91 0.64 -16.56 -21.21
N ALA C 92 -0.37 -15.97 -21.86
CA ALA C 92 -1.71 -15.87 -21.21
C ALA C 92 -2.46 -17.23 -21.22
N GLY C 93 -1.92 -18.22 -21.93
CA GLY C 93 -2.62 -19.47 -22.11
C GLY C 93 -3.56 -19.51 -23.31
N MET C 94 -3.49 -18.48 -24.16
CA MET C 94 -4.25 -18.45 -25.40
C MET C 94 -3.59 -19.38 -26.44
N LYS C 95 -4.43 -20.00 -27.28
CA LYS C 95 -3.98 -21.04 -28.25
C LYS C 95 -4.25 -20.66 -29.68
N TYR C 96 -4.97 -19.56 -29.88
CA TYR C 96 -5.27 -19.09 -31.24
C TYR C 96 -5.55 -17.61 -31.19
N ALA C 97 -5.44 -16.97 -32.36
CA ALA C 97 -5.77 -15.61 -32.52
C ALA C 97 -6.57 -15.36 -33.78
N VAL C 98 -7.21 -14.21 -33.77
CA VAL C 98 -7.94 -13.73 -34.91
C VAL C 98 -7.68 -12.22 -35.06
N MET C 99 -7.18 -11.82 -36.24
CA MET C 99 -6.82 -10.44 -36.47
C MET C 99 -7.57 -9.85 -37.66
N THR C 100 -8.04 -8.62 -37.45
CA THR C 100 -8.71 -7.78 -38.46
C THR C 100 -7.78 -7.57 -39.67
N THR C 101 -8.02 -8.31 -40.76
CA THR C 101 -7.35 -8.03 -42.01
C THR C 101 -7.96 -6.81 -42.70
N LYS C 102 -9.22 -6.51 -42.40
CA LYS C 102 -9.92 -5.40 -43.01
C LYS C 102 -11.20 -5.22 -42.22
N HIS C 103 -11.39 -4.04 -41.64
CA HIS C 103 -12.60 -3.80 -40.86
C HIS C 103 -13.61 -3.02 -41.72
N HIS C 104 -14.63 -2.44 -41.10
CA HIS C 104 -15.75 -1.88 -41.86
C HIS C 104 -15.27 -0.75 -42.76
N ASP C 105 -14.22 -0.03 -42.30
CA ASP C 105 -13.69 1.12 -42.97
C ASP C 105 -12.95 0.75 -44.27
N GLY C 106 -12.76 -0.53 -44.56
CA GLY C 106 -12.26 -0.93 -45.90
C GLY C 106 -10.74 -0.91 -46.00
N PHE C 107 -10.05 -0.44 -44.95
CA PHE C 107 -8.60 -0.38 -45.03
C PHE C 107 -8.04 -1.79 -44.86
N CYS C 108 -7.22 -2.24 -45.81
CA CYS C 108 -6.61 -3.54 -45.70
C CYS C 108 -5.22 -3.49 -45.04
N LEU C 109 -5.00 -4.34 -44.04
CA LEU C 109 -3.72 -4.48 -43.38
C LEU C 109 -2.79 -5.46 -44.10
N PHE C 110 -3.28 -6.00 -45.20
CA PHE C 110 -2.54 -7.02 -45.99
C PHE C 110 -2.38 -6.45 -47.39
N ASP C 111 -1.37 -6.97 -48.09
CA ASP C 111 -0.95 -6.42 -49.40
C ASP C 111 -1.86 -6.95 -50.52
N SER C 112 -3.07 -6.40 -50.62
CA SER C 112 -4.00 -6.86 -51.61
C SER C 112 -3.55 -6.35 -52.98
N ALA C 113 -3.65 -7.21 -53.98
CA ALA C 113 -3.56 -6.80 -55.38
C ALA C 113 -4.82 -6.09 -55.85
N LEU C 114 -5.89 -6.05 -55.07
CA LEU C 114 -7.18 -5.53 -55.61
C LEU C 114 -7.52 -4.14 -55.10
N THR C 115 -6.65 -3.55 -54.27
CA THR C 115 -6.90 -2.20 -53.80
C THR C 115 -5.57 -1.49 -53.54
N ASP C 116 -5.65 -0.16 -53.55
CA ASP C 116 -4.52 0.68 -53.11
CA ASP C 116 -4.55 0.72 -53.11
C ASP C 116 -4.71 1.17 -51.65
N TYR C 117 -5.89 0.97 -51.06
CA TYR C 117 -6.23 1.39 -49.70
C TYR C 117 -5.77 0.30 -48.72
N LYS C 118 -4.45 0.20 -48.54
CA LYS C 118 -3.82 -0.88 -47.84
C LYS C 118 -2.52 -0.40 -47.18
N ALA C 119 -1.99 -1.22 -46.28
CA ALA C 119 -0.93 -0.77 -45.36
C ALA C 119 0.44 -0.64 -46.04
N THR C 120 0.69 -1.41 -47.09
CA THR C 120 1.92 -1.26 -47.91
C THR C 120 1.97 0.09 -48.66
N ASN C 121 0.88 0.83 -48.75
CA ASN C 121 0.85 2.18 -49.30
C ASN C 121 0.75 3.24 -48.22
N THR C 122 0.75 2.86 -46.94
CA THR C 122 0.89 3.91 -45.92
C THR C 122 2.39 4.10 -45.70
N PRO C 123 2.80 5.10 -44.91
CA PRO C 123 4.21 5.23 -44.52
C PRO C 123 4.77 3.95 -43.86
N ALA C 124 3.88 3.11 -43.30
CA ALA C 124 4.34 1.83 -42.80
C ALA C 124 5.04 0.99 -43.88
N GLY C 125 4.49 0.95 -45.10
CA GLY C 125 5.05 0.09 -46.19
C GLY C 125 5.25 -1.37 -45.82
N ARG C 126 4.33 -1.94 -45.04
CA ARG C 126 4.47 -3.26 -44.51
C ARG C 126 3.17 -4.04 -44.82
N ASP C 127 3.32 -5.34 -45.07
CA ASP C 127 2.21 -6.27 -44.95
C ASP C 127 2.13 -6.67 -43.47
N LEU C 128 1.19 -6.04 -42.75
CA LEU C 128 1.03 -6.22 -41.33
C LEU C 128 0.48 -7.60 -41.04
N ILE C 129 -0.41 -8.11 -41.91
CA ILE C 129 -1.02 -9.42 -41.73
C ILE C 129 0.00 -10.54 -41.94
N ARG C 130 0.91 -10.37 -42.90
CA ARG C 130 1.98 -11.40 -43.08
C ARG C 130 2.83 -11.57 -41.79
N GLU C 131 3.22 -10.45 -41.18
CA GLU C 131 4.07 -10.47 -39.99
C GLU C 131 3.31 -11.11 -38.83
N TYR C 132 2.00 -10.80 -38.78
CA TYR C 132 1.10 -11.37 -37.75
C TYR C 132 1.05 -12.87 -37.89
N ALA C 133 0.74 -13.31 -39.12
CA ALA C 133 0.60 -14.71 -39.43
C ALA C 133 1.92 -15.43 -39.11
N ASP C 134 3.03 -14.85 -39.54
CA ASP C 134 4.33 -15.57 -39.30
C ASP C 134 4.65 -15.64 -37.81
N ALA C 135 4.40 -14.54 -37.06
CA ALA C 135 4.78 -14.47 -35.65
C ALA C 135 3.98 -15.47 -34.82
N PHE C 136 2.64 -15.47 -35.00
CA PHE C 136 1.73 -16.36 -34.25
C PHE C 136 1.95 -17.85 -34.60
N ARG C 137 2.08 -18.13 -35.90
CA ARG C 137 2.26 -19.49 -36.34
C ARG C 137 3.56 -20.05 -35.75
N ALA C 138 4.59 -19.23 -35.71
CA ALA C 138 5.90 -19.66 -35.13
C ALA C 138 5.77 -19.95 -33.65
N GLU C 139 4.86 -19.30 -32.93
CA GLU C 139 4.70 -19.59 -31.52
C GLU C 139 3.77 -20.78 -31.30
N GLY C 140 3.31 -21.43 -32.36
CA GLY C 140 2.44 -22.59 -32.20
C GLY C 140 0.98 -22.23 -32.01
N LEU C 141 0.56 -20.99 -32.27
CA LEU C 141 -0.86 -20.60 -32.16
C LEU C 141 -1.55 -20.78 -33.50
N LYS C 142 -2.83 -21.20 -33.48
CA LYS C 142 -3.64 -21.18 -34.69
C LYS C 142 -3.83 -19.72 -35.13
N VAL C 143 -3.89 -19.53 -36.43
CA VAL C 143 -3.90 -18.22 -37.05
C VAL C 143 -5.29 -18.04 -37.64
N GLY C 144 -5.94 -16.94 -37.25
CA GLY C 144 -7.25 -16.56 -37.66
C GLY C 144 -7.23 -15.17 -38.30
N PHE C 145 -8.08 -15.00 -39.29
CA PHE C 145 -8.24 -13.77 -39.98
C PHE C 145 -9.70 -13.39 -39.82
N TYR C 146 -9.93 -12.13 -39.47
CA TYR C 146 -11.23 -11.53 -39.41
C TYR C 146 -11.30 -10.72 -40.69
N TYR C 147 -12.45 -10.72 -41.38
CA TYR C 147 -12.61 -9.95 -42.63
C TYR C 147 -14.01 -9.30 -42.64
N SER C 148 -14.12 -7.96 -42.76
CA SER C 148 -15.44 -7.30 -42.77
C SER C 148 -16.06 -7.42 -44.17
N ILE C 149 -17.20 -8.07 -44.27
CA ILE C 149 -17.94 -8.13 -45.52
C ILE C 149 -18.58 -6.78 -45.77
N ILE C 150 -18.71 -5.99 -44.72
CA ILE C 150 -19.12 -4.58 -44.82
C ILE C 150 -17.90 -3.79 -45.28
N ASP C 151 -18.14 -2.81 -46.18
CA ASP C 151 -17.05 -1.98 -46.70
C ASP C 151 -17.48 -0.53 -47.01
N TRP C 152 -17.08 0.38 -46.13
CA TRP C 152 -17.42 1.77 -46.22
C TRP C 152 -16.46 2.58 -47.10
N HIS C 153 -15.46 1.91 -47.68
CA HIS C 153 -14.61 2.54 -48.67
C HIS C 153 -14.99 2.17 -50.13
N HIS C 154 -15.39 0.92 -50.39
CA HIS C 154 -15.52 0.45 -51.79
C HIS C 154 -16.63 1.22 -52.49
N PRO C 155 -16.40 1.76 -53.70
CA PRO C 155 -17.44 2.62 -54.28
C PRO C 155 -18.78 1.92 -54.66
N ASP C 156 -18.77 0.60 -54.80
CA ASP C 156 -20.03 -0.11 -55.14
C ASP C 156 -20.83 -0.69 -53.95
N TYR C 157 -20.34 -0.52 -52.71
CA TYR C 157 -21.06 -0.93 -51.52
C TYR C 157 -22.16 0.07 -51.26
N PRO C 158 -23.38 -0.39 -50.94
CA PRO C 158 -24.51 0.53 -50.79
C PRO C 158 -24.28 1.51 -49.65
N ALA C 159 -24.57 2.79 -49.91
CA ALA C 159 -24.26 3.84 -48.98
C ALA C 159 -25.53 4.61 -48.60
N TYR C 160 -26.19 5.26 -49.56
CA TYR C 160 -27.33 6.11 -49.17
C TYR C 160 -28.41 5.20 -48.63
N GLY C 161 -28.99 5.53 -47.49
CA GLY C 161 -30.05 4.62 -46.93
C GLY C 161 -29.55 3.36 -46.19
N ASP C 162 -28.27 2.98 -46.26
CA ASP C 162 -27.71 1.81 -45.50
C ASP C 162 -27.79 2.05 -43.99
N ARG C 163 -27.94 0.97 -43.22
CA ARG C 163 -28.11 1.05 -41.77
C ARG C 163 -26.98 1.85 -41.10
N GLN C 164 -25.72 1.71 -41.54
CA GLN C 164 -24.61 2.34 -40.82
C GLN C 164 -23.50 2.97 -41.69
N HIS C 165 -23.63 2.93 -43.00
CA HIS C 165 -22.66 3.58 -43.88
C HIS C 165 -22.48 5.02 -43.44
N PRO C 166 -21.22 5.49 -43.37
CA PRO C 166 -20.90 6.88 -43.07
C PRO C 166 -21.70 7.94 -43.87
N MET C 167 -21.93 7.70 -45.17
CA MET C 167 -22.65 8.62 -46.07
C MET C 167 -24.14 8.24 -46.21
N ARG C 168 -24.66 7.50 -45.25
CA ARG C 168 -26.00 6.98 -45.35
C ARG C 168 -27.07 8.05 -45.48
N ASP C 169 -26.81 9.25 -44.94
CA ASP C 169 -27.79 10.37 -44.93
C ASP C 169 -27.32 11.50 -45.85
N ASN C 170 -26.26 11.29 -46.65
CA ASN C 170 -25.72 12.31 -47.53
C ASN C 170 -26.40 12.22 -48.89
N ALA C 171 -27.17 13.27 -49.20
CA ALA C 171 -27.95 13.44 -50.46
C ALA C 171 -27.06 13.30 -51.71
N GLU C 172 -25.82 13.80 -51.68
CA GLU C 172 -24.89 13.64 -52.84
C GLU C 172 -24.76 12.17 -53.28
N PHE C 173 -24.89 11.21 -52.35
CA PHE C 173 -24.70 9.78 -52.69
C PHE C 173 -25.98 9.12 -53.20
N LYS C 174 -27.13 9.79 -53.06
CA LYS C 174 -28.41 9.21 -53.48
C LYS C 174 -28.35 8.95 -54.98
N ASP C 175 -28.78 7.75 -55.39
CA ASP C 175 -28.89 7.32 -56.81
C ASP C 175 -27.62 7.53 -57.68
N ARG C 176 -26.43 7.62 -57.09
CA ARG C 176 -25.20 7.54 -57.88
C ARG C 176 -25.11 6.16 -58.51
N PRO C 177 -24.48 6.03 -59.69
CA PRO C 177 -24.35 4.71 -60.32
C PRO C 177 -23.49 3.71 -59.53
N GLN C 178 -24.05 2.53 -59.16
CA GLN C 178 -23.29 1.42 -58.46
C GLN C 178 -23.54 0.06 -59.10
N ASP C 179 -22.52 -0.82 -59.07
CA ASP C 179 -22.73 -2.24 -59.41
C ASP C 179 -22.22 -3.13 -58.25
N PHE C 180 -23.15 -3.59 -57.41
CA PHE C 180 -22.82 -4.38 -56.22
C PHE C 180 -21.99 -5.62 -56.56
N ASN C 181 -22.19 -6.13 -57.77
CA ASN C 181 -21.42 -7.28 -58.22
C ASN C 181 -19.93 -7.01 -58.23
N ARG C 182 -19.51 -5.76 -58.50
CA ARG C 182 -18.07 -5.44 -58.48
C ARG C 182 -17.54 -5.58 -57.02
N TYR C 183 -18.31 -5.09 -56.02
CA TYR C 183 -17.94 -5.34 -54.60
C TYR C 183 -17.86 -6.84 -54.28
N LEU C 184 -18.78 -7.68 -54.80
CA LEU C 184 -18.67 -9.11 -54.54
C LEU C 184 -17.43 -9.72 -55.21
N ASP C 185 -17.03 -9.27 -56.41
CA ASP C 185 -15.73 -9.69 -57.03
C ASP C 185 -14.56 -9.33 -56.11
N TYR C 186 -14.56 -8.07 -55.68
CA TYR C 186 -13.53 -7.55 -54.80
C TYR C 186 -13.43 -8.46 -53.55
N MET C 187 -14.55 -8.65 -52.91
CA MET C 187 -14.59 -9.35 -51.61
C MET C 187 -14.20 -10.82 -51.75
N HIS C 188 -14.75 -11.51 -52.74
CA HIS C 188 -14.43 -12.92 -52.95
C HIS C 188 -12.95 -13.05 -53.37
N GLY C 189 -12.50 -12.12 -54.23
CA GLY C 189 -11.07 -11.99 -54.54
C GLY C 189 -10.18 -11.86 -53.30
N GLN C 190 -10.53 -10.90 -52.44
CA GLN C 190 -9.73 -10.67 -51.25
C GLN C 190 -9.72 -11.91 -50.35
N VAL C 191 -10.85 -12.64 -50.25
CA VAL C 191 -10.88 -13.87 -49.45
C VAL C 191 -9.97 -14.93 -50.05
N LYS C 192 -9.95 -15.02 -51.39
CA LYS C 192 -9.09 -15.92 -52.05
C LYS C 192 -7.64 -15.50 -51.74
N GLU C 193 -7.31 -14.20 -51.81
CA GLU C 193 -5.94 -13.76 -51.47
C GLU C 193 -5.54 -14.24 -50.06
N LEU C 194 -6.43 -14.01 -49.08
CA LEU C 194 -6.11 -14.39 -47.70
C LEU C 194 -5.88 -15.90 -47.57
N LEU C 195 -6.59 -16.70 -48.36
CA LEU C 195 -6.52 -18.11 -48.22
C LEU C 195 -5.43 -18.74 -49.10
N THR C 196 -4.87 -18.02 -50.07
CA THR C 196 -3.77 -18.52 -50.90
C THR C 196 -2.40 -17.94 -50.49
N ASN C 197 -2.31 -16.68 -50.04
CA ASN C 197 -0.99 -15.97 -49.91
C ASN C 197 -0.34 -16.02 -48.53
N TYR C 198 -0.89 -16.75 -47.57
CA TYR C 198 -0.46 -16.54 -46.15
C TYR C 198 -0.36 -17.84 -45.37
N GLY C 199 -0.21 -18.94 -46.11
CA GLY C 199 -0.13 -20.26 -45.50
C GLY C 199 -1.50 -20.75 -45.06
N THR C 200 -1.46 -21.71 -44.13
CA THR C 200 -2.68 -22.28 -43.54
C THR C 200 -3.39 -21.29 -42.58
N ILE C 201 -4.69 -21.11 -42.81
CA ILE C 201 -5.56 -20.31 -42.00
C ILE C 201 -6.52 -21.27 -41.29
N ASP C 202 -6.52 -21.19 -39.96
CA ASP C 202 -7.34 -22.04 -39.13
C ASP C 202 -8.78 -21.51 -38.92
N VAL C 203 -9.01 -20.20 -39.03
CA VAL C 203 -10.33 -19.57 -38.75
C VAL C 203 -10.53 -18.36 -39.69
N LEU C 204 -11.75 -18.21 -40.21
CA LEU C 204 -12.12 -17.05 -40.95
C LEU C 204 -13.33 -16.44 -40.29
N TRP C 205 -13.20 -15.21 -39.86
CA TRP C 205 -14.20 -14.62 -39.01
C TRP C 205 -14.81 -13.49 -39.75
N PHE C 206 -15.97 -13.70 -40.35
CA PHE C 206 -16.63 -12.72 -41.19
C PHE C 206 -17.54 -11.87 -40.32
N ASP C 207 -17.85 -10.65 -40.73
CA ASP C 207 -18.60 -9.70 -39.89
C ASP C 207 -19.16 -8.59 -40.77
N PHE C 208 -20.45 -8.27 -40.77
CA PHE C 208 -21.52 -9.08 -40.19
C PHE C 208 -22.71 -8.90 -41.14
N SER C 209 -23.73 -9.76 -41.01
CA SER C 209 -24.90 -9.62 -41.84
C SER C 209 -25.97 -8.88 -41.08
N TYR C 210 -26.77 -8.10 -41.82
CA TYR C 210 -27.81 -7.24 -41.22
C TYR C 210 -28.89 -7.01 -42.28
N GLU C 211 -30.14 -6.88 -41.83
CA GLU C 211 -31.32 -6.54 -42.67
C GLU C 211 -31.29 -7.32 -43.99
N ASP C 212 -31.15 -6.62 -45.13
CA ASP C 212 -31.12 -7.28 -46.45
C ASP C 212 -29.69 -7.75 -46.83
N MET C 213 -28.66 -7.35 -46.06
CA MET C 213 -27.28 -7.64 -46.43
C MET C 213 -26.91 -8.91 -45.66
N THR C 214 -27.40 -10.01 -46.21
CA THR C 214 -27.36 -11.29 -45.56
C THR C 214 -27.41 -12.38 -46.62
N GLY C 215 -26.76 -13.49 -46.28
CA GLY C 215 -26.85 -14.72 -47.01
C GLY C 215 -26.43 -14.62 -48.46
N GLU C 216 -27.35 -14.93 -49.36
CA GLU C 216 -26.98 -15.00 -50.75
C GLU C 216 -26.81 -13.62 -51.37
N LYS C 217 -27.17 -12.55 -50.67
CA LYS C 217 -26.73 -11.18 -51.13
C LYS C 217 -25.21 -11.14 -51.28
N TRP C 218 -24.49 -11.83 -50.37
CA TRP C 218 -22.99 -11.89 -50.38
C TRP C 218 -22.50 -12.93 -51.41
N LYS C 219 -23.45 -13.66 -52.02
CA LYS C 219 -23.15 -14.91 -52.71
C LYS C 219 -22.39 -15.86 -51.76
N ALA C 220 -22.95 -16.02 -50.58
CA ALA C 220 -22.27 -16.76 -49.53
C ALA C 220 -22.04 -18.24 -49.91
N THR C 221 -22.96 -18.82 -50.68
CA THR C 221 -22.75 -20.21 -51.08
C THR C 221 -21.51 -20.35 -51.94
N GLU C 222 -21.39 -19.48 -52.95
CA GLU C 222 -20.17 -19.50 -53.77
C GLU C 222 -18.93 -19.17 -52.89
N LEU C 223 -19.07 -18.24 -51.95
CA LEU C 223 -17.97 -17.86 -51.12
C LEU C 223 -17.47 -19.06 -50.33
N VAL C 224 -18.39 -19.78 -49.69
CA VAL C 224 -17.99 -20.94 -48.85
C VAL C 224 -17.46 -22.13 -49.70
N LYS C 225 -18.06 -22.37 -50.86
CA LYS C 225 -17.54 -23.45 -51.76
C LYS C 225 -16.10 -23.12 -52.16
N MET C 226 -15.84 -21.86 -52.54
CA MET C 226 -14.49 -21.42 -52.86
C MET C 226 -13.56 -21.59 -51.65
N ILE C 227 -13.99 -21.09 -50.48
CA ILE C 227 -13.17 -21.21 -49.29
C ILE C 227 -12.77 -22.66 -49.08
N ARG C 228 -13.71 -23.59 -49.22
CA ARG C 228 -13.44 -24.99 -48.89
C ARG C 228 -12.59 -25.75 -49.94
N GLU C 229 -12.55 -25.26 -51.17
CA GLU C 229 -11.65 -25.79 -52.18
C GLU C 229 -10.23 -25.40 -51.80
N LEU C 230 -10.07 -24.19 -51.26
CA LEU C 230 -8.74 -23.64 -50.97
C LEU C 230 -8.22 -24.17 -49.65
N GLN C 231 -9.00 -23.99 -48.59
CA GLN C 231 -8.59 -24.53 -47.28
C GLN C 231 -9.75 -25.23 -46.61
N PRO C 232 -9.92 -26.52 -46.92
CA PRO C 232 -11.12 -27.21 -46.49
C PRO C 232 -11.28 -27.30 -44.97
N ASN C 233 -10.21 -27.12 -44.20
CA ASN C 233 -10.33 -27.27 -42.72
C ASN C 233 -10.59 -25.97 -41.96
N VAL C 234 -10.75 -24.86 -42.67
CA VAL C 234 -10.84 -23.61 -42.02
C VAL C 234 -12.16 -23.60 -41.27
N LEU C 235 -12.18 -23.03 -40.07
CA LEU C 235 -13.44 -22.81 -39.36
C LEU C 235 -13.97 -21.42 -39.67
N ILE C 236 -15.26 -21.32 -39.91
CA ILE C 236 -15.89 -20.07 -40.28
C ILE C 236 -16.89 -19.76 -39.18
N ASP C 237 -17.16 -18.51 -38.93
CA ASP C 237 -18.15 -18.13 -37.94
C ASP C 237 -19.53 -18.12 -38.62
N ASN C 238 -20.54 -17.58 -37.92
CA ASN C 238 -21.93 -17.67 -38.36
C ASN C 238 -22.49 -16.35 -38.77
N ARG C 239 -21.68 -15.42 -39.28
CA ARG C 239 -22.22 -14.08 -39.57
C ARG C 239 -22.41 -13.74 -41.06
N LEU C 240 -22.32 -14.73 -41.95
CA LEU C 240 -22.78 -14.56 -43.37
C LEU C 240 -24.30 -14.67 -43.56
N GLY C 241 -25.07 -14.94 -42.51
CA GLY C 241 -26.54 -15.16 -42.60
C GLY C 241 -26.90 -16.62 -42.51
N GLY C 242 -28.17 -16.90 -42.48
CA GLY C 242 -28.55 -18.27 -42.23
C GLY C 242 -28.42 -18.67 -40.78
N ASN C 243 -28.77 -19.92 -40.50
CA ASN C 243 -29.12 -20.29 -39.17
C ASN C 243 -28.35 -21.54 -38.75
N ILE C 244 -27.31 -21.30 -37.99
CA ILE C 244 -26.50 -22.36 -37.48
C ILE C 244 -27.30 -23.25 -36.51
N LYS C 245 -28.37 -22.71 -35.91
CA LYS C 245 -29.25 -23.49 -35.00
C LYS C 245 -30.26 -24.40 -35.78
N ALA C 246 -30.44 -24.18 -37.07
CA ALA C 246 -31.36 -24.97 -37.85
C ALA C 246 -30.93 -26.43 -37.80
N ARG C 247 -31.90 -27.35 -37.90
CA ARG C 247 -31.66 -28.78 -38.26
C ARG C 247 -30.97 -28.96 -39.60
N GLU C 248 -31.32 -28.11 -40.57
CA GLU C 248 -30.71 -28.19 -41.90
C GLU C 248 -30.09 -26.83 -42.19
N PRO C 249 -28.87 -26.62 -41.63
CA PRO C 249 -28.25 -25.32 -41.80
C PRO C 249 -27.75 -25.20 -43.21
N GLU C 250 -27.83 -23.99 -43.74
CA GLU C 250 -27.23 -23.65 -45.00
C GLU C 250 -25.71 -23.96 -44.95
N ILE C 251 -25.12 -24.15 -46.12
CA ILE C 251 -23.68 -24.39 -46.25
C ILE C 251 -22.83 -23.22 -45.70
N TYR C 252 -23.40 -22.02 -45.74
CA TYR C 252 -22.74 -20.85 -45.25
C TYR C 252 -23.12 -20.45 -43.82
N ALA C 253 -23.74 -21.33 -43.06
CA ALA C 253 -24.26 -20.93 -41.74
C ALA C 253 -23.18 -20.94 -40.66
N GLY C 254 -22.07 -21.66 -40.88
CA GLY C 254 -20.91 -21.57 -40.06
C GLY C 254 -20.59 -22.78 -39.24
N ASP C 255 -19.35 -22.86 -38.75
CA ASP C 255 -18.96 -23.96 -37.89
C ASP C 255 -19.20 -23.60 -36.43
N PHE C 256 -19.28 -22.31 -36.08
CA PHE C 256 -19.45 -21.94 -34.67
C PHE C 256 -20.26 -20.66 -34.57
N ALA C 257 -21.01 -20.60 -33.49
CA ALA C 257 -21.78 -19.42 -33.13
C ALA C 257 -20.91 -18.41 -32.38
N SER C 258 -21.34 -17.14 -32.38
CA SER C 258 -20.45 -16.00 -31.94
C SER C 258 -21.24 -15.01 -31.07
N PRO C 259 -21.78 -15.44 -29.93
CA PRO C 259 -22.35 -14.44 -29.02
C PRO C 259 -21.29 -13.36 -28.66
N GLU C 260 -21.78 -12.14 -28.43
CA GLU C 260 -20.95 -10.98 -28.31
C GLU C 260 -21.22 -10.20 -27.05
N GLN C 261 -20.12 -9.90 -26.35
CA GLN C 261 -20.12 -9.03 -25.19
C GLN C 261 -21.11 -9.54 -24.15
N LEU C 262 -21.39 -10.84 -24.20
CA LEU C 262 -22.01 -11.54 -23.08
C LEU C 262 -21.68 -13.00 -23.11
N LEU C 263 -21.89 -13.61 -21.94
CA LEU C 263 -21.78 -15.04 -21.76
C LEU C 263 -23.20 -15.55 -21.73
N PRO C 264 -23.59 -16.38 -22.69
CA PRO C 264 -24.97 -16.84 -22.72
C PRO C 264 -25.35 -17.62 -21.45
N PRO C 265 -26.60 -17.46 -21.00
CA PRO C 265 -27.05 -18.12 -19.78
C PRO C 265 -26.93 -19.66 -19.77
N HIS C 266 -26.91 -20.27 -20.95
CA HIS C 266 -26.74 -21.71 -21.10
C HIS C 266 -25.91 -21.90 -22.38
N GLY C 267 -25.27 -23.05 -22.57
CA GLY C 267 -24.57 -23.31 -23.80
C GLY C 267 -25.48 -23.12 -25.01
N ILE C 268 -24.94 -22.69 -26.14
CA ILE C 268 -25.72 -22.58 -27.38
C ILE C 268 -26.05 -24.00 -27.88
N VAL C 269 -27.33 -24.26 -28.08
CA VAL C 269 -27.82 -25.50 -28.73
C VAL C 269 -28.64 -25.19 -29.99
N ASN C 270 -28.70 -26.18 -30.88
CA ASN C 270 -29.48 -26.08 -32.14
C ASN C 270 -30.92 -26.43 -31.76
N GLU C 271 -31.77 -26.46 -32.78
CA GLU C 271 -33.19 -26.74 -32.59
C GLU C 271 -33.48 -28.14 -31.98
N ASP C 272 -32.60 -29.12 -32.11
CA ASP C 272 -32.76 -30.46 -31.52
C ASP C 272 -32.20 -30.53 -30.09
N GLY C 273 -31.75 -29.39 -29.53
CA GLY C 273 -31.04 -29.34 -28.26
C GLY C 273 -29.63 -29.93 -28.32
N LYS C 274 -29.03 -30.10 -29.49
CA LYS C 274 -27.63 -30.55 -29.53
C LYS C 274 -26.68 -29.35 -29.32
N PRO C 275 -25.66 -29.48 -28.45
CA PRO C 275 -24.60 -28.46 -28.32
C PRO C 275 -23.99 -28.09 -29.67
N LEU C 276 -23.92 -26.78 -29.97
CA LEU C 276 -23.12 -26.30 -31.09
C LEU C 276 -21.80 -25.74 -30.56
N PRO C 277 -20.74 -25.78 -31.35
CA PRO C 277 -19.54 -25.02 -31.03
C PRO C 277 -19.89 -23.53 -30.97
N TRP C 278 -19.37 -22.85 -29.95
CA TRP C 278 -19.63 -21.44 -29.77
C TRP C 278 -18.44 -20.77 -29.09
N GLU C 279 -18.25 -19.50 -29.45
CA GLU C 279 -17.22 -18.64 -28.88
C GLU C 279 -17.87 -17.32 -28.46
N ALA C 280 -17.75 -16.92 -27.21
CA ALA C 280 -18.05 -15.53 -26.79
C ALA C 280 -16.86 -14.56 -27.09
N CYS C 281 -17.10 -13.55 -27.92
CA CYS C 281 -16.11 -12.53 -28.17
C CYS C 281 -16.38 -11.37 -27.21
N ILE C 282 -15.31 -11.00 -26.48
CA ILE C 282 -15.34 -10.15 -25.32
C ILE C 282 -14.20 -9.13 -25.38
N THR C 283 -14.54 -7.88 -25.08
CA THR C 283 -13.52 -6.82 -25.01
C THR C 283 -12.90 -6.76 -23.60
N LEU C 284 -11.64 -6.32 -23.53
CA LEU C 284 -10.89 -6.23 -22.27
C LEU C 284 -11.32 -4.97 -21.56
N ASN C 285 -11.40 -3.86 -22.30
CA ASN C 285 -12.15 -2.68 -21.79
C ASN C 285 -13.56 -2.71 -22.41
N HIS C 286 -14.13 -1.56 -22.83
CA HIS C 286 -15.43 -1.53 -23.47
C HIS C 286 -15.29 -1.43 -25.02
N HIS C 287 -14.08 -1.43 -25.58
CA HIS C 287 -13.91 -1.12 -26.98
C HIS C 287 -13.12 -2.21 -27.67
N TRP C 288 -13.40 -2.37 -28.98
CA TRP C 288 -12.62 -3.29 -29.85
C TRP C 288 -11.31 -2.66 -30.33
N GLY C 289 -11.44 -1.60 -31.15
CA GLY C 289 -10.34 -0.74 -31.44
C GLY C 289 -9.82 -0.04 -30.20
N TYR C 290 -8.57 0.44 -30.31
CA TYR C 290 -7.96 1.26 -29.28
C TYR C 290 -8.83 2.47 -28.99
N HIS C 291 -9.05 2.68 -27.70
CA HIS C 291 -9.73 3.91 -27.20
C HIS C 291 -8.80 4.60 -26.21
N ALA C 292 -8.37 5.82 -26.54
CA ALA C 292 -7.30 6.46 -25.78
C ALA C 292 -7.69 6.82 -24.32
N HIS C 293 -8.98 6.86 -23.99
CA HIS C 293 -9.43 7.29 -22.62
C HIS C 293 -10.30 6.25 -21.91
N ASP C 294 -10.37 5.01 -22.43
CA ASP C 294 -11.08 3.94 -21.82
C ASP C 294 -10.10 3.08 -21.08
N ARG C 295 -10.09 3.26 -19.76
CA ARG C 295 -9.28 2.46 -18.87
C ARG C 295 -10.15 1.55 -18.00
N ASP C 296 -11.45 1.50 -18.29
CA ASP C 296 -12.36 0.65 -17.52
C ASP C 296 -12.18 -0.82 -17.93
N TYR C 297 -11.09 -1.39 -17.45
CA TYR C 297 -10.62 -2.70 -17.75
C TYR C 297 -11.23 -3.74 -16.83
N LYS C 298 -11.53 -4.89 -17.41
CA LYS C 298 -11.84 -6.09 -16.66
C LYS C 298 -10.59 -6.54 -15.88
N THR C 299 -10.78 -7.17 -14.72
CA THR C 299 -9.68 -7.67 -13.96
C THR C 299 -9.24 -9.07 -14.44
N PRO C 300 -8.06 -9.53 -14.04
CA PRO C 300 -7.67 -10.90 -14.40
C PRO C 300 -8.66 -11.91 -13.82
N LYS C 301 -9.15 -11.64 -12.61
CA LYS C 301 -10.12 -12.48 -11.99
C LYS C 301 -11.41 -12.68 -12.82
N GLN C 302 -11.98 -11.61 -13.37
CA GLN C 302 -13.20 -11.71 -14.20
C GLN C 302 -12.86 -12.46 -15.47
N VAL C 303 -11.64 -12.31 -15.96
CA VAL C 303 -11.24 -12.95 -17.26
C VAL C 303 -11.21 -14.45 -17.03
N VAL C 304 -10.55 -14.83 -15.96
CA VAL C 304 -10.50 -16.24 -15.60
C VAL C 304 -11.94 -16.82 -15.43
N ARG C 305 -12.77 -16.11 -14.64
CA ARG C 305 -14.08 -16.60 -14.35
C ARG C 305 -14.91 -16.68 -15.62
N GLY C 306 -14.73 -15.77 -16.55
CA GLY C 306 -15.53 -15.78 -17.74
C GLY C 306 -15.08 -16.92 -18.63
N LEU C 307 -13.77 -17.16 -18.72
CA LEU C 307 -13.25 -18.34 -19.47
C LEU C 307 -13.86 -19.62 -18.87
N VAL C 308 -13.92 -19.65 -17.53
CA VAL C 308 -14.37 -20.85 -16.86
C VAL C 308 -15.85 -20.98 -17.19
N GLU C 309 -16.58 -19.85 -17.14
CA GLU C 309 -17.99 -19.92 -17.35
C GLU C 309 -18.25 -20.48 -18.78
N CYS C 310 -17.52 -19.96 -19.77
CA CYS C 310 -17.64 -20.41 -21.18
C CYS C 310 -17.41 -21.91 -21.33
N VAL C 311 -16.29 -22.38 -20.81
CA VAL C 311 -16.01 -23.79 -20.86
C VAL C 311 -17.11 -24.64 -20.17
N SER C 312 -17.62 -24.12 -19.06
CA SER C 312 -18.57 -24.83 -18.27
C SER C 312 -19.88 -24.99 -19.03
N LYS C 313 -20.05 -24.21 -20.09
CA LYS C 313 -21.19 -24.30 -20.94
C LYS C 313 -20.79 -24.74 -22.37
N ASN C 314 -19.68 -25.48 -22.48
CA ASN C 314 -19.22 -26.05 -23.81
C ASN C 314 -18.90 -25.01 -24.86
N GLY C 315 -18.41 -23.86 -24.42
CA GLY C 315 -17.93 -22.84 -25.37
C GLY C 315 -16.50 -22.36 -25.10
N ASN C 316 -16.09 -21.47 -26.00
CA ASN C 316 -14.87 -20.80 -26.08
C ASN C 316 -15.01 -19.32 -25.67
N MET C 317 -13.88 -18.71 -25.39
CA MET C 317 -13.81 -17.29 -25.26
C MET C 317 -12.69 -16.73 -26.13
N LEU C 318 -13.06 -15.70 -26.88
CA LEU C 318 -12.12 -14.94 -27.76
C LEU C 318 -11.95 -13.56 -27.14
N LEU C 319 -10.85 -13.40 -26.43
CA LEU C 319 -10.62 -12.12 -25.64
C LEU C 319 -9.82 -11.07 -26.44
N ASN C 320 -10.41 -9.91 -26.58
CA ASN C 320 -9.89 -8.88 -27.49
C ASN C 320 -8.82 -7.93 -26.90
N VAL C 321 -7.83 -7.59 -27.73
CA VAL C 321 -6.91 -6.43 -27.52
C VAL C 321 -7.02 -5.49 -28.71
N GLY C 322 -6.97 -4.21 -28.37
CA GLY C 322 -7.00 -3.10 -29.37
C GLY C 322 -5.72 -2.31 -29.31
N PRO C 323 -4.72 -2.64 -30.19
CA PRO C 323 -3.43 -1.97 -30.09
C PRO C 323 -3.52 -0.50 -30.51
N ASN C 324 -2.55 0.28 -29.99
CA ASN C 324 -2.52 1.70 -30.28
C ASN C 324 -1.94 1.94 -31.68
N ALA C 325 -1.89 3.20 -32.07
CA ALA C 325 -1.39 3.61 -33.42
C ALA C 325 0.09 3.27 -33.63
N LYS C 326 0.84 3.16 -32.55
CA LYS C 326 2.20 2.71 -32.63
C LYS C 326 2.31 1.21 -32.75
N GLY C 327 1.19 0.48 -32.62
CA GLY C 327 1.17 -0.96 -32.73
C GLY C 327 1.59 -1.71 -31.48
N GLU C 328 1.37 -1.09 -30.32
CA GLU C 328 1.59 -1.71 -29.00
C GLU C 328 0.23 -2.21 -28.43
N ILE C 329 0.22 -3.40 -27.86
CA ILE C 329 -0.85 -3.82 -26.99
C ILE C 329 -0.72 -2.95 -25.73
N PRO C 330 -1.82 -2.29 -25.30
CA PRO C 330 -1.69 -1.38 -24.17
C PRO C 330 -1.17 -2.07 -22.93
N GLN C 331 -0.37 -1.34 -22.17
CA GLN C 331 0.20 -1.84 -20.92
C GLN C 331 -0.87 -2.51 -20.04
N LEU C 332 -2.00 -1.83 -19.85
CA LEU C 332 -3.02 -2.40 -18.99
C LEU C 332 -3.59 -3.74 -19.55
N SER C 333 -3.74 -3.87 -20.86
CA SER C 333 -4.11 -5.12 -21.41
C SER C 333 -3.04 -6.15 -21.05
N LEU C 334 -1.77 -5.77 -21.25
CA LEU C 334 -0.67 -6.77 -21.02
C LEU C 334 -0.67 -7.17 -19.53
N ASP C 335 -1.11 -6.31 -18.62
CA ASP C 335 -1.05 -6.65 -17.17
C ASP C 335 -2.09 -7.72 -16.90
N VAL C 336 -3.30 -7.50 -17.42
CA VAL C 336 -4.36 -8.49 -17.25
C VAL C 336 -3.89 -9.83 -17.84
N LEU C 337 -3.45 -9.84 -19.11
CA LEU C 337 -3.03 -11.10 -19.75
C LEU C 337 -1.93 -11.85 -18.97
N GLY C 338 -1.05 -11.15 -18.30
CA GLY C 338 0.03 -11.88 -17.66
C GLY C 338 -0.44 -12.52 -16.38
N GLU C 339 -1.40 -11.90 -15.67
CA GLU C 339 -1.95 -12.51 -14.43
C GLU C 339 -2.90 -13.67 -14.76
N VAL C 340 -3.66 -13.52 -15.85
CA VAL C 340 -4.43 -14.68 -16.36
C VAL C 340 -3.46 -15.84 -16.65
N GLY C 341 -2.35 -15.55 -17.31
CA GLY C 341 -1.45 -16.62 -17.69
C GLY C 341 -0.94 -17.37 -16.46
N ALA C 342 -0.68 -16.62 -15.38
CA ALA C 342 -0.10 -17.25 -14.21
C ALA C 342 -1.13 -18.21 -13.65
N TRP C 343 -2.42 -17.85 -13.74
CA TRP C 343 -3.46 -18.74 -13.24
C TRP C 343 -3.58 -19.99 -14.15
N MET C 344 -3.52 -19.77 -15.46
CA MET C 344 -3.62 -20.87 -16.42
C MET C 344 -2.42 -21.83 -16.29
N ARG C 345 -1.25 -21.34 -15.93
CA ARG C 345 -0.06 -22.20 -15.80
C ARG C 345 -0.29 -23.31 -14.76
N ALA C 346 -0.99 -22.99 -13.68
CA ALA C 346 -1.32 -23.92 -12.58
C ALA C 346 -2.62 -24.75 -12.87
N ASN C 347 -3.62 -24.14 -13.55
CA ASN C 347 -4.99 -24.66 -13.54
C ASN C 347 -5.53 -24.99 -14.95
N GLY C 348 -4.69 -24.90 -15.96
CA GLY C 348 -5.12 -25.04 -17.35
C GLY C 348 -5.73 -26.38 -17.74
N ASP C 349 -5.40 -27.48 -17.05
CA ASP C 349 -6.07 -28.77 -17.20
C ASP C 349 -7.58 -28.71 -17.09
N SER C 350 -8.11 -27.80 -16.26
CA SER C 350 -9.53 -27.62 -16.09
C SER C 350 -10.18 -26.80 -17.21
N ILE C 351 -9.38 -26.27 -18.14
CA ILE C 351 -9.85 -25.52 -19.32
C ILE C 351 -9.68 -26.36 -20.60
N TYR C 352 -8.45 -26.72 -20.91
CA TYR C 352 -8.17 -27.29 -22.21
C TYR C 352 -8.75 -28.72 -22.27
N GLY C 353 -9.37 -29.07 -23.39
CA GLY C 353 -10.04 -30.34 -23.53
C GLY C 353 -11.24 -30.55 -22.63
N CYS C 354 -11.72 -29.52 -21.91
CA CYS C 354 -12.83 -29.65 -20.98
C CYS C 354 -14.14 -29.12 -21.60
N GLY C 355 -15.26 -29.53 -21.04
CA GLY C 355 -16.59 -29.03 -21.43
C GLY C 355 -17.50 -29.03 -20.24
N ALA C 356 -18.81 -29.01 -20.51
CA ALA C 356 -19.82 -28.99 -19.46
C ALA C 356 -19.90 -30.35 -18.75
N ALA C 357 -20.30 -30.35 -17.48
CA ALA C 357 -20.61 -31.54 -16.72
C ALA C 357 -22.12 -31.75 -16.80
N ALA C 358 -22.63 -32.98 -16.64
CA ALA C 358 -24.09 -33.10 -16.64
C ALA C 358 -24.61 -32.83 -15.22
N LEU C 359 -24.34 -31.65 -14.66
CA LEU C 359 -24.84 -31.24 -13.31
C LEU C 359 -25.30 -29.79 -13.40
N SER C 360 -26.31 -29.45 -12.63
CA SER C 360 -26.65 -28.04 -12.43
C SER C 360 -25.45 -27.30 -11.82
N LYS C 361 -25.41 -26.01 -12.09
CA LYS C 361 -24.42 -25.17 -11.54
C LYS C 361 -24.56 -25.15 -9.99
N PRO C 362 -23.49 -25.48 -9.26
CA PRO C 362 -23.51 -25.42 -7.82
C PRO C 362 -23.50 -24.00 -7.25
N GLU C 363 -23.86 -23.90 -5.97
CA GLU C 363 -23.94 -22.63 -5.25
C GLU C 363 -22.57 -21.91 -5.19
N TRP C 364 -21.48 -22.66 -5.11
CA TRP C 364 -20.15 -22.14 -4.71
C TRP C 364 -19.33 -21.81 -5.96
N GLY C 365 -19.86 -22.09 -7.16
CA GLY C 365 -19.00 -21.93 -8.29
C GLY C 365 -19.46 -22.66 -9.51
N ARG C 366 -18.52 -23.32 -10.20
CA ARG C 366 -18.84 -23.95 -11.49
C ARG C 366 -18.11 -25.30 -11.66
N TYR C 367 -18.64 -26.13 -12.57
CA TYR C 367 -18.04 -27.39 -12.94
C TYR C 367 -17.57 -27.34 -14.38
N THR C 368 -16.36 -27.87 -14.60
CA THR C 368 -15.93 -28.31 -15.97
C THR C 368 -15.56 -29.78 -15.86
N GLN C 369 -15.48 -30.44 -17.04
CA GLN C 369 -15.29 -31.87 -17.09
C GLN C 369 -14.58 -32.33 -18.35
N LYS C 370 -13.78 -33.36 -18.13
CA LYS C 370 -12.92 -33.98 -19.16
C LYS C 370 -12.80 -35.45 -18.74
N GLY C 371 -13.47 -36.33 -19.48
CA GLY C 371 -13.46 -37.76 -19.12
C GLY C 371 -13.98 -37.95 -17.72
N ASN C 372 -13.27 -38.70 -16.91
CA ASN C 372 -13.72 -38.93 -15.55
C ASN C 372 -13.10 -37.91 -14.55
N LYS C 373 -12.49 -36.84 -15.06
CA LYS C 373 -12.02 -35.71 -14.21
C LYS C 373 -13.11 -34.63 -14.21
N LEU C 374 -13.65 -34.41 -13.02
CA LEU C 374 -14.64 -33.38 -12.81
C LEU C 374 -13.93 -32.30 -12.01
N TYR C 375 -13.85 -31.09 -12.59
CA TYR C 375 -13.19 -29.98 -11.94
C TYR C 375 -14.22 -29.05 -11.27
N ALA C 376 -14.08 -28.91 -9.95
CA ALA C 376 -14.91 -28.00 -9.17
C ALA C 376 -14.15 -26.67 -9.00
N HIS C 377 -14.71 -25.61 -9.58
CA HIS C 377 -14.19 -24.33 -9.59
C HIS C 377 -14.78 -23.50 -8.44
N ILE C 378 -14.07 -23.44 -7.31
CA ILE C 378 -14.60 -22.72 -6.12
C ILE C 378 -14.45 -21.20 -6.32
N LEU C 379 -15.57 -20.56 -6.64
CA LEU C 379 -15.63 -19.13 -6.89
C LEU C 379 -15.97 -18.37 -5.59
N ASP C 380 -16.57 -19.08 -4.63
CA ASP C 380 -17.08 -18.52 -3.40
C ASP C 380 -16.93 -19.52 -2.25
N ARG C 381 -15.92 -19.32 -1.42
CA ARG C 381 -15.60 -20.17 -0.27
C ARG C 381 -16.80 -20.41 0.67
N GLY C 382 -17.77 -19.51 0.66
CA GLY C 382 -18.78 -19.49 1.71
C GLY C 382 -18.18 -19.53 3.12
N ILE C 383 -18.91 -20.18 4.01
CA ILE C 383 -18.53 -20.37 5.40
C ILE C 383 -18.71 -21.84 5.71
N GLY C 384 -17.72 -22.43 6.37
CA GLY C 384 -17.82 -23.81 6.73
C GLY C 384 -17.58 -24.71 5.51
N PRO C 385 -17.87 -26.01 5.64
CA PRO C 385 -17.58 -26.97 4.57
C PRO C 385 -18.47 -26.72 3.37
N ILE C 386 -17.96 -27.06 2.20
CA ILE C 386 -18.64 -26.79 0.96
C ILE C 386 -19.38 -28.04 0.48
N ALA C 387 -20.66 -27.86 0.17
CA ALA C 387 -21.59 -28.93 -0.15
C ALA C 387 -21.66 -29.17 -1.67
N LEU C 388 -21.35 -30.37 -2.15
CA LEU C 388 -21.52 -30.70 -3.55
C LEU C 388 -22.66 -31.73 -3.73
N GLN C 389 -23.81 -31.22 -4.16
CA GLN C 389 -25.01 -32.01 -4.27
C GLN C 389 -24.81 -33.07 -5.32
N GLY C 390 -25.19 -34.30 -5.00
CA GLY C 390 -25.30 -35.38 -6.00
C GLY C 390 -24.03 -36.18 -6.15
N LEU C 391 -23.00 -35.87 -5.35
CA LEU C 391 -21.70 -36.52 -5.62
C LEU C 391 -21.24 -37.39 -4.47
N ASN C 392 -22.03 -37.49 -3.39
CA ASN C 392 -21.74 -38.42 -2.30
C ASN C 392 -21.64 -39.84 -2.88
N GLY C 393 -20.52 -40.53 -2.60
CA GLY C 393 -20.24 -41.87 -3.18
C GLY C 393 -19.81 -41.91 -4.64
N ARG C 394 -19.77 -40.80 -5.37
CA ARG C 394 -19.36 -40.85 -6.79
C ARG C 394 -17.90 -40.40 -7.03
N VAL C 395 -17.18 -39.91 -6.01
CA VAL C 395 -15.81 -39.35 -6.17
C VAL C 395 -14.80 -40.28 -5.52
N LYS C 396 -13.82 -40.82 -6.27
CA LYS C 396 -12.69 -41.59 -5.66
C LYS C 396 -11.74 -40.68 -4.86
N GLU C 397 -11.10 -39.72 -5.54
CA GLU C 397 -10.06 -38.86 -5.02
C GLU C 397 -10.42 -37.38 -5.30
N ALA C 398 -9.96 -36.51 -4.41
CA ALA C 398 -9.95 -35.12 -4.63
C ALA C 398 -8.56 -34.55 -4.39
N ARG C 399 -8.13 -33.72 -5.33
CA ARG C 399 -6.89 -32.93 -5.30
C ARG C 399 -7.14 -31.47 -5.69
N LEU C 400 -6.37 -30.57 -5.08
CA LEU C 400 -6.20 -29.18 -5.51
C LEU C 400 -5.31 -29.18 -6.73
N LEU C 401 -5.87 -28.66 -7.83
CA LEU C 401 -5.24 -28.75 -9.11
C LEU C 401 -3.90 -28.03 -9.12
N ALA C 402 -3.82 -26.91 -8.41
CA ALA C 402 -2.64 -26.05 -8.43
C ALA C 402 -1.41 -26.72 -7.80
N ASP C 403 -1.55 -27.46 -6.70
CA ASP C 403 -0.37 -28.00 -5.97
C ASP C 403 -0.37 -29.53 -5.85
N GLY C 404 -1.37 -30.18 -6.44
CA GLY C 404 -1.64 -31.56 -6.30
C GLY C 404 -1.86 -32.08 -4.89
N ALA C 405 -2.29 -31.24 -3.92
CA ALA C 405 -2.53 -31.71 -2.57
C ALA C 405 -3.92 -32.36 -2.46
N GLU C 406 -4.04 -33.31 -1.55
CA GLU C 406 -5.27 -33.92 -1.20
C GLU C 406 -6.23 -32.90 -0.57
N VAL C 407 -7.52 -33.10 -0.83
CA VAL C 407 -8.62 -32.36 -0.21
C VAL C 407 -9.44 -33.36 0.60
N ASN C 408 -9.73 -33.05 1.85
CA ASN C 408 -10.49 -33.92 2.72
C ASN C 408 -11.95 -33.82 2.25
N ILE C 409 -12.53 -34.96 1.84
CA ILE C 409 -13.93 -35.03 1.45
C ILE C 409 -14.81 -35.85 2.38
N GLN C 410 -14.38 -36.01 3.61
CA GLN C 410 -15.18 -36.70 4.58
C GLN C 410 -16.26 -35.75 5.10
N THR C 411 -17.45 -36.29 5.31
CA THR C 411 -18.53 -35.53 5.93
C THR C 411 -18.17 -35.09 7.37
N PRO C 412 -18.07 -33.77 7.64
CA PRO C 412 -17.70 -33.36 9.01
C PRO C 412 -18.84 -33.58 9.99
N TRP C 413 -18.48 -33.57 11.27
CA TRP C 413 -19.41 -33.91 12.34
C TRP C 413 -20.67 -33.06 12.24
N ASN C 414 -20.50 -31.80 11.86
CA ASN C 414 -21.60 -30.81 11.92
C ASN C 414 -22.51 -30.89 10.68
N ALA C 415 -22.30 -31.90 9.81
CA ALA C 415 -22.91 -31.98 8.48
C ALA C 415 -23.55 -33.35 8.20
N VAL C 416 -23.76 -34.17 9.26
CA VAL C 416 -24.26 -35.60 9.13
C VAL C 416 -25.74 -35.64 8.77
N ASP C 417 -26.47 -34.55 9.02
CA ASP C 417 -27.86 -34.40 8.60
C ASP C 417 -28.02 -34.17 7.09
N TYR C 418 -26.93 -34.11 6.29
CA TYR C 418 -27.02 -33.76 4.86
C TYR C 418 -26.34 -34.81 3.98
N PRO C 419 -26.90 -36.04 3.94
CA PRO C 419 -26.21 -37.17 3.31
C PRO C 419 -26.26 -37.24 1.78
N ASP C 420 -27.13 -36.46 1.10
CA ASP C 420 -27.14 -36.40 -0.41
C ASP C 420 -26.00 -35.50 -0.97
N TYR C 421 -25.10 -35.02 -0.11
CA TYR C 421 -24.05 -34.10 -0.48
C TYR C 421 -22.69 -34.67 -0.16
N LEU C 422 -21.74 -34.39 -1.02
CA LEU C 422 -20.33 -34.52 -0.64
C LEU C 422 -19.82 -33.18 -0.03
N PHE C 423 -19.03 -33.25 1.04
CA PHE C 423 -18.46 -32.06 1.62
C PHE C 423 -16.96 -31.96 1.36
N VAL C 424 -16.56 -30.78 0.90
CA VAL C 424 -15.14 -30.40 0.74
C VAL C 424 -14.82 -29.56 1.95
N ASN C 425 -13.82 -29.96 2.71
CA ASN C 425 -13.44 -29.23 3.91
C ASN C 425 -12.16 -28.47 3.61
N ILE C 426 -12.20 -27.14 3.79
CA ILE C 426 -11.07 -26.22 3.67
C ILE C 426 -10.75 -25.72 5.07
N PRO C 427 -9.61 -26.05 5.63
CA PRO C 427 -9.33 -25.61 7.01
C PRO C 427 -9.05 -24.11 7.21
N THR C 428 -8.96 -23.32 6.15
CA THR C 428 -8.65 -21.92 6.27
C THR C 428 -9.90 -21.07 6.00
N ALA C 429 -10.00 -19.95 6.68
CA ALA C 429 -11.05 -18.96 6.38
C ALA C 429 -11.09 -18.54 4.93
N GLN C 430 -9.95 -18.40 4.28
CA GLN C 430 -9.94 -17.96 2.89
C GLN C 430 -9.34 -19.04 2.00
N LEU C 431 -9.72 -18.99 0.73
CA LEU C 431 -9.21 -19.92 -0.24
C LEU C 431 -7.74 -19.65 -0.57
N PRO C 432 -7.01 -20.68 -1.06
CA PRO C 432 -5.66 -20.41 -1.58
C PRO C 432 -5.67 -19.41 -2.75
N ASP C 433 -6.65 -19.48 -3.66
CA ASP C 433 -6.67 -18.64 -4.86
C ASP C 433 -8.01 -17.87 -4.99
N ASP C 434 -7.94 -16.55 -4.87
CA ASP C 434 -9.14 -15.74 -4.92
C ASP C 434 -9.75 -15.71 -6.34
N PHE C 435 -8.96 -15.93 -7.39
CA PHE C 435 -9.56 -15.91 -8.70
C PHE C 435 -10.55 -17.06 -8.80
N ASN C 436 -10.05 -18.21 -8.35
CA ASN C 436 -10.72 -19.46 -8.56
C ASN C 436 -9.80 -20.59 -8.05
N THR C 437 -10.26 -21.30 -7.02
CA THR C 437 -9.52 -22.46 -6.49
C THR C 437 -10.14 -23.73 -7.08
N VAL C 438 -9.38 -24.46 -7.89
CA VAL C 438 -9.90 -25.55 -8.64
C VAL C 438 -9.56 -26.83 -7.88
N ILE C 439 -10.60 -27.62 -7.59
CA ILE C 439 -10.46 -29.01 -7.11
C ILE C 439 -10.79 -30.01 -8.22
N GLU C 440 -9.83 -30.90 -8.49
CA GLU C 440 -9.97 -32.02 -9.40
C GLU C 440 -10.52 -33.23 -8.65
N LEU C 441 -11.72 -33.64 -9.06
CA LEU C 441 -12.43 -34.80 -8.52
C LEU C 441 -12.32 -35.91 -9.55
N THR C 442 -11.70 -37.03 -9.17
CA THR C 442 -11.76 -38.22 -9.97
C THR C 442 -13.06 -38.97 -9.67
N LEU C 443 -13.83 -39.22 -10.74
CA LEU C 443 -15.11 -39.94 -10.63
C LEU C 443 -14.88 -41.46 -10.62
N GLU C 444 -15.64 -42.15 -9.76
CA GLU C 444 -15.94 -43.63 -9.90
C GLU C 444 -16.61 -43.93 -11.26
N ASP C 445 -15.94 -44.76 -12.07
CA ASP C 445 -16.48 -45.35 -13.30
C ASP C 445 -17.67 -46.25 -12.97
N HIS D 21 -49.62 -20.15 26.21
CA HIS D 21 -48.12 -20.25 26.14
C HIS D 21 -47.66 -21.51 25.36
N MET D 22 -48.44 -22.59 25.44
CA MET D 22 -48.20 -23.83 24.65
C MET D 22 -48.67 -23.70 23.18
N THR D 23 -49.69 -22.87 22.92
CA THR D 23 -50.49 -22.92 21.65
C THR D 23 -49.66 -22.42 20.45
N LEU D 24 -50.19 -22.62 19.23
CA LEU D 24 -49.48 -22.26 17.98
C LEU D 24 -49.56 -20.74 17.67
N THR D 25 -50.60 -20.02 18.10
CA THR D 25 -50.61 -18.54 18.10
C THR D 25 -49.47 -18.01 18.99
N ALA D 26 -49.31 -18.57 20.20
CA ALA D 26 -48.27 -18.13 21.15
C ALA D 26 -46.86 -18.40 20.57
N ARG D 27 -46.72 -19.44 19.74
CA ARG D 27 -45.48 -19.70 19.05
C ARG D 27 -45.19 -18.55 18.09
N GLU D 28 -46.12 -18.35 17.16
CA GLU D 28 -45.99 -17.33 16.15
C GLU D 28 -45.78 -15.97 16.80
N GLN D 29 -46.56 -15.66 17.81
CA GLN D 29 -46.44 -14.38 18.49
C GLN D 29 -44.99 -14.14 18.94
N ARG D 30 -44.26 -15.16 19.39
CA ARG D 30 -43.02 -14.88 20.07
C ARG D 30 -41.82 -15.00 19.12
N ILE D 31 -41.99 -15.65 17.98
CA ILE D 31 -40.89 -15.89 17.03
C ILE D 31 -40.73 -14.72 16.00
N GLN D 32 -41.77 -13.87 15.86
CA GLN D 32 -41.88 -12.91 14.75
C GLN D 32 -40.61 -12.02 14.68
N TRP D 33 -40.25 -11.39 15.81
CA TRP D 33 -39.10 -10.56 15.90
C TRP D 33 -37.82 -11.28 15.46
N PHE D 34 -37.62 -12.51 15.92
CA PHE D 34 -36.45 -13.29 15.58
C PHE D 34 -36.36 -13.50 14.07
N ASN D 35 -37.47 -13.86 13.45
CA ASN D 35 -37.42 -14.12 12.02
C ASN D 35 -37.21 -12.82 11.25
N HIS D 36 -37.68 -11.71 11.83
CA HIS D 36 -37.52 -10.41 11.21
C HIS D 36 -36.07 -9.89 11.35
N ASP D 37 -35.48 -10.03 12.53
CA ASP D 37 -34.25 -9.36 12.85
C ASP D 37 -33.02 -10.00 12.16
N ARG D 38 -33.02 -11.33 11.97
CA ARG D 38 -32.04 -12.10 11.23
C ARG D 38 -30.58 -12.17 11.69
N PHE D 39 -29.98 -11.12 12.23
CA PHE D 39 -28.54 -11.07 12.47
C PHE D 39 -28.29 -10.73 13.95
N GLY D 40 -27.56 -11.58 14.67
CA GLY D 40 -27.18 -11.20 16.08
C GLY D 40 -25.74 -11.55 16.41
N MET D 41 -25.33 -11.15 17.60
CA MET D 41 -23.99 -11.37 18.11
C MET D 41 -23.93 -12.51 19.14
N PHE D 42 -23.05 -13.52 18.90
CA PHE D 42 -22.71 -14.48 19.94
C PHE D 42 -21.52 -13.96 20.75
N ILE D 43 -21.54 -14.13 22.07
CA ILE D 43 -20.47 -13.69 22.95
C ILE D 43 -20.10 -14.86 23.88
N HIS D 44 -18.90 -15.43 23.68
CA HIS D 44 -18.27 -16.38 24.61
C HIS D 44 -17.19 -15.69 25.41
N TRP D 45 -17.36 -15.62 26.72
CA TRP D 45 -16.45 -14.96 27.57
C TRP D 45 -16.51 -15.64 28.94
N GLY D 46 -15.35 -15.87 29.54
CA GLY D 46 -15.27 -16.48 30.85
C GLY D 46 -13.81 -16.69 31.24
N LEU D 47 -13.55 -17.48 32.29
CA LEU D 47 -12.23 -17.76 32.78
C LEU D 47 -11.33 -18.28 31.65
N TYR D 48 -11.91 -19.03 30.72
CA TYR D 48 -11.15 -19.60 29.64
C TYR D 48 -10.51 -18.57 28.71
N ALA D 49 -10.83 -17.28 28.83
CA ALA D 49 -10.12 -16.22 28.01
C ALA D 49 -8.66 -16.02 28.47
N ILE D 50 -8.32 -16.46 29.68
CA ILE D 50 -6.95 -16.44 30.20
C ILE D 50 -6.15 -17.57 29.56
N PRO D 51 -6.50 -18.86 29.70
CA PRO D 51 -5.73 -19.87 28.98
C PRO D 51 -5.73 -19.60 27.46
N ALA D 52 -6.82 -18.94 27.00
CA ALA D 52 -6.92 -18.33 25.70
C ALA D 52 -6.53 -19.33 24.63
N ARG D 53 -7.02 -20.56 24.81
CA ARG D 53 -6.88 -21.58 23.77
C ARG D 53 -8.17 -22.36 23.58
N GLY D 54 -9.31 -21.78 23.94
CA GLY D 54 -10.58 -22.48 23.71
C GLY D 54 -11.29 -22.84 25.01
N GLU D 55 -12.62 -22.64 24.99
CA GLU D 55 -13.49 -22.87 26.12
C GLU D 55 -13.57 -24.34 26.57
N TRP D 56 -13.19 -25.29 25.70
CA TRP D 56 -13.03 -26.66 26.09
C TRP D 56 -11.70 -26.99 26.79
N VAL D 57 -10.88 -26.02 27.19
CA VAL D 57 -9.53 -26.35 27.58
C VAL D 57 -9.51 -27.36 28.75
N ARG D 58 -10.41 -27.21 29.73
CA ARG D 58 -10.47 -28.21 30.92
C ARG D 58 -10.70 -29.67 30.46
N SER D 59 -11.53 -29.84 29.43
CA SER D 59 -11.84 -31.14 28.90
C SER D 59 -10.63 -31.71 28.16
N PHE D 60 -10.14 -31.02 27.12
CA PHE D 60 -9.09 -31.63 26.25
C PHE D 60 -7.72 -31.65 26.93
N GLU D 61 -7.47 -30.83 27.95
CA GLU D 61 -6.24 -30.96 28.77
C GLU D 61 -6.54 -31.60 30.15
N ARG D 62 -7.76 -32.14 30.37
CA ARG D 62 -8.13 -32.86 31.64
C ARG D 62 -7.66 -32.05 32.86
N ILE D 63 -8.13 -30.82 32.97
CA ILE D 63 -7.61 -29.97 34.03
C ILE D 63 -8.51 -30.15 35.26
N PRO D 64 -7.93 -30.49 36.42
CA PRO D 64 -8.73 -30.46 37.62
C PRO D 64 -9.17 -29.04 38.02
N VAL D 65 -10.31 -28.97 38.67
CA VAL D 65 -10.77 -27.71 39.22
C VAL D 65 -9.65 -26.92 39.93
N GLU D 66 -8.81 -27.63 40.70
CA GLU D 66 -7.79 -26.93 41.58
C GLU D 66 -6.78 -26.17 40.72
N ASP D 67 -6.48 -26.71 39.52
CA ASP D 67 -5.52 -26.15 38.64
C ASP D 67 -6.10 -25.03 37.78
N TYR D 68 -7.42 -24.92 37.71
CA TYR D 68 -8.08 -23.88 36.93
C TYR D 68 -8.36 -22.74 37.83
N GLU D 69 -8.16 -22.96 39.12
CA GLU D 69 -8.38 -21.93 40.15
C GLU D 69 -7.55 -20.67 39.85
N LYS D 70 -6.31 -20.83 39.39
CA LYS D 70 -5.46 -19.68 39.07
C LYS D 70 -6.13 -18.68 38.08
N TYR D 71 -7.04 -19.16 37.24
CA TYR D 71 -7.70 -18.26 36.33
C TYR D 71 -8.73 -17.45 37.08
N PHE D 72 -9.50 -18.14 37.91
CA PHE D 72 -10.50 -17.54 38.81
C PHE D 72 -9.87 -16.40 39.61
N ASN D 73 -8.71 -16.66 40.18
CA ASN D 73 -8.04 -15.68 41.06
C ASN D 73 -7.32 -14.53 40.33
N SER D 74 -7.12 -14.68 38.99
CA SER D 74 -6.47 -13.66 38.23
C SER D 74 -7.45 -12.96 37.29
N PHE D 75 -8.74 -13.21 37.43
CA PHE D 75 -9.71 -12.71 36.48
C PHE D 75 -10.15 -11.33 36.95
N ASN D 76 -9.63 -10.29 36.28
CA ASN D 76 -9.92 -8.88 36.63
C ASN D 76 -9.94 -8.03 35.38
N PRO D 77 -10.98 -8.21 34.52
CA PRO D 77 -11.08 -7.50 33.26
C PRO D 77 -10.99 -5.97 33.42
N VAL D 78 -9.84 -5.44 33.04
CA VAL D 78 -9.57 -4.06 33.21
C VAL D 78 -10.31 -3.22 32.16
N ASN D 79 -10.77 -3.76 31.02
CA ASN D 79 -11.37 -2.91 29.94
C ASN D 79 -12.68 -3.56 29.44
N TYR D 80 -13.51 -4.02 30.40
CA TYR D 80 -14.86 -4.59 30.11
C TYR D 80 -15.88 -3.44 30.11
N ASP D 81 -16.27 -3.05 28.88
CA ASP D 81 -17.25 -2.01 28.73
C ASP D 81 -18.33 -2.48 27.77
N PRO D 82 -19.37 -3.16 28.30
CA PRO D 82 -20.42 -3.77 27.48
C PRO D 82 -21.24 -2.71 26.74
N LYS D 83 -21.12 -1.44 27.18
CA LYS D 83 -21.73 -0.35 26.31
C LYS D 83 -20.96 -0.19 24.98
N ALA D 84 -19.62 -0.36 25.03
CA ALA D 84 -18.83 -0.33 23.84
C ALA D 84 -19.19 -1.52 22.98
N TRP D 85 -19.33 -2.67 23.64
CA TRP D 85 -19.77 -3.86 22.88
C TRP D 85 -21.15 -3.67 22.23
N ALA D 86 -22.09 -3.13 22.99
CA ALA D 86 -23.45 -3.02 22.44
C ALA D 86 -23.46 -2.05 21.25
N LYS D 87 -22.64 -1.01 21.34
CA LYS D 87 -22.50 0.00 20.29
C LYS D 87 -21.86 -0.60 19.02
N ALA D 88 -20.85 -1.43 19.20
CA ALA D 88 -20.24 -2.14 18.12
C ALA D 88 -21.26 -3.08 17.46
N ALA D 89 -22.04 -3.79 18.27
CA ALA D 89 -23.07 -4.68 17.70
C ALA D 89 -24.15 -3.94 16.90
N LYS D 90 -24.66 -2.86 17.48
CA LYS D 90 -25.66 -2.08 16.80
C LYS D 90 -25.11 -1.54 15.46
N ALA D 91 -23.87 -1.06 15.49
CA ALA D 91 -23.25 -0.41 14.32
C ALA D 91 -23.01 -1.38 13.20
N ALA D 92 -22.78 -2.66 13.57
CA ALA D 92 -22.66 -3.82 12.64
C ALA D 92 -23.99 -4.20 11.97
N GLY D 93 -25.11 -3.76 12.54
CA GLY D 93 -26.43 -4.12 12.03
C GLY D 93 -27.05 -5.31 12.75
N MET D 94 -26.40 -5.76 13.82
CA MET D 94 -26.97 -6.77 14.66
C MET D 94 -28.15 -6.21 15.48
N LYS D 95 -29.18 -7.03 15.67
CA LYS D 95 -30.40 -6.67 16.37
C LYS D 95 -30.57 -7.44 17.68
N TYR D 96 -29.68 -8.39 17.96
CA TYR D 96 -29.76 -9.13 19.21
C TYR D 96 -28.42 -9.76 19.55
N ALA D 97 -28.29 -10.29 20.75
CA ALA D 97 -27.08 -10.89 21.20
C ALA D 97 -27.40 -12.00 22.20
N VAL D 98 -26.52 -13.01 22.26
CA VAL D 98 -26.56 -14.11 23.14
C VAL D 98 -25.17 -14.16 23.79
N MET D 99 -25.13 -14.01 25.11
CA MET D 99 -23.91 -14.02 25.82
C MET D 99 -23.88 -15.23 26.80
N THR D 100 -22.74 -15.95 26.88
CA THR D 100 -22.50 -17.03 27.86
C THR D 100 -22.56 -16.55 29.35
N THR D 101 -23.65 -16.91 30.03
CA THR D 101 -23.87 -16.68 31.52
C THR D 101 -23.14 -17.78 32.32
N LYS D 102 -23.05 -18.99 31.74
CA LYS D 102 -22.20 -20.07 32.30
C LYS D 102 -21.89 -21.04 31.21
N HIS D 103 -20.61 -21.34 31.01
CA HIS D 103 -20.25 -22.35 30.01
C HIS D 103 -19.99 -23.73 30.75
N HIS D 104 -19.51 -24.74 30.01
CA HIS D 104 -19.16 -26.06 30.46
C HIS D 104 -18.31 -26.07 31.74
N ASP D 105 -17.37 -25.18 31.86
CA ASP D 105 -16.49 -25.13 33.02
C ASP D 105 -17.26 -24.75 34.30
N GLY D 106 -18.54 -24.36 34.15
CA GLY D 106 -19.41 -24.02 35.30
C GLY D 106 -19.24 -22.69 35.98
N PHE D 107 -18.24 -21.88 35.59
CA PHE D 107 -18.07 -20.52 36.04
C PHE D 107 -19.22 -19.64 35.57
N CYS D 108 -19.73 -18.88 36.54
CA CYS D 108 -20.94 -18.14 36.35
C CYS D 108 -20.65 -16.64 36.28
N LEU D 109 -20.97 -16.04 35.12
CA LEU D 109 -20.73 -14.60 34.89
C LEU D 109 -21.78 -13.71 35.60
N PHE D 110 -22.91 -14.30 36.05
CA PHE D 110 -23.96 -13.58 36.77
C PHE D 110 -23.87 -13.82 38.27
N ASP D 111 -24.57 -13.02 39.07
CA ASP D 111 -24.46 -13.12 40.59
C ASP D 111 -25.44 -14.15 41.20
N SER D 112 -25.20 -15.45 40.91
CA SER D 112 -25.99 -16.55 41.44
C SER D 112 -25.90 -16.66 42.95
N ALA D 113 -27.06 -16.89 43.55
CA ALA D 113 -27.18 -17.22 44.99
C ALA D 113 -26.83 -18.68 45.23
N LEU D 114 -26.66 -19.51 44.20
CA LEU D 114 -26.52 -20.95 44.31
C LEU D 114 -25.08 -21.49 44.20
N THR D 115 -24.08 -20.62 44.04
CA THR D 115 -22.67 -21.00 43.98
C THR D 115 -21.83 -19.80 44.35
N ASP D 116 -20.60 -20.08 44.76
CA ASP D 116 -19.61 -19.02 44.94
C ASP D 116 -18.58 -18.99 43.77
N TYR D 117 -18.74 -19.91 42.80
CA TYR D 117 -17.92 -19.93 41.60
C TYR D 117 -18.52 -18.97 40.54
N LYS D 118 -18.35 -17.67 40.80
CA LYS D 118 -19.03 -16.65 40.02
C LYS D 118 -18.20 -15.41 39.99
N ALA D 119 -18.48 -14.57 38.99
CA ALA D 119 -17.69 -13.34 38.77
C ALA D 119 -17.67 -12.37 39.96
N THR D 120 -18.76 -12.26 40.73
CA THR D 120 -18.75 -11.35 41.91
C THR D 120 -17.75 -11.77 43.00
N ASN D 121 -17.25 -13.01 43.00
CA ASN D 121 -16.20 -13.48 43.93
C ASN D 121 -14.79 -13.53 43.33
N THR D 122 -14.63 -13.21 42.04
CA THR D 122 -13.29 -12.98 41.45
C THR D 122 -12.86 -11.59 41.81
N PRO D 123 -11.58 -11.23 41.60
CA PRO D 123 -11.23 -9.80 41.71
C PRO D 123 -12.11 -8.83 40.90
N ALA D 124 -12.72 -9.28 39.81
CA ALA D 124 -13.62 -8.43 39.08
C ALA D 124 -14.70 -7.82 40.00
N GLY D 125 -15.26 -8.66 40.85
CA GLY D 125 -16.26 -8.25 41.77
C GLY D 125 -17.48 -7.64 41.10
N ARG D 126 -17.89 -8.19 39.96
CA ARG D 126 -18.97 -7.54 39.18
C ARG D 126 -19.90 -8.61 38.66
N ASP D 127 -21.18 -8.24 38.54
CA ASP D 127 -22.12 -9.01 37.76
C ASP D 127 -21.98 -8.56 36.28
N LEU D 128 -21.07 -9.23 35.59
CA LEU D 128 -20.86 -9.06 34.17
C LEU D 128 -22.16 -9.20 33.34
N ILE D 129 -22.98 -10.19 33.65
CA ILE D 129 -24.25 -10.43 32.90
C ILE D 129 -25.25 -9.28 33.07
N ARG D 130 -25.32 -8.67 34.27
CA ARG D 130 -26.27 -7.53 34.49
C ARG D 130 -25.89 -6.35 33.59
N GLU D 131 -24.59 -6.05 33.59
CA GLU D 131 -23.97 -4.98 32.82
C GLU D 131 -24.18 -5.20 31.31
N TYR D 132 -24.02 -6.42 30.87
CA TYR D 132 -24.34 -6.77 29.49
C TYR D 132 -25.82 -6.56 29.17
N ALA D 133 -26.70 -7.07 30.01
CA ALA D 133 -28.12 -7.05 29.70
C ALA D 133 -28.60 -5.62 29.56
N ASP D 134 -28.25 -4.76 30.54
CA ASP D 134 -28.63 -3.36 30.49
C ASP D 134 -28.05 -2.62 29.28
N ALA D 135 -26.72 -2.76 29.06
CA ALA D 135 -26.07 -2.19 27.92
C ALA D 135 -26.75 -2.52 26.59
N PHE D 136 -27.06 -3.78 26.37
CA PHE D 136 -27.59 -4.11 25.04
C PHE D 136 -29.04 -3.64 24.91
N ARG D 137 -29.73 -3.69 26.03
CA ARG D 137 -31.13 -3.32 26.04
C ARG D 137 -31.24 -1.83 25.70
N ALA D 138 -30.29 -1.04 26.24
CA ALA D 138 -30.27 0.41 26.05
C ALA D 138 -30.00 0.81 24.57
N GLU D 139 -29.35 -0.05 23.78
CA GLU D 139 -29.19 0.15 22.35
C GLU D 139 -30.29 -0.49 21.52
N GLY D 140 -31.30 -1.07 22.18
CA GLY D 140 -32.50 -1.60 21.50
C GLY D 140 -32.24 -2.98 20.96
N LEU D 141 -31.16 -3.61 21.41
CA LEU D 141 -30.92 -4.97 20.97
C LEU D 141 -31.72 -5.91 21.89
N LYS D 142 -32.27 -6.98 21.33
CA LYS D 142 -32.78 -8.11 22.17
C LYS D 142 -31.67 -8.85 22.93
N VAL D 143 -31.98 -9.28 24.14
CA VAL D 143 -31.01 -9.77 25.09
C VAL D 143 -31.20 -11.28 25.21
N GLY D 144 -30.15 -12.01 24.89
CA GLY D 144 -30.18 -13.46 25.02
C GLY D 144 -29.11 -13.93 25.99
N PHE D 145 -29.43 -15.04 26.65
CA PHE D 145 -28.55 -15.69 27.61
C PHE D 145 -28.28 -17.10 27.14
N TYR D 146 -26.98 -17.44 26.97
CA TYR D 146 -26.56 -18.81 26.83
C TYR D 146 -26.35 -19.46 28.23
N TYR D 147 -26.88 -20.68 28.45
CA TYR D 147 -26.66 -21.42 29.69
C TYR D 147 -26.24 -22.82 29.33
N SER D 148 -25.02 -23.19 29.73
CA SER D 148 -24.53 -24.58 29.63
C SER D 148 -25.23 -25.51 30.65
N ILE D 149 -25.94 -26.53 30.13
CA ILE D 149 -26.60 -27.56 31.00
C ILE D 149 -25.57 -28.61 31.41
N ILE D 150 -24.55 -28.83 30.58
CA ILE D 150 -23.26 -29.44 31.02
C ILE D 150 -22.57 -28.58 32.07
N ASP D 151 -22.01 -29.21 33.13
CA ASP D 151 -21.28 -28.45 34.16
C ASP D 151 -20.10 -29.24 34.69
N TRP D 152 -18.88 -28.78 34.40
CA TRP D 152 -17.70 -29.51 34.80
C TRP D 152 -17.19 -29.02 36.12
N HIS D 153 -17.94 -28.21 36.82
CA HIS D 153 -17.54 -27.82 38.16
C HIS D 153 -18.42 -28.37 39.28
N HIS D 154 -19.76 -28.41 39.06
CA HIS D 154 -20.73 -28.90 40.05
C HIS D 154 -20.36 -30.33 40.41
N PRO D 155 -20.26 -30.65 41.70
CA PRO D 155 -19.81 -32.01 42.09
C PRO D 155 -20.83 -33.13 41.82
N ASP D 156 -22.10 -32.79 41.59
CA ASP D 156 -23.11 -33.81 41.32
C ASP D 156 -23.25 -34.10 39.83
N TYR D 157 -22.48 -33.42 38.96
CA TYR D 157 -22.62 -33.72 37.51
C TYR D 157 -21.74 -34.96 37.18
N PRO D 158 -22.23 -35.95 36.43
CA PRO D 158 -21.43 -37.10 36.10
C PRO D 158 -20.05 -36.74 35.53
N ALA D 159 -19.04 -37.34 36.14
CA ALA D 159 -17.68 -37.08 35.80
C ALA D 159 -17.05 -38.34 35.19
N TYR D 160 -16.69 -39.32 36.05
CA TYR D 160 -16.14 -40.60 35.58
C TYR D 160 -17.01 -41.25 34.50
N GLY D 161 -16.40 -41.61 33.37
CA GLY D 161 -17.13 -42.21 32.26
C GLY D 161 -17.91 -41.25 31.36
N ASP D 162 -18.00 -39.96 31.73
CA ASP D 162 -18.75 -38.99 30.90
C ASP D 162 -18.07 -38.78 29.54
N ARG D 163 -18.83 -38.36 28.53
CA ARG D 163 -18.25 -38.14 27.17
C ARG D 163 -17.13 -37.11 27.14
N GLN D 164 -17.21 -36.07 27.96
CA GLN D 164 -16.18 -35.05 27.90
C GLN D 164 -15.85 -34.39 29.24
N HIS D 165 -16.31 -34.91 30.36
CA HIS D 165 -15.91 -34.24 31.58
C HIS D 165 -14.35 -34.20 31.67
N PRO D 166 -13.74 -33.10 32.12
CA PRO D 166 -12.29 -33.12 32.37
C PRO D 166 -11.79 -34.39 33.11
N MET D 167 -12.52 -34.80 34.16
CA MET D 167 -12.12 -35.97 35.01
C MET D 167 -12.71 -37.30 34.50
N ARG D 168 -13.04 -37.39 33.20
CA ARG D 168 -13.69 -38.60 32.70
C ARG D 168 -12.85 -39.88 32.82
N ASP D 169 -11.53 -39.79 32.88
CA ASP D 169 -10.69 -41.02 32.91
C ASP D 169 -9.91 -41.09 34.22
N ASN D 170 -10.29 -40.28 35.20
CA ASN D 170 -9.61 -40.25 36.45
C ASN D 170 -10.31 -41.18 37.44
N ALA D 171 -9.69 -42.33 37.70
CA ALA D 171 -10.22 -43.37 38.60
C ALA D 171 -10.61 -42.83 39.98
N GLU D 172 -9.95 -41.79 40.50
CA GLU D 172 -10.33 -41.24 41.82
C GLU D 172 -11.77 -40.68 41.89
N PHE D 173 -12.45 -40.59 40.75
CA PHE D 173 -13.81 -40.07 40.61
C PHE D 173 -14.78 -41.23 40.47
N LYS D 174 -14.28 -42.43 40.16
CA LYS D 174 -15.17 -43.59 40.12
C LYS D 174 -15.80 -43.74 41.51
N ASP D 175 -17.13 -43.97 41.53
CA ASP D 175 -17.86 -44.33 42.76
C ASP D 175 -17.78 -43.19 43.82
N ARG D 176 -17.78 -41.94 43.35
CA ARG D 176 -17.82 -40.78 44.22
C ARG D 176 -19.27 -40.56 44.68
N PRO D 177 -19.54 -40.11 45.90
CA PRO D 177 -20.93 -39.84 46.22
C PRO D 177 -21.47 -38.65 45.42
N GLN D 178 -22.51 -38.87 44.63
CA GLN D 178 -23.12 -37.82 43.85
C GLN D 178 -24.64 -38.00 43.80
N ASP D 179 -25.37 -36.89 43.74
CA ASP D 179 -26.78 -36.97 43.47
C ASP D 179 -27.16 -36.04 42.32
N PHE D 180 -27.35 -36.61 41.14
CA PHE D 180 -27.72 -35.84 40.02
C PHE D 180 -28.91 -34.89 40.27
N ASN D 181 -29.86 -35.28 41.10
CA ASN D 181 -31.01 -34.39 41.39
C ASN D 181 -30.60 -33.07 42.02
N ARG D 182 -29.46 -33.02 42.73
CA ARG D 182 -28.97 -31.77 43.31
C ARG D 182 -28.47 -30.77 42.24
N TYR D 183 -27.82 -31.31 41.21
CA TYR D 183 -27.44 -30.52 40.08
C TYR D 183 -28.68 -30.02 39.31
N LEU D 184 -29.71 -30.85 39.15
CA LEU D 184 -30.97 -30.37 38.51
C LEU D 184 -31.62 -29.23 39.31
N ASP D 185 -31.63 -29.35 40.64
CA ASP D 185 -32.11 -28.29 41.50
C ASP D 185 -31.35 -26.99 41.22
N TYR D 186 -30.02 -27.10 41.13
CA TYR D 186 -29.09 -26.01 40.85
C TYR D 186 -29.38 -25.38 39.47
N MET D 187 -29.42 -26.22 38.43
CA MET D 187 -29.61 -25.79 37.11
C MET D 187 -30.98 -25.10 36.96
N HIS D 188 -32.04 -25.70 37.50
CA HIS D 188 -33.38 -25.17 37.36
C HIS D 188 -33.40 -23.86 38.14
N GLY D 189 -32.67 -23.81 39.25
CA GLY D 189 -32.65 -22.58 40.10
C GLY D 189 -31.96 -21.42 39.42
N GLN D 190 -30.91 -21.78 38.66
CA GLN D 190 -30.11 -20.82 37.95
C GLN D 190 -30.91 -20.24 36.78
N VAL D 191 -31.62 -21.08 36.03
CA VAL D 191 -32.44 -20.61 34.95
C VAL D 191 -33.53 -19.67 35.55
N LYS D 192 -34.01 -19.99 36.75
CA LYS D 192 -35.07 -19.13 37.37
C LYS D 192 -34.46 -17.77 37.76
N GLU D 193 -33.22 -17.79 38.27
CA GLU D 193 -32.52 -16.53 38.62
C GLU D 193 -32.34 -15.65 37.36
N LEU D 194 -31.96 -16.28 36.24
CA LEU D 194 -31.66 -15.58 35.03
C LEU D 194 -32.94 -14.95 34.52
N LEU D 195 -34.05 -15.67 34.65
CA LEU D 195 -35.33 -15.19 34.14
C LEU D 195 -36.09 -14.33 35.14
N THR D 196 -35.55 -14.01 36.30
CA THR D 196 -36.27 -13.14 37.23
C THR D 196 -35.44 -11.92 37.65
N ASN D 197 -34.11 -12.01 37.68
CA ASN D 197 -33.33 -10.91 38.22
C ASN D 197 -32.80 -9.92 37.16
N TYR D 198 -33.10 -10.11 35.86
CA TYR D 198 -32.33 -9.46 34.75
C TYR D 198 -33.27 -8.89 33.68
N GLY D 199 -34.47 -8.53 34.10
CA GLY D 199 -35.51 -8.03 33.23
C GLY D 199 -35.92 -9.02 32.15
N THR D 200 -36.41 -8.46 31.04
CA THR D 200 -36.99 -9.21 29.96
C THR D 200 -35.85 -9.83 29.18
N ILE D 201 -35.91 -11.16 29.03
CA ILE D 201 -34.97 -11.98 28.29
C ILE D 201 -35.68 -12.53 27.06
N ASP D 202 -35.05 -12.42 25.90
CA ASP D 202 -35.68 -12.73 24.64
C ASP D 202 -35.27 -14.09 24.11
N VAL D 203 -34.08 -14.58 24.54
CA VAL D 203 -33.51 -15.84 24.08
C VAL D 203 -32.84 -16.56 25.27
N LEU D 204 -33.11 -17.86 25.37
CA LEU D 204 -32.41 -18.80 26.26
C LEU D 204 -31.75 -19.86 25.38
N TRP D 205 -30.43 -19.92 25.43
CA TRP D 205 -29.70 -20.71 24.45
C TRP D 205 -29.02 -21.81 25.29
N PHE D 206 -29.64 -23.00 25.31
CA PHE D 206 -29.10 -24.11 26.10
C PHE D 206 -28.14 -24.91 25.26
N ASP D 207 -27.20 -25.53 25.95
CA ASP D 207 -26.09 -26.26 25.28
C ASP D 207 -25.44 -27.24 26.28
N PHE D 208 -25.35 -28.53 25.95
CA PHE D 208 -26.05 -29.28 24.89
C PHE D 208 -26.35 -30.71 25.40
N SER D 209 -27.21 -31.41 24.66
CA SER D 209 -27.64 -32.76 24.93
C SER D 209 -26.82 -33.75 24.11
N TYR D 210 -26.43 -34.85 24.74
CA TYR D 210 -25.63 -35.91 24.12
C TYR D 210 -25.92 -37.22 24.90
N GLU D 211 -25.91 -38.36 24.17
CA GLU D 211 -26.08 -39.73 24.72
C GLU D 211 -27.32 -39.80 25.61
N ASP D 212 -27.18 -40.29 26.85
CA ASP D 212 -28.28 -40.33 27.77
C ASP D 212 -28.53 -38.97 28.45
N MET D 213 -27.64 -38.00 28.26
CA MET D 213 -27.85 -36.66 28.83
C MET D 213 -28.75 -35.89 27.86
N THR D 214 -30.06 -36.12 27.97
CA THR D 214 -31.01 -35.60 27.01
C THR D 214 -32.41 -35.62 27.60
N GLY D 215 -33.27 -34.78 27.05
CA GLY D 215 -34.70 -34.75 27.38
C GLY D 215 -34.96 -34.81 28.86
N GLU D 216 -35.62 -35.86 29.32
CA GLU D 216 -36.20 -35.82 30.68
C GLU D 216 -35.16 -36.09 31.74
N LYS D 217 -33.95 -36.47 31.31
CA LYS D 217 -32.81 -36.44 32.21
C LYS D 217 -32.58 -35.04 32.81
N TRP D 218 -32.82 -34.00 32.00
CA TRP D 218 -32.72 -32.56 32.46
C TRP D 218 -33.98 -32.08 33.17
N LYS D 219 -34.99 -32.96 33.20
CA LYS D 219 -36.41 -32.65 33.53
C LYS D 219 -36.81 -31.47 32.64
N ALA D 220 -36.57 -31.68 31.35
CA ALA D 220 -36.75 -30.65 30.36
C ALA D 220 -38.19 -30.09 30.34
N THR D 221 -39.20 -30.95 30.47
CA THR D 221 -40.60 -30.52 30.50
C THR D 221 -40.86 -29.56 31.65
N GLU D 222 -40.49 -29.93 32.87
CA GLU D 222 -40.64 -29.05 34.00
C GLU D 222 -39.88 -27.74 33.79
N LEU D 223 -38.67 -27.83 33.24
CA LEU D 223 -37.79 -26.66 33.01
C LEU D 223 -38.50 -25.65 32.12
N VAL D 224 -38.99 -26.11 30.99
CA VAL D 224 -39.68 -25.27 30.02
C VAL D 224 -41.01 -24.72 30.59
N LYS D 225 -41.71 -25.50 31.41
CA LYS D 225 -42.94 -25.00 32.00
C LYS D 225 -42.58 -23.88 32.94
N MET D 226 -41.50 -24.06 33.71
CA MET D 226 -41.07 -23.01 34.63
C MET D 226 -40.75 -21.75 33.78
N ILE D 227 -40.02 -21.97 32.69
CA ILE D 227 -39.53 -20.90 31.89
C ILE D 227 -40.73 -20.06 31.40
N ARG D 228 -41.77 -20.71 30.89
CA ARG D 228 -42.92 -19.99 30.32
C ARG D 228 -43.88 -19.36 31.36
N GLU D 229 -43.90 -19.83 32.61
CA GLU D 229 -44.59 -19.14 33.67
C GLU D 229 -43.90 -17.78 33.88
N LEU D 230 -42.57 -17.78 33.84
CA LEU D 230 -41.78 -16.59 34.18
C LEU D 230 -41.76 -15.58 33.03
N GLN D 231 -41.53 -16.07 31.80
CA GLN D 231 -41.31 -15.25 30.65
C GLN D 231 -41.81 -16.00 29.45
N PRO D 232 -43.11 -15.90 29.19
CA PRO D 232 -43.71 -16.74 28.18
C PRO D 232 -43.19 -16.52 26.78
N ASN D 233 -42.65 -15.32 26.52
CA ASN D 233 -42.23 -15.03 25.10
C ASN D 233 -40.80 -15.48 24.79
N VAL D 234 -40.01 -15.91 25.78
CA VAL D 234 -38.63 -16.22 25.53
C VAL D 234 -38.50 -17.32 24.49
N LEU D 235 -37.50 -17.21 23.63
CA LEU D 235 -37.24 -18.21 22.57
C LEU D 235 -36.12 -19.12 23.05
N ILE D 236 -36.25 -20.40 22.76
CA ILE D 236 -35.33 -21.41 23.26
C ILE D 236 -34.83 -22.10 22.04
N ASP D 237 -33.54 -22.43 22.06
CA ASP D 237 -32.95 -23.32 21.00
C ASP D 237 -33.40 -24.80 21.14
N ASN D 238 -32.88 -25.66 20.29
CA ASN D 238 -33.33 -27.03 20.14
C ASN D 238 -32.28 -27.98 20.72
N ARG D 239 -31.70 -27.67 21.89
CA ARG D 239 -30.58 -28.54 22.39
C ARG D 239 -30.87 -29.21 23.75
N LEU D 240 -32.12 -29.17 24.18
CA LEU D 240 -32.58 -29.84 25.40
C LEU D 240 -32.89 -31.32 25.14
N GLY D 241 -32.74 -31.80 23.91
CA GLY D 241 -33.28 -33.04 23.48
C GLY D 241 -34.49 -32.77 22.58
N GLY D 242 -35.22 -33.82 22.28
CA GLY D 242 -36.47 -33.59 21.56
C GLY D 242 -36.18 -33.53 20.08
N ASN D 243 -37.21 -33.39 19.27
CA ASN D 243 -37.03 -33.32 17.85
C ASN D 243 -37.97 -32.24 17.26
N ILE D 244 -37.39 -31.07 16.99
CA ILE D 244 -38.05 -29.87 16.42
C ILE D 244 -38.75 -30.16 15.06
N LYS D 245 -38.17 -31.07 14.27
CA LYS D 245 -38.66 -31.52 12.96
C LYS D 245 -39.88 -32.48 13.06
N ALA D 246 -40.25 -32.87 14.28
CA ALA D 246 -41.48 -33.64 14.49
C ALA D 246 -42.72 -32.76 14.28
N ARG D 247 -43.75 -33.34 13.64
CA ARG D 247 -45.04 -32.66 13.41
C ARG D 247 -45.67 -32.26 14.73
N GLU D 248 -45.62 -33.16 15.73
CA GLU D 248 -46.03 -32.82 17.09
C GLU D 248 -44.79 -32.92 17.99
N PRO D 249 -44.04 -31.83 18.13
CA PRO D 249 -42.78 -31.93 18.84
C PRO D 249 -42.98 -31.85 20.34
N GLU D 250 -41.95 -32.22 21.09
CA GLU D 250 -42.02 -32.14 22.54
C GLU D 250 -42.14 -30.67 22.96
N ILE D 251 -42.68 -30.40 24.12
CA ILE D 251 -42.73 -29.03 24.64
C ILE D 251 -41.31 -28.39 24.83
N TYR D 252 -40.27 -29.22 24.96
CA TYR D 252 -38.90 -28.74 25.13
C TYR D 252 -38.11 -28.82 23.81
N ALA D 253 -38.73 -29.17 22.70
CA ALA D 253 -38.00 -29.33 21.42
C ALA D 253 -37.37 -28.00 20.88
N GLY D 254 -37.86 -26.85 21.35
CA GLY D 254 -37.28 -25.59 20.97
C GLY D 254 -38.11 -24.82 19.95
N ASP D 255 -37.90 -23.50 19.96
CA ASP D 255 -38.47 -22.57 19.00
C ASP D 255 -37.69 -22.53 17.70
N PHE D 256 -36.36 -22.70 17.72
CA PHE D 256 -35.56 -22.63 16.45
C PHE D 256 -34.49 -23.69 16.47
N ALA D 257 -34.11 -24.11 15.28
CA ALA D 257 -32.95 -24.99 15.10
C ALA D 257 -31.64 -24.18 15.05
N SER D 258 -30.54 -24.86 15.38
CA SER D 258 -29.25 -24.23 15.58
C SER D 258 -28.16 -25.04 14.91
N PRO D 259 -28.16 -25.12 13.56
CA PRO D 259 -26.99 -25.65 12.88
C PRO D 259 -25.75 -24.79 13.22
N GLU D 260 -24.59 -25.39 13.09
CA GLU D 260 -23.39 -24.89 13.73
C GLU D 260 -22.18 -24.95 12.78
N GLN D 261 -21.54 -23.79 12.57
CA GLN D 261 -20.32 -23.64 11.80
C GLN D 261 -20.51 -24.13 10.36
N LEU D 262 -21.75 -24.05 9.89
CA LEU D 262 -22.04 -24.26 8.50
C LEU D 262 -23.32 -23.56 8.13
N LEU D 263 -23.42 -23.33 6.84
CA LEU D 263 -24.61 -22.76 6.33
C LEU D 263 -25.27 -23.89 5.58
N PRO D 264 -26.45 -24.29 6.03
CA PRO D 264 -27.10 -25.45 5.42
C PRO D 264 -27.34 -25.26 3.95
N PRO D 265 -27.18 -26.34 3.18
CA PRO D 265 -27.47 -26.35 1.72
C PRO D 265 -28.87 -25.87 1.31
N HIS D 266 -29.87 -26.02 2.18
CA HIS D 266 -31.26 -25.53 1.94
C HIS D 266 -31.79 -25.13 3.31
N GLY D 267 -32.93 -24.41 3.40
CA GLY D 267 -33.50 -24.09 4.73
C GLY D 267 -33.90 -25.32 5.53
N ILE D 268 -33.82 -25.26 6.87
CA ILE D 268 -34.30 -26.33 7.72
C ILE D 268 -35.82 -26.46 7.58
N VAL D 269 -36.31 -27.64 7.19
CA VAL D 269 -37.78 -27.93 7.19
C VAL D 269 -38.10 -29.04 8.19
N ASN D 270 -39.35 -29.10 8.69
CA ASN D 270 -39.85 -30.29 9.48
C ASN D 270 -40.24 -31.45 8.57
N GLU D 271 -40.70 -32.57 9.17
CA GLU D 271 -40.88 -33.86 8.46
C GLU D 271 -41.86 -33.73 7.30
N ASP D 272 -42.86 -32.85 7.47
CA ASP D 272 -43.81 -32.55 6.41
C ASP D 272 -43.16 -31.75 5.29
N GLY D 273 -42.27 -30.82 5.67
CA GLY D 273 -41.59 -29.89 4.74
C GLY D 273 -41.97 -28.43 4.99
N LYS D 274 -42.58 -28.13 6.13
CA LYS D 274 -42.79 -26.74 6.59
C LYS D 274 -41.45 -26.16 7.10
N PRO D 275 -41.11 -24.90 6.71
CA PRO D 275 -39.90 -24.23 7.17
C PRO D 275 -39.91 -24.01 8.67
N LEU D 276 -38.77 -24.26 9.32
CA LEU D 276 -38.68 -23.92 10.73
C LEU D 276 -37.80 -22.70 10.90
N PRO D 277 -38.04 -21.90 11.95
CA PRO D 277 -37.05 -20.92 12.35
C PRO D 277 -35.69 -21.60 12.60
N TRP D 278 -34.64 -21.05 12.03
CA TRP D 278 -33.26 -21.51 12.33
C TRP D 278 -32.21 -20.38 12.26
N GLU D 279 -31.06 -20.65 12.87
CA GLU D 279 -29.97 -19.73 12.98
C GLU D 279 -28.64 -20.48 13.03
N ALA D 280 -27.83 -20.26 11.99
CA ALA D 280 -26.43 -20.73 11.91
C ALA D 280 -25.54 -19.92 12.85
N CYS D 281 -24.93 -20.61 13.82
CA CYS D 281 -24.00 -20.01 14.71
C CYS D 281 -22.59 -20.22 14.13
N ILE D 282 -21.88 -19.11 13.99
CA ILE D 282 -20.64 -18.95 13.21
C ILE D 282 -19.58 -18.17 14.02
N THR D 283 -18.35 -18.68 14.11
CA THR D 283 -17.23 -17.97 14.73
C THR D 283 -16.67 -16.97 13.72
N LEU D 284 -16.08 -15.86 14.21
CA LEU D 284 -15.36 -14.92 13.31
C LEU D 284 -14.02 -15.49 12.89
N ASN D 285 -13.28 -16.05 13.84
CA ASN D 285 -12.13 -16.84 13.52
C ASN D 285 -12.59 -18.28 13.56
N HIS D 286 -11.76 -19.19 14.10
CA HIS D 286 -12.10 -20.60 14.25
C HIS D 286 -12.56 -20.98 15.66
N HIS D 287 -12.71 -20.03 16.56
CA HIS D 287 -12.84 -20.31 17.95
C HIS D 287 -13.98 -19.49 18.59
N TRP D 288 -14.57 -20.07 19.63
CA TRP D 288 -15.71 -19.47 20.26
C TRP D 288 -15.16 -18.51 21.29
N GLY D 289 -14.46 -19.07 22.24
CA GLY D 289 -13.72 -18.29 23.26
C GLY D 289 -12.47 -17.71 22.63
N TYR D 290 -11.94 -16.68 23.26
CA TYR D 290 -10.76 -15.98 22.74
C TYR D 290 -9.59 -16.98 22.57
N HIS D 291 -8.99 -16.96 21.38
CA HIS D 291 -7.77 -17.77 21.10
C HIS D 291 -6.66 -16.75 20.81
N ALA D 292 -5.71 -16.64 21.72
CA ALA D 292 -4.64 -15.67 21.57
C ALA D 292 -3.84 -15.81 20.23
N HIS D 293 -3.82 -16.96 19.60
CA HIS D 293 -2.97 -17.10 18.39
C HIS D 293 -3.79 -17.41 17.10
N ASP D 294 -5.09 -17.16 17.10
CA ASP D 294 -5.93 -17.45 15.92
C ASP D 294 -6.33 -16.12 15.34
N ARG D 295 -5.64 -15.74 14.30
CA ARG D 295 -5.95 -14.51 13.58
C ARG D 295 -6.50 -14.83 12.18
N ASP D 296 -7.00 -16.05 11.98
CA ASP D 296 -7.47 -16.46 10.65
C ASP D 296 -8.96 -16.10 10.60
N TYR D 297 -9.23 -14.80 10.49
CA TYR D 297 -10.58 -14.28 10.50
C TYR D 297 -11.27 -14.35 9.15
N LYS D 298 -12.57 -14.55 9.19
CA LYS D 298 -13.39 -14.31 8.02
C LYS D 298 -13.34 -12.81 7.72
N THR D 299 -13.46 -12.46 6.45
CA THR D 299 -13.47 -11.11 5.98
C THR D 299 -14.89 -10.54 6.06
N PRO D 300 -15.03 -9.23 6.08
CA PRO D 300 -16.38 -8.65 6.13
C PRO D 300 -17.21 -9.11 4.95
N LYS D 301 -16.57 -9.37 3.81
CA LYS D 301 -17.26 -9.78 2.58
C LYS D 301 -17.91 -11.16 2.81
N GLN D 302 -17.11 -12.05 3.40
CA GLN D 302 -17.58 -13.33 3.75
C GLN D 302 -18.76 -13.21 4.74
N VAL D 303 -18.64 -12.34 5.75
CA VAL D 303 -19.71 -12.26 6.73
C VAL D 303 -21.05 -11.81 6.08
N VAL D 304 -20.97 -10.82 5.21
CA VAL D 304 -22.14 -10.27 4.52
C VAL D 304 -22.76 -11.37 3.69
N ARG D 305 -21.92 -12.04 2.92
CA ARG D 305 -22.35 -13.10 2.01
C ARG D 305 -23.02 -14.22 2.82
N GLY D 306 -22.39 -14.61 3.93
CA GLY D 306 -23.02 -15.56 4.79
C GLY D 306 -24.41 -15.11 5.32
N LEU D 307 -24.50 -13.87 5.75
CA LEU D 307 -25.76 -13.39 6.28
C LEU D 307 -26.81 -13.51 5.13
N VAL D 308 -26.43 -13.11 3.94
CA VAL D 308 -27.34 -13.10 2.83
C VAL D 308 -27.81 -14.50 2.59
N GLU D 309 -26.83 -15.40 2.57
CA GLU D 309 -27.06 -16.79 2.31
C GLU D 309 -28.10 -17.34 3.28
N CYS D 310 -27.92 -17.08 4.58
CA CYS D 310 -28.89 -17.49 5.56
C CYS D 310 -30.27 -16.88 5.25
N VAL D 311 -30.37 -15.57 4.98
CA VAL D 311 -31.68 -14.98 4.74
C VAL D 311 -32.33 -15.57 3.49
N SER D 312 -31.52 -15.97 2.50
CA SER D 312 -32.01 -16.49 1.23
C SER D 312 -32.64 -17.87 1.40
N LYS D 313 -32.42 -18.48 2.59
CA LYS D 313 -32.90 -19.78 2.95
C LYS D 313 -33.74 -19.74 4.22
N ASN D 314 -34.46 -18.64 4.44
CA ASN D 314 -35.33 -18.39 5.57
C ASN D 314 -34.65 -18.46 6.91
N GLY D 315 -33.38 -18.09 6.98
CA GLY D 315 -32.55 -18.36 8.19
C GLY D 315 -31.92 -17.13 8.78
N ASN D 316 -31.56 -17.22 10.08
CA ASN D 316 -30.84 -16.24 10.83
C ASN D 316 -29.33 -16.57 10.83
N MET D 317 -28.50 -15.60 11.26
CA MET D 317 -27.06 -15.78 11.48
C MET D 317 -26.65 -15.14 12.80
N LEU D 318 -26.05 -15.94 13.67
CA LEU D 318 -25.62 -15.54 14.97
C LEU D 318 -24.08 -15.61 14.96
N LEU D 319 -23.41 -14.44 15.00
CA LEU D 319 -21.99 -14.36 14.70
C LEU D 319 -21.20 -14.07 15.95
N ASN D 320 -20.17 -14.85 16.18
CA ASN D 320 -19.56 -14.88 17.54
C ASN D 320 -18.39 -13.93 17.65
N VAL D 321 -18.24 -13.29 18.83
CA VAL D 321 -17.02 -12.61 19.22
C VAL D 321 -16.59 -13.23 20.54
N GLY D 322 -15.27 -13.29 20.72
CA GLY D 322 -14.70 -13.87 21.88
C GLY D 322 -13.78 -12.90 22.59
N PRO D 323 -14.30 -12.12 23.55
CA PRO D 323 -13.45 -11.19 24.23
C PRO D 323 -12.24 -11.83 24.94
N ASN D 324 -11.20 -11.04 25.05
CA ASN D 324 -9.98 -11.41 25.71
C ASN D 324 -10.17 -11.31 27.21
N ALA D 325 -9.14 -11.65 27.96
CA ALA D 325 -9.21 -11.67 29.43
C ALA D 325 -9.46 -10.28 30.01
N LYS D 326 -9.14 -9.21 29.27
CA LYS D 326 -9.31 -7.82 29.67
C LYS D 326 -10.74 -7.27 29.44
N GLY D 327 -11.58 -8.01 28.76
CA GLY D 327 -12.90 -7.52 28.47
C GLY D 327 -13.05 -6.94 27.06
N GLU D 328 -12.02 -7.11 26.22
CA GLU D 328 -11.96 -6.43 24.89
C GLU D 328 -12.40 -7.34 23.77
N ILE D 329 -13.34 -6.87 22.99
CA ILE D 329 -13.60 -7.54 21.77
C ILE D 329 -12.34 -7.33 20.99
N PRO D 330 -11.71 -8.37 20.44
CA PRO D 330 -10.42 -8.17 19.79
C PRO D 330 -10.55 -7.22 18.60
N GLN D 331 -9.52 -6.39 18.38
CA GLN D 331 -9.52 -5.38 17.38
C GLN D 331 -9.85 -5.92 15.98
N LEU D 332 -9.32 -7.10 15.62
CA LEU D 332 -9.58 -7.67 14.27
C LEU D 332 -11.10 -7.97 14.12
N SER D 333 -11.74 -8.35 15.22
CA SER D 333 -13.14 -8.64 15.20
C SER D 333 -13.95 -7.32 14.98
N LEU D 334 -13.54 -6.24 15.67
CA LEU D 334 -14.24 -4.91 15.55
C LEU D 334 -14.05 -4.31 14.14
N ASP D 335 -12.88 -4.56 13.56
CA ASP D 335 -12.58 -4.19 12.15
C ASP D 335 -13.57 -4.86 11.20
N VAL D 336 -13.77 -6.19 11.34
CA VAL D 336 -14.72 -6.87 10.52
C VAL D 336 -16.14 -6.32 10.74
N LEU D 337 -16.54 -6.16 12.00
CA LEU D 337 -17.88 -5.72 12.31
C LEU D 337 -18.18 -4.31 11.79
N GLY D 338 -17.19 -3.39 11.91
CA GLY D 338 -17.33 -2.04 11.38
C GLY D 338 -17.58 -2.03 9.88
N GLU D 339 -16.90 -2.89 9.14
CA GLU D 339 -17.13 -2.93 7.67
C GLU D 339 -18.47 -3.63 7.32
N VAL D 340 -18.87 -4.65 8.08
CA VAL D 340 -20.15 -5.32 7.86
C VAL D 340 -21.27 -4.26 8.06
N GLY D 341 -21.08 -3.39 9.09
CA GLY D 341 -22.02 -2.35 9.44
C GLY D 341 -22.16 -1.36 8.33
N ALA D 342 -21.04 -0.88 7.77
CA ALA D 342 -21.15 0.06 6.61
C ALA D 342 -22.03 -0.55 5.49
N TRP D 343 -21.87 -1.86 5.26
CA TRP D 343 -22.62 -2.54 4.21
C TRP D 343 -24.10 -2.57 4.59
N MET D 344 -24.33 -2.87 5.88
CA MET D 344 -25.64 -3.00 6.42
C MET D 344 -26.39 -1.68 6.45
N ARG D 345 -25.69 -0.57 6.66
CA ARG D 345 -26.32 0.77 6.66
C ARG D 345 -26.93 1.06 5.29
N ALA D 346 -26.21 0.75 4.21
CA ALA D 346 -26.73 0.89 2.84
C ALA D 346 -27.82 -0.14 2.45
N ASN D 347 -27.69 -1.39 2.92
CA ASN D 347 -28.36 -2.54 2.24
C ASN D 347 -29.21 -3.38 3.17
N GLY D 348 -29.36 -2.96 4.45
CA GLY D 348 -30.06 -3.71 5.42
C GLY D 348 -31.50 -4.00 5.04
N ASP D 349 -32.11 -3.22 4.17
CA ASP D 349 -33.48 -3.55 3.79
C ASP D 349 -33.60 -4.91 3.11
N SER D 350 -32.49 -5.46 2.57
CA SER D 350 -32.53 -6.73 1.86
C SER D 350 -32.37 -7.88 2.88
N ILE D 351 -32.25 -7.54 4.16
CA ILE D 351 -31.97 -8.51 5.18
C ILE D 351 -33.17 -8.51 6.16
N TYR D 352 -33.35 -7.42 6.89
CA TYR D 352 -34.38 -7.33 7.87
C TYR D 352 -35.75 -7.53 7.21
N GLY D 353 -36.51 -8.43 7.79
CA GLY D 353 -37.85 -8.72 7.35
C GLY D 353 -37.91 -9.55 6.09
N CYS D 354 -36.78 -10.13 5.69
CA CYS D 354 -36.67 -10.79 4.43
C CYS D 354 -36.61 -12.27 4.64
N GLY D 355 -36.80 -12.99 3.52
CA GLY D 355 -36.59 -14.42 3.50
C GLY D 355 -36.45 -14.95 2.09
N ALA D 356 -36.75 -16.23 1.89
CA ALA D 356 -36.47 -16.87 0.60
C ALA D 356 -37.46 -16.39 -0.43
N ALA D 357 -37.04 -16.49 -1.67
CA ALA D 357 -37.85 -16.26 -2.83
C ALA D 357 -38.15 -17.63 -3.39
N ALA D 358 -39.25 -17.74 -4.09
CA ALA D 358 -39.60 -19.02 -4.73
C ALA D 358 -38.90 -19.14 -6.08
N LEU D 359 -37.57 -19.04 -6.08
CA LEU D 359 -36.80 -19.03 -7.29
C LEU D 359 -35.53 -19.81 -7.02
N SER D 360 -35.06 -20.58 -8.00
CA SER D 360 -33.77 -21.22 -7.93
C SER D 360 -32.68 -20.15 -7.76
N LYS D 361 -31.66 -20.54 -6.99
CA LYS D 361 -30.43 -19.76 -6.94
C LYS D 361 -29.99 -19.38 -8.35
N PRO D 362 -29.80 -18.10 -8.59
CA PRO D 362 -29.31 -17.64 -9.88
C PRO D 362 -27.77 -17.73 -9.92
N GLU D 363 -27.21 -17.72 -11.11
CA GLU D 363 -25.79 -17.98 -11.32
C GLU D 363 -24.88 -16.82 -10.91
N TRP D 364 -25.47 -15.65 -10.68
CA TRP D 364 -24.76 -14.46 -10.36
C TRP D 364 -24.83 -14.08 -8.86
N GLY D 365 -25.60 -14.81 -8.06
CA GLY D 365 -25.74 -14.45 -6.63
C GLY D 365 -26.99 -15.09 -6.01
N ARG D 366 -27.76 -14.28 -5.28
CA ARG D 366 -28.82 -14.78 -4.48
C ARG D 366 -29.99 -13.80 -4.48
N TYR D 367 -31.16 -14.32 -4.05
CA TYR D 367 -32.37 -13.58 -3.90
C TYR D 367 -32.76 -13.58 -2.44
N THR D 368 -33.27 -12.45 -1.98
CA THR D 368 -34.07 -12.42 -0.78
C THR D 368 -35.32 -11.66 -1.11
N GLN D 369 -36.35 -11.77 -0.29
CA GLN D 369 -37.67 -11.21 -0.69
C GLN D 369 -38.45 -10.83 0.52
N LYS D 370 -39.27 -9.82 0.30
CA LYS D 370 -40.16 -9.29 1.32
C LYS D 370 -41.35 -8.68 0.57
N GLY D 371 -42.51 -9.35 0.60
CA GLY D 371 -43.72 -8.90 -0.11
C GLY D 371 -43.41 -8.85 -1.59
N ASN D 372 -43.66 -7.69 -2.21
CA ASN D 372 -43.34 -7.47 -3.64
C ASN D 372 -41.94 -6.87 -3.87
N LYS D 373 -41.08 -6.87 -2.86
CA LYS D 373 -39.68 -6.44 -3.05
C LYS D 373 -38.80 -7.69 -3.23
N LEU D 374 -38.31 -7.87 -4.45
CA LEU D 374 -37.37 -8.94 -4.73
C LEU D 374 -35.95 -8.34 -4.79
N TYR D 375 -35.05 -8.77 -3.90
CA TYR D 375 -33.68 -8.33 -3.83
C TYR D 375 -32.76 -9.28 -4.55
N ALA D 376 -32.17 -8.78 -5.61
CA ALA D 376 -31.13 -9.48 -6.33
C ALA D 376 -29.77 -9.04 -5.72
N HIS D 377 -29.09 -9.96 -5.07
CA HIS D 377 -27.76 -9.78 -4.53
C HIS D 377 -26.73 -10.25 -5.53
N ILE D 378 -26.03 -9.32 -6.17
CA ILE D 378 -25.07 -9.66 -7.19
C ILE D 378 -23.71 -9.85 -6.56
N LEU D 379 -23.32 -11.10 -6.49
CA LEU D 379 -22.10 -11.50 -5.90
C LEU D 379 -20.99 -11.67 -6.91
N ASP D 380 -21.35 -11.92 -8.18
CA ASP D 380 -20.37 -12.03 -9.24
C ASP D 380 -20.87 -11.24 -10.47
N ARG D 381 -20.17 -10.16 -10.80
CA ARG D 381 -20.52 -9.30 -11.93
C ARG D 381 -20.54 -10.06 -13.26
N GLY D 382 -19.65 -11.05 -13.41
CA GLY D 382 -19.53 -11.75 -14.65
C GLY D 382 -19.06 -10.78 -15.72
N ILE D 383 -19.45 -11.10 -16.94
CA ILE D 383 -19.12 -10.29 -18.08
C ILE D 383 -20.40 -10.14 -18.86
N GLY D 384 -20.72 -8.91 -19.22
CA GLY D 384 -21.93 -8.63 -19.92
C GLY D 384 -23.09 -8.31 -19.00
N PRO D 385 -24.26 -8.07 -19.59
CA PRO D 385 -25.49 -7.95 -18.80
C PRO D 385 -25.75 -9.22 -17.99
N ILE D 386 -26.29 -9.01 -16.80
CA ILE D 386 -26.65 -10.02 -15.90
C ILE D 386 -28.05 -10.52 -16.31
N ALA D 387 -28.22 -11.83 -16.39
CA ALA D 387 -29.49 -12.45 -16.86
C ALA D 387 -30.30 -12.94 -15.68
N LEU D 388 -31.53 -12.48 -15.53
CA LEU D 388 -32.35 -13.04 -14.46
C LEU D 388 -33.44 -13.93 -15.11
N GLN D 389 -33.36 -15.26 -14.83
CA GLN D 389 -34.26 -16.26 -15.41
C GLN D 389 -35.68 -16.09 -14.87
N GLY D 390 -36.64 -16.15 -15.78
CA GLY D 390 -38.06 -16.13 -15.44
C GLY D 390 -38.62 -14.80 -14.96
N LEU D 391 -37.89 -13.68 -15.08
CA LEU D 391 -38.41 -12.42 -14.50
C LEU D 391 -38.86 -11.43 -15.56
N ASN D 392 -38.77 -11.80 -16.84
CA ASN D 392 -39.20 -10.89 -17.88
C ASN D 392 -40.69 -10.51 -17.77
N GLY D 393 -41.01 -9.22 -17.91
CA GLY D 393 -42.37 -8.73 -17.73
C GLY D 393 -42.93 -8.96 -16.33
N ARG D 394 -42.11 -9.38 -15.36
CA ARG D 394 -42.60 -9.52 -13.97
C ARG D 394 -42.09 -8.39 -13.04
N VAL D 395 -41.13 -7.59 -13.51
CA VAL D 395 -40.52 -6.49 -12.74
C VAL D 395 -41.02 -5.18 -13.32
N LYS D 396 -41.47 -4.29 -12.44
CA LYS D 396 -41.99 -2.96 -12.75
C LYS D 396 -40.82 -1.94 -12.81
N GLU D 397 -40.02 -1.92 -11.72
CA GLU D 397 -38.93 -0.98 -11.44
C GLU D 397 -37.71 -1.71 -10.85
N ALA D 398 -36.50 -1.25 -11.18
CA ALA D 398 -35.29 -1.71 -10.50
C ALA D 398 -34.49 -0.52 -9.99
N ARG D 399 -33.95 -0.67 -8.81
CA ARG D 399 -33.13 0.36 -8.19
CA ARG D 399 -33.17 0.35 -8.15
C ARG D 399 -31.93 -0.28 -7.48
N LEU D 400 -30.78 0.39 -7.50
CA LEU D 400 -29.65 0.04 -6.67
C LEU D 400 -30.04 0.42 -5.23
N LEU D 401 -30.02 -0.58 -4.37
CA LEU D 401 -30.47 -0.39 -3.03
C LEU D 401 -29.56 0.59 -2.32
N ALA D 402 -28.24 0.55 -2.55
CA ALA D 402 -27.36 1.40 -1.71
C ALA D 402 -27.62 2.91 -1.88
N ASP D 403 -27.88 3.39 -3.10
CA ASP D 403 -28.07 4.83 -3.36
C ASP D 403 -29.47 5.21 -3.93
N GLY D 404 -30.39 4.27 -4.02
CA GLY D 404 -31.68 4.56 -4.64
C GLY D 404 -31.60 4.83 -6.14
N ALA D 405 -30.49 4.54 -6.82
CA ALA D 405 -30.40 4.91 -8.28
C ALA D 405 -31.15 3.92 -9.16
N GLU D 406 -31.67 4.40 -10.26
CA GLU D 406 -32.38 3.54 -11.22
C GLU D 406 -31.41 2.58 -11.89
N VAL D 407 -31.89 1.39 -12.20
CA VAL D 407 -31.13 0.44 -12.98
C VAL D 407 -31.88 0.17 -14.29
N ASN D 408 -31.11 0.14 -15.36
CA ASN D 408 -31.65 -0.13 -16.68
C ASN D 408 -31.89 -1.65 -16.85
N ILE D 409 -33.17 -2.03 -17.07
CA ILE D 409 -33.56 -3.41 -17.24
C ILE D 409 -34.16 -3.65 -18.62
N GLN D 410 -33.74 -2.87 -19.61
CA GLN D 410 -34.17 -3.11 -20.96
C GLN D 410 -33.23 -4.12 -21.57
N THR D 411 -33.74 -4.96 -22.45
CA THR D 411 -32.93 -6.01 -23.11
C THR D 411 -31.94 -5.37 -24.06
N PRO D 412 -30.59 -5.50 -23.83
CA PRO D 412 -29.64 -4.91 -24.77
C PRO D 412 -29.67 -5.69 -26.11
N TRP D 413 -29.16 -5.06 -27.16
CA TRP D 413 -29.16 -5.53 -28.58
C TRP D 413 -28.49 -6.92 -28.67
N ASN D 414 -27.44 -7.13 -27.88
CA ASN D 414 -26.64 -8.33 -27.97
C ASN D 414 -27.33 -9.45 -27.20
N ALA D 415 -28.51 -9.22 -26.62
CA ALA D 415 -29.15 -10.26 -25.80
C ALA D 415 -30.59 -10.61 -26.25
N VAL D 416 -31.00 -10.12 -27.42
CA VAL D 416 -32.35 -10.39 -27.98
C VAL D 416 -32.66 -11.88 -28.19
N ASP D 417 -31.64 -12.76 -28.21
CA ASP D 417 -31.88 -14.20 -28.38
C ASP D 417 -32.31 -14.92 -27.06
N TYR D 418 -32.61 -14.18 -25.97
CA TYR D 418 -32.91 -14.81 -24.66
C TYR D 418 -34.15 -14.16 -24.04
N PRO D 419 -35.35 -14.39 -24.63
CA PRO D 419 -36.56 -13.64 -24.23
C PRO D 419 -37.10 -14.03 -22.85
N ASP D 420 -36.75 -15.24 -22.37
CA ASP D 420 -37.15 -15.76 -21.05
C ASP D 420 -36.28 -15.20 -19.90
N TYR D 421 -35.50 -14.15 -20.15
CA TYR D 421 -34.66 -13.50 -19.18
C TYR D 421 -34.92 -12.00 -19.17
N LEU D 422 -34.97 -11.44 -17.95
CA LEU D 422 -34.81 -10.00 -17.72
C LEU D 422 -33.31 -9.77 -17.66
N PHE D 423 -32.85 -8.67 -18.29
CA PHE D 423 -31.45 -8.27 -18.27
C PHE D 423 -31.21 -6.99 -17.46
N VAL D 424 -30.20 -7.05 -16.58
CA VAL D 424 -29.73 -5.92 -15.81
C VAL D 424 -28.47 -5.41 -16.43
N ASN D 425 -28.51 -4.14 -16.89
CA ASN D 425 -27.36 -3.55 -17.57
C ASN D 425 -26.45 -2.77 -16.58
N ILE D 426 -25.22 -3.25 -16.39
CA ILE D 426 -24.24 -2.57 -15.52
C ILE D 426 -23.24 -1.89 -16.43
N PRO D 427 -23.18 -0.55 -16.51
CA PRO D 427 -22.30 0.01 -17.53
C PRO D 427 -20.81 0.09 -17.15
N THR D 428 -20.39 -0.47 -16.00
CA THR D 428 -19.01 -0.43 -15.55
C THR D 428 -18.44 -1.86 -15.56
N ALA D 429 -17.14 -1.99 -15.74
CA ALA D 429 -16.47 -3.29 -15.68
C ALA D 429 -16.60 -3.96 -14.31
N GLN D 430 -16.62 -3.18 -13.23
CA GLN D 430 -16.79 -3.73 -11.87
C GLN D 430 -18.07 -3.20 -11.23
N LEU D 431 -18.56 -3.98 -10.26
CA LEU D 431 -19.65 -3.60 -9.45
C LEU D 431 -19.27 -2.43 -8.57
N PRO D 432 -20.25 -1.61 -8.24
CA PRO D 432 -20.05 -0.57 -7.23
C PRO D 432 -19.66 -1.14 -5.87
N ASP D 433 -20.14 -2.36 -5.54
CA ASP D 433 -19.88 -2.96 -4.21
C ASP D 433 -19.43 -4.39 -4.39
N ASP D 434 -18.14 -4.63 -4.04
CA ASP D 434 -17.49 -5.94 -4.23
C ASP D 434 -18.00 -6.97 -3.26
N PHE D 435 -18.42 -6.53 -2.06
CA PHE D 435 -19.03 -7.45 -1.13
C PHE D 435 -20.28 -8.11 -1.76
N ASN D 436 -21.13 -7.28 -2.40
CA ASN D 436 -22.51 -7.63 -2.72
C ASN D 436 -23.24 -6.36 -3.21
N THR D 437 -23.47 -6.24 -4.51
CA THR D 437 -24.23 -5.17 -5.03
C THR D 437 -25.68 -5.60 -5.14
N VAL D 438 -26.55 -4.94 -4.36
CA VAL D 438 -27.96 -5.37 -4.21
C VAL D 438 -28.86 -4.50 -5.09
N ILE D 439 -29.79 -5.15 -5.80
CA ILE D 439 -30.76 -4.45 -6.60
C ILE D 439 -32.13 -4.84 -6.13
N GLU D 440 -32.92 -3.83 -5.83
CA GLU D 440 -34.31 -3.96 -5.40
C GLU D 440 -35.19 -4.00 -6.62
N LEU D 441 -35.77 -5.16 -6.89
CA LEU D 441 -36.71 -5.32 -7.97
C LEU D 441 -38.14 -5.26 -7.38
N THR D 442 -38.94 -4.32 -7.85
CA THR D 442 -40.34 -4.24 -7.49
C THR D 442 -41.11 -5.10 -8.46
N LEU D 443 -41.73 -6.15 -7.92
CA LEU D 443 -42.51 -7.09 -8.76
C LEU D 443 -43.88 -6.49 -9.10
N GLU D 444 -44.36 -6.77 -10.32
CA GLU D 444 -45.76 -6.51 -10.74
C GLU D 444 -46.74 -7.38 -9.91
N ASP D 445 -48.02 -7.01 -9.82
CA ASP D 445 -49.05 -7.78 -9.04
C ASP D 445 -49.51 -9.06 -9.77
N THR E 25 42.52 -35.10 12.53
CA THR E 25 42.77 -34.23 11.33
C THR E 25 42.39 -34.87 9.97
N ALA E 26 42.11 -36.19 9.92
CA ALA E 26 41.23 -36.70 8.81
C ALA E 26 39.83 -36.07 9.02
N ARG E 27 39.40 -36.05 10.30
CA ARG E 27 38.16 -35.43 10.72
C ARG E 27 38.18 -33.91 10.39
N GLU E 28 39.24 -33.20 10.77
CA GLU E 28 39.33 -31.73 10.54
C GLU E 28 39.45 -31.35 9.06
N GLN E 29 40.07 -32.23 8.29
CA GLN E 29 40.29 -31.95 6.89
C GLN E 29 38.93 -31.95 6.17
N ARG E 30 38.10 -32.94 6.45
CA ARG E 30 36.87 -33.13 5.62
C ARG E 30 35.75 -32.14 6.00
N ILE E 31 35.83 -31.53 7.18
CA ILE E 31 34.81 -30.63 7.71
C ILE E 31 35.11 -29.17 7.31
N GLN E 32 36.30 -28.89 6.80
CA GLN E 32 36.68 -27.52 6.44
C GLN E 32 35.65 -26.83 5.51
N TRP E 33 35.27 -27.51 4.43
CA TRP E 33 34.40 -26.94 3.43
C TRP E 33 33.06 -26.53 4.08
N PHE E 34 32.62 -27.39 5.00
CA PHE E 34 31.32 -27.33 5.67
C PHE E 34 31.29 -26.15 6.67
N ASN E 35 32.30 -26.09 7.54
CA ASN E 35 32.41 -24.91 8.40
C ASN E 35 32.54 -23.61 7.58
N HIS E 36 33.22 -23.67 6.44
CA HIS E 36 33.41 -22.48 5.64
C HIS E 36 32.04 -22.04 5.05
N ASP E 37 31.32 -23.01 4.49
CA ASP E 37 30.15 -22.76 3.61
C ASP E 37 28.92 -22.25 4.38
N ARG E 38 28.72 -22.75 5.61
CA ARG E 38 27.77 -22.22 6.58
C ARG E 38 26.28 -22.40 6.25
N PHE E 39 25.82 -22.30 4.98
CA PHE E 39 24.40 -22.16 4.72
C PHE E 39 23.98 -23.20 3.70
N GLY E 40 23.09 -24.11 4.10
CA GLY E 40 22.55 -25.13 3.16
C GLY E 40 21.02 -25.06 3.01
N MET E 41 20.52 -25.74 2.00
CA MET E 41 19.08 -26.04 1.77
C MET E 41 18.79 -27.51 2.16
N PHE E 42 17.81 -27.73 3.04
CA PHE E 42 17.21 -29.02 3.31
C PHE E 42 16.06 -29.16 2.36
N ILE E 43 15.85 -30.35 1.83
CA ILE E 43 14.64 -30.59 0.99
C ILE E 43 13.96 -31.87 1.46
N HIS E 44 12.70 -31.71 1.88
CA HIS E 44 11.86 -32.78 2.29
C HIS E 44 10.80 -32.97 1.21
N TRP E 45 10.95 -34.06 0.47
CA TRP E 45 10.04 -34.40 -0.57
C TRP E 45 9.75 -35.89 -0.62
N GLY E 46 8.47 -36.21 -0.85
CA GLY E 46 8.02 -37.56 -1.14
C GLY E 46 6.52 -37.61 -1.25
N LEU E 47 6.00 -38.80 -0.96
CA LEU E 47 4.58 -39.08 -1.11
C LEU E 47 3.74 -38.27 -0.15
N TYR E 48 4.32 -37.94 1.02
CA TYR E 48 3.59 -37.15 1.98
C TYR E 48 3.24 -35.77 1.42
N ALA E 49 3.79 -35.37 0.29
CA ALA E 49 3.45 -34.09 -0.23
C ALA E 49 2.01 -34.10 -0.76
N ILE E 50 1.45 -35.31 -0.98
CA ILE E 50 0.07 -35.44 -1.50
C ILE E 50 -0.92 -35.21 -0.37
N PRO E 51 -0.94 -36.03 0.69
CA PRO E 51 -1.74 -35.62 1.82
C PRO E 51 -1.36 -34.22 2.36
N ALA E 52 -0.13 -33.78 2.12
CA ALA E 52 0.21 -32.38 2.35
C ALA E 52 -0.20 -31.86 3.75
N ARG E 53 0.09 -32.65 4.76
CA ARG E 53 -0.11 -32.22 6.12
C ARG E 53 0.99 -32.74 7.06
N GLY E 54 2.19 -32.92 6.48
CA GLY E 54 3.43 -33.25 7.20
C GLY E 54 3.86 -34.68 6.95
N GLU E 55 5.18 -34.90 6.97
CA GLU E 55 5.79 -36.19 6.65
C GLU E 55 5.44 -37.23 7.72
N TRP E 56 5.04 -36.78 8.90
CA TRP E 56 4.62 -37.75 9.97
C TRP E 56 3.19 -38.18 9.78
N VAL E 57 2.50 -37.81 8.68
CA VAL E 57 1.09 -38.19 8.63
C VAL E 57 0.81 -39.68 8.94
N ARG E 58 1.61 -40.64 8.46
CA ARG E 58 1.26 -42.07 8.73
C ARG E 58 1.35 -42.33 10.24
N SER E 59 2.26 -41.69 10.95
CA SER E 59 2.35 -41.92 12.39
C SER E 59 1.19 -41.23 13.14
N PHE E 60 0.93 -39.95 12.88
CA PHE E 60 -0.08 -39.22 13.74
C PHE E 60 -1.49 -39.71 13.39
N GLU E 61 -1.70 -40.19 12.16
CA GLU E 61 -3.04 -40.70 11.78
C GLU E 61 -3.11 -42.24 11.81
N ARG E 62 -2.05 -42.93 12.26
CA ARG E 62 -2.03 -44.40 12.33
C ARG E 62 -2.51 -45.04 11.02
N ILE E 63 -1.97 -44.58 9.90
CA ILE E 63 -2.35 -45.01 8.56
C ILE E 63 -1.58 -46.27 8.19
N PRO E 64 -2.26 -47.41 8.00
CA PRO E 64 -1.54 -48.61 7.53
C PRO E 64 -1.06 -48.44 6.08
N VAL E 65 -0.01 -49.18 5.73
CA VAL E 65 0.51 -49.21 4.38
C VAL E 65 -0.54 -49.16 3.27
N GLU E 66 -1.54 -50.01 3.31
CA GLU E 66 -2.51 -50.17 2.23
C GLU E 66 -3.30 -48.88 1.98
N ASP E 67 -3.47 -48.06 3.01
CA ASP E 67 -4.20 -46.82 2.86
C ASP E 67 -3.30 -45.71 2.31
N TYR E 68 -1.99 -45.87 2.48
CA TYR E 68 -1.08 -44.90 1.90
C TYR E 68 -0.81 -45.20 0.41
N GLU E 69 -1.15 -46.40 -0.05
CA GLU E 69 -0.87 -46.85 -1.42
C GLU E 69 -1.52 -45.91 -2.43
N LYS E 70 -2.66 -45.30 -2.05
CA LYS E 70 -3.36 -44.40 -2.98
C LYS E 70 -2.41 -43.25 -3.34
N TYR E 71 -1.55 -42.81 -2.38
CA TYR E 71 -0.60 -41.74 -2.69
C TYR E 71 0.51 -42.27 -3.63
N PHE E 72 1.05 -43.45 -3.32
CA PHE E 72 2.01 -44.07 -4.18
C PHE E 72 1.48 -44.14 -5.64
N ASN E 73 0.25 -44.57 -5.82
CA ASN E 73 -0.27 -44.81 -7.19
C ASN E 73 -0.59 -43.51 -7.87
N SER E 74 -0.66 -42.41 -7.13
CA SER E 74 -1.03 -41.13 -7.80
C SER E 74 0.12 -40.12 -7.81
N PHE E 75 1.33 -40.57 -7.46
CA PHE E 75 2.44 -39.65 -7.33
C PHE E 75 2.97 -39.30 -8.73
N ASN E 76 2.75 -38.05 -9.17
CA ASN E 76 3.16 -37.66 -10.52
C ASN E 76 3.76 -36.27 -10.63
N PRO E 77 5.05 -36.10 -10.31
CA PRO E 77 5.62 -34.76 -10.22
C PRO E 77 6.06 -34.22 -11.59
N VAL E 78 5.08 -33.83 -12.41
CA VAL E 78 5.28 -33.26 -13.78
C VAL E 78 6.13 -31.97 -13.78
N ASN E 79 6.13 -31.16 -12.74
CA ASN E 79 6.88 -29.93 -12.74
C ASN E 79 8.21 -30.05 -11.93
N TYR E 80 8.67 -31.26 -11.63
CA TYR E 80 9.93 -31.41 -10.88
C TYR E 80 11.07 -30.99 -11.77
N ASP E 81 11.77 -29.93 -11.35
CA ASP E 81 12.90 -29.43 -12.07
C ASP E 81 14.01 -29.14 -11.09
N PRO E 82 14.85 -30.14 -10.79
CA PRO E 82 15.87 -29.98 -9.76
C PRO E 82 16.93 -28.93 -10.09
N LYS E 83 17.11 -28.72 -11.38
CA LYS E 83 17.96 -27.66 -11.88
C LYS E 83 17.48 -26.29 -11.42
N ALA E 84 16.20 -26.04 -11.56
CA ALA E 84 15.61 -24.80 -11.04
C ALA E 84 15.74 -24.75 -9.50
N TRP E 85 15.57 -25.86 -8.81
CA TRP E 85 15.70 -25.82 -7.34
C TRP E 85 17.10 -25.29 -6.99
N ALA E 86 18.10 -25.78 -7.72
CA ALA E 86 19.55 -25.56 -7.44
C ALA E 86 19.92 -24.10 -7.71
N LYS E 87 19.38 -23.55 -8.81
CA LYS E 87 19.56 -22.15 -9.11
C LYS E 87 18.97 -21.29 -7.97
N ALA E 88 17.81 -21.65 -7.47
CA ALA E 88 17.21 -20.92 -6.39
C ALA E 88 18.07 -21.00 -5.13
N ALA E 89 18.63 -22.18 -4.86
CA ALA E 89 19.48 -22.38 -3.69
C ALA E 89 20.72 -21.49 -3.83
N LYS E 90 21.29 -21.49 -5.03
CA LYS E 90 22.49 -20.71 -5.36
C LYS E 90 22.20 -19.22 -5.25
N ALA E 91 21.12 -18.79 -5.87
CA ALA E 91 20.67 -17.40 -5.72
C ALA E 91 20.50 -16.99 -4.23
N ALA E 92 20.11 -17.91 -3.35
CA ALA E 92 19.89 -17.52 -1.94
C ALA E 92 21.20 -17.39 -1.14
N GLY E 93 22.31 -17.78 -1.78
CA GLY E 93 23.60 -17.94 -1.08
C GLY E 93 23.84 -19.31 -0.45
N MET E 94 22.98 -20.31 -0.70
CA MET E 94 23.23 -21.68 -0.15
C MET E 94 24.36 -22.38 -0.94
N LYS E 95 25.15 -23.17 -0.25
CA LYS E 95 26.34 -23.82 -0.82
C LYS E 95 26.23 -25.31 -0.89
N TYR E 96 25.27 -25.85 -0.14
CA TYR E 96 25.06 -27.25 -0.11
C TYR E 96 23.59 -27.51 0.05
N ALA E 97 23.23 -28.73 -0.27
CA ALA E 97 21.83 -29.19 -0.10
C ALA E 97 21.79 -30.59 0.46
N VAL E 98 20.69 -30.87 1.16
CA VAL E 98 20.42 -32.20 1.70
C VAL E 98 18.99 -32.59 1.35
N MET E 99 18.84 -33.66 0.57
CA MET E 99 17.53 -34.13 0.17
C MET E 99 17.19 -35.50 0.75
N THR E 100 15.91 -35.63 1.08
CA THR E 100 15.30 -36.88 1.49
C THR E 100 15.30 -37.87 0.32
N THR E 101 16.15 -38.91 0.46
CA THR E 101 16.23 -40.09 -0.41
C THR E 101 15.15 -41.11 0.01
N LYS E 102 14.95 -41.15 1.32
CA LYS E 102 13.96 -41.98 1.96
C LYS E 102 13.67 -41.45 3.36
N HIS E 103 12.39 -41.26 3.63
CA HIS E 103 11.92 -40.67 4.90
C HIS E 103 11.32 -41.83 5.75
N HIS E 104 10.86 -41.49 6.95
CA HIS E 104 10.22 -42.45 7.82
C HIS E 104 9.16 -43.30 7.13
N ASP E 105 8.42 -42.77 6.16
CA ASP E 105 7.42 -43.66 5.54
C ASP E 105 8.04 -44.75 4.65
N GLY E 106 9.37 -44.72 4.48
CA GLY E 106 10.09 -45.82 3.80
C GLY E 106 10.05 -45.80 2.26
N PHE E 107 9.33 -44.85 1.69
CA PHE E 107 9.31 -44.70 0.25
C PHE E 107 10.59 -44.06 -0.28
N CYS E 108 11.16 -44.74 -1.27
CA CYS E 108 12.48 -44.42 -1.80
C CYS E 108 12.36 -43.60 -3.09
N LEU E 109 13.10 -42.47 -3.13
CA LEU E 109 13.05 -41.58 -4.30
C LEU E 109 14.11 -41.95 -5.33
N PHE E 110 14.97 -42.89 -4.97
CA PHE E 110 16.03 -43.45 -5.79
C PHE E 110 15.63 -44.83 -6.26
N ASP E 111 16.24 -45.29 -7.36
CA ASP E 111 15.88 -46.59 -7.96
C ASP E 111 16.60 -47.76 -7.27
N SER E 112 16.18 -48.10 -6.06
CA SER E 112 16.82 -49.21 -5.29
C SER E 112 16.54 -50.58 -5.90
N ALA E 113 17.55 -51.43 -5.85
CA ALA E 113 17.38 -52.85 -6.26
C ALA E 113 16.75 -53.62 -5.13
N LEU E 114 16.72 -53.03 -3.93
CA LEU E 114 16.32 -53.75 -2.71
C LEU E 114 14.84 -53.64 -2.38
N THR E 115 14.04 -52.80 -3.07
CA THR E 115 12.57 -52.72 -2.75
C THR E 115 11.82 -52.36 -4.02
N ASP E 116 10.53 -52.70 -4.08
CA ASP E 116 9.59 -52.22 -5.12
CA ASP E 116 9.68 -52.18 -5.17
C ASP E 116 8.96 -50.86 -4.75
N TYR E 117 9.13 -50.41 -3.47
CA TYR E 117 8.45 -49.20 -2.94
C TYR E 117 9.29 -47.94 -3.20
N LYS E 118 9.26 -47.52 -4.47
CA LYS E 118 10.20 -46.60 -4.94
C LYS E 118 9.65 -45.85 -6.17
N ALA E 119 10.26 -44.68 -6.46
CA ALA E 119 9.72 -43.74 -7.40
C ALA E 119 9.50 -44.34 -8.81
N THR E 120 10.41 -45.21 -9.27
CA THR E 120 10.33 -45.83 -10.56
C THR E 120 9.08 -46.69 -10.73
N ASN E 121 8.50 -47.16 -9.62
CA ASN E 121 7.20 -47.90 -9.70
C ASN E 121 5.98 -46.98 -9.53
N THR E 122 6.16 -45.66 -9.38
CA THR E 122 4.97 -44.71 -9.33
C THR E 122 4.83 -44.10 -10.70
N PRO E 123 3.76 -43.32 -10.97
CA PRO E 123 3.70 -42.59 -12.28
C PRO E 123 4.90 -41.68 -12.57
N ALA E 124 5.61 -41.22 -11.54
CA ALA E 124 6.87 -40.55 -11.71
C ALA E 124 7.80 -41.34 -12.64
N GLY E 125 7.92 -42.64 -12.43
CA GLY E 125 8.53 -43.48 -13.40
C GLY E 125 9.99 -43.18 -13.59
N ARG E 126 10.68 -42.83 -12.50
CA ARG E 126 12.07 -42.46 -12.64
C ARG E 126 12.81 -42.23 -11.32
N ASP E 127 14.12 -42.19 -11.45
CA ASP E 127 15.02 -41.98 -10.31
C ASP E 127 15.12 -40.49 -9.98
N LEU E 128 14.24 -40.03 -9.09
CA LEU E 128 14.16 -38.61 -8.75
C LEU E 128 15.46 -38.16 -8.08
N ILE E 129 16.12 -39.05 -7.35
CA ILE E 129 17.36 -38.65 -6.65
C ILE E 129 18.53 -38.49 -7.62
N ARG E 130 18.53 -39.28 -8.69
CA ARG E 130 19.58 -39.15 -9.68
C ARG E 130 19.52 -37.75 -10.30
N GLU E 131 18.31 -37.28 -10.61
CA GLU E 131 18.09 -35.95 -11.21
C GLU E 131 18.53 -34.84 -10.23
N TYR E 132 18.27 -35.03 -8.94
CA TYR E 132 18.70 -34.06 -7.92
C TYR E 132 20.22 -33.97 -7.87
N ALA E 133 20.84 -35.13 -7.67
CA ALA E 133 22.27 -35.15 -7.42
C ALA E 133 23.00 -34.57 -8.62
N ASP E 134 22.60 -35.00 -9.83
CA ASP E 134 23.27 -34.48 -11.08
C ASP E 134 23.04 -32.97 -11.32
N ALA E 135 21.86 -32.45 -11.00
CA ALA E 135 21.56 -30.97 -11.16
C ALA E 135 22.30 -30.11 -10.14
N PHE E 136 22.25 -30.50 -8.88
CA PHE E 136 22.84 -29.70 -7.85
C PHE E 136 24.38 -29.68 -8.02
N ARG E 137 24.94 -30.82 -8.42
CA ARG E 137 26.37 -30.93 -8.60
C ARG E 137 26.78 -30.02 -9.77
N ALA E 138 25.98 -30.09 -10.83
CA ALA E 138 26.22 -29.25 -12.02
C ALA E 138 26.24 -27.75 -11.69
N GLU E 139 25.55 -27.32 -10.65
CA GLU E 139 25.53 -25.91 -10.26
C GLU E 139 26.56 -25.59 -9.21
N GLY E 140 27.49 -26.50 -8.92
CA GLY E 140 28.54 -26.20 -7.92
C GLY E 140 28.12 -26.33 -6.45
N LEU E 141 26.97 -26.96 -6.16
CA LEU E 141 26.60 -27.14 -4.75
C LEU E 141 27.06 -28.52 -4.28
N LYS E 142 27.56 -28.59 -3.06
CA LYS E 142 27.81 -29.85 -2.43
C LYS E 142 26.47 -30.59 -2.28
N VAL E 143 26.53 -31.88 -2.57
CA VAL E 143 25.35 -32.72 -2.63
C VAL E 143 25.22 -33.58 -1.38
N GLY E 144 24.05 -33.49 -0.72
CA GLY E 144 23.75 -34.28 0.50
C GLY E 144 22.50 -35.15 0.37
N PHE E 145 22.56 -36.30 1.04
CA PHE E 145 21.46 -37.24 1.12
C PHE E 145 21.09 -37.40 2.60
N TYR E 146 19.78 -37.33 2.81
CA TYR E 146 19.15 -37.73 3.98
C TYR E 146 18.59 -39.15 3.76
N TYR E 147 18.71 -39.93 4.81
CA TYR E 147 18.27 -41.33 4.82
C TYR E 147 17.75 -41.60 6.24
N SER E 148 16.47 -42.01 6.27
CA SER E 148 15.80 -42.29 7.46
C SER E 148 16.15 -43.71 7.88
N ILE E 149 16.77 -43.84 9.05
CA ILE E 149 17.04 -45.14 9.61
C ILE E 149 15.75 -45.73 10.16
N ILE E 150 14.78 -44.88 10.51
CA ILE E 150 13.48 -45.33 10.84
C ILE E 150 12.83 -45.79 9.56
N ASP E 151 12.04 -46.88 9.61
CA ASP E 151 11.27 -47.34 8.44
C ASP E 151 9.94 -47.94 8.82
N TRP E 152 8.90 -47.23 8.44
CA TRP E 152 7.51 -47.59 8.71
C TRP E 152 6.90 -48.42 7.62
N HIS E 153 7.68 -48.77 6.62
CA HIS E 153 7.19 -49.68 5.50
C HIS E 153 7.77 -51.09 5.70
N HIS E 154 9.07 -51.17 5.90
CA HIS E 154 9.75 -52.46 5.99
C HIS E 154 9.16 -53.37 7.08
N PRO E 155 8.76 -54.59 6.73
CA PRO E 155 8.04 -55.45 7.68
C PRO E 155 8.81 -55.96 8.90
N ASP E 156 10.14 -55.90 8.89
CA ASP E 156 10.96 -56.28 10.03
C ASP E 156 11.34 -55.16 11.01
N TYR E 157 10.99 -53.89 10.69
CA TYR E 157 11.16 -52.78 11.59
C TYR E 157 10.13 -53.00 12.71
N PRO E 158 10.52 -52.80 13.97
CA PRO E 158 9.59 -52.92 15.07
C PRO E 158 8.41 -51.95 15.03
N ALA E 159 7.21 -52.49 15.24
CA ALA E 159 5.99 -51.77 15.08
C ALA E 159 5.33 -51.61 16.46
N TYR E 160 4.75 -52.71 16.98
CA TYR E 160 3.94 -52.65 18.21
C TYR E 160 4.82 -52.18 19.36
N GLY E 161 4.32 -51.19 20.10
CA GLY E 161 5.07 -50.58 21.19
C GLY E 161 6.20 -49.64 20.78
N ASP E 162 6.52 -49.49 19.48
CA ASP E 162 7.52 -48.54 19.06
C ASP E 162 7.00 -47.12 19.36
N ARG E 163 7.91 -46.20 19.69
CA ARG E 163 7.58 -44.81 20.01
C ARG E 163 6.73 -44.15 18.90
N GLN E 164 6.99 -44.41 17.60
CA GLN E 164 6.23 -43.63 16.64
C GLN E 164 5.75 -44.37 15.40
N HIS E 165 5.91 -45.69 15.37
CA HIS E 165 5.42 -46.47 14.24
C HIS E 165 3.90 -46.31 14.10
N PRO E 166 3.38 -46.18 12.86
CA PRO E 166 1.94 -46.08 12.65
C PRO E 166 1.13 -47.15 13.35
N MET E 167 1.66 -48.36 13.40
CA MET E 167 1.01 -49.55 13.95
C MET E 167 1.40 -49.82 15.40
N ARG E 168 1.93 -48.83 16.10
CA ARG E 168 2.49 -48.97 17.44
C ARG E 168 1.45 -49.41 18.47
N ASP E 169 0.20 -49.10 18.21
CA ASP E 169 -0.89 -49.47 19.12
C ASP E 169 -1.75 -50.63 18.65
N ASN E 170 -1.35 -51.34 17.59
CA ASN E 170 -2.06 -52.51 17.09
C ASN E 170 -1.58 -53.78 17.80
N ALA E 171 -2.18 -54.08 18.96
CA ALA E 171 -1.79 -55.28 19.77
C ALA E 171 -2.16 -56.61 19.09
N GLU E 172 -3.22 -56.62 18.25
CA GLU E 172 -3.64 -57.82 17.59
C GLU E 172 -2.48 -58.42 16.79
N PHE E 173 -1.45 -57.60 16.44
CA PHE E 173 -0.27 -58.01 15.66
C PHE E 173 1.06 -57.96 16.44
N LYS E 174 0.96 -57.75 17.74
CA LYS E 174 2.09 -57.66 18.67
C LYS E 174 3.21 -58.72 18.46
N ASP E 175 2.89 -59.96 18.05
CA ASP E 175 3.84 -61.06 18.03
C ASP E 175 4.04 -61.56 16.62
N ARG E 176 3.80 -60.67 15.66
CA ARG E 176 4.07 -61.01 14.29
C ARG E 176 5.56 -61.30 14.20
N PRO E 177 5.97 -62.44 13.61
CA PRO E 177 7.39 -62.78 13.54
C PRO E 177 8.19 -61.81 12.68
N GLN E 178 9.35 -61.38 13.19
CA GLN E 178 10.24 -60.44 12.51
C GLN E 178 11.71 -60.87 12.71
N ASP E 179 12.53 -60.50 11.76
CA ASP E 179 13.97 -60.58 11.90
C ASP E 179 14.55 -59.20 11.60
N PHE E 180 14.82 -58.47 12.68
CA PHE E 180 15.32 -57.15 12.59
C PHE E 180 16.59 -57.09 11.72
N ASN E 181 17.44 -58.10 11.84
CA ASN E 181 18.68 -58.09 11.01
C ASN E 181 18.41 -57.93 9.51
N ARG E 182 17.25 -58.39 9.09
CA ARG E 182 16.87 -58.35 7.70
C ARG E 182 16.70 -56.86 7.36
N TYR E 183 16.05 -56.12 8.29
CA TYR E 183 15.92 -54.65 8.12
C TYR E 183 17.30 -54.01 8.00
N LEU E 184 18.20 -54.38 8.92
CA LEU E 184 19.54 -53.80 8.90
C LEU E 184 20.26 -54.16 7.57
N ASP E 185 20.00 -55.36 7.05
CA ASP E 185 20.68 -55.83 5.82
C ASP E 185 20.21 -54.86 4.72
N TYR E 186 18.91 -54.52 4.76
CA TYR E 186 18.28 -53.64 3.78
C TYR E 186 18.86 -52.23 3.83
N MET E 187 18.97 -51.68 5.05
CA MET E 187 19.32 -50.31 5.27
C MET E 187 20.79 -50.15 4.97
N HIS E 188 21.61 -51.09 5.44
CA HIS E 188 23.05 -51.08 5.04
C HIS E 188 23.16 -51.20 3.48
N GLY E 189 22.39 -52.09 2.86
CA GLY E 189 22.48 -52.15 1.39
C GLY E 189 22.03 -50.85 0.68
N GLN E 190 20.98 -50.14 1.19
CA GLN E 190 20.53 -48.90 0.53
C GLN E 190 21.59 -47.80 0.68
N VAL E 191 22.17 -47.71 1.86
CA VAL E 191 23.21 -46.73 2.05
C VAL E 191 24.37 -46.99 1.07
N LYS E 192 24.67 -48.25 0.78
CA LYS E 192 25.76 -48.61 -0.18
C LYS E 192 25.28 -48.20 -1.58
N GLU E 193 24.02 -48.47 -1.90
CA GLU E 193 23.48 -47.98 -3.19
C GLU E 193 23.70 -46.47 -3.32
N LEU E 194 23.44 -45.72 -2.25
CA LEU E 194 23.44 -44.27 -2.31
C LEU E 194 24.85 -43.76 -2.46
N LEU E 195 25.82 -44.48 -1.89
CA LEU E 195 27.19 -44.07 -1.94
C LEU E 195 27.97 -44.67 -3.14
N THR E 196 27.33 -45.45 -4.01
CA THR E 196 28.01 -46.04 -5.22
C THR E 196 27.37 -45.61 -6.53
N ASN E 197 26.05 -45.43 -6.58
CA ASN E 197 25.30 -45.10 -7.80
C ASN E 197 25.04 -43.61 -8.09
N TYR E 198 25.59 -42.68 -7.30
CA TYR E 198 25.10 -41.23 -7.32
C TYR E 198 26.25 -40.22 -7.30
N GLY E 199 27.45 -40.67 -7.62
CA GLY E 199 28.55 -39.80 -7.67
C GLY E 199 29.06 -39.53 -6.27
N THR E 200 29.80 -38.44 -6.16
CA THR E 200 30.34 -38.02 -4.93
C THR E 200 29.23 -37.40 -4.07
N ILE E 201 29.16 -37.91 -2.84
CA ILE E 201 28.27 -37.48 -1.85
C ILE E 201 29.07 -36.85 -0.71
N ASP E 202 28.67 -35.62 -0.36
CA ASP E 202 29.41 -34.81 0.58
C ASP E 202 28.83 -34.84 1.99
N VAL E 203 27.53 -35.10 2.07
CA VAL E 203 26.85 -35.25 3.35
C VAL E 203 25.89 -36.42 3.33
N LEU E 204 25.91 -37.16 4.44
CA LEU E 204 24.94 -38.16 4.73
C LEU E 204 24.25 -37.80 6.04
N TRP E 205 22.95 -37.54 5.96
CA TRP E 205 22.15 -37.02 7.12
C TRP E 205 21.15 -38.13 7.53
N PHE E 206 21.52 -38.89 8.59
CA PHE E 206 20.72 -39.98 9.10
C PHE E 206 19.72 -39.47 10.11
N ASP E 207 18.62 -40.20 10.26
CA ASP E 207 17.55 -39.70 11.10
C ASP E 207 16.64 -40.86 11.50
N PHE E 208 16.37 -41.12 12.80
CA PHE E 208 17.07 -40.65 13.99
C PHE E 208 17.10 -41.82 15.00
N SER E 209 17.95 -41.75 16.01
CA SER E 209 18.01 -42.75 17.07
C SER E 209 17.20 -42.29 18.27
N TYR E 210 16.62 -43.26 18.99
CA TYR E 210 15.68 -43.02 20.07
C TYR E 210 15.58 -44.30 20.92
N GLU E 211 15.40 -44.11 22.24
CA GLU E 211 15.20 -45.18 23.20
C GLU E 211 16.31 -46.19 22.99
N ASP E 212 16.03 -47.47 22.75
CA ASP E 212 17.10 -48.42 22.50
C ASP E 212 17.34 -48.61 21.00
N MET E 213 16.65 -47.84 20.15
CA MET E 213 16.94 -47.82 18.71
C MET E 213 18.09 -46.83 18.47
N THR E 214 19.30 -47.25 18.83
CA THR E 214 20.43 -46.40 18.85
C THR E 214 21.69 -47.24 18.80
N GLY E 215 22.78 -46.67 18.31
CA GLY E 215 24.09 -47.23 18.43
C GLY E 215 24.24 -48.53 17.62
N GLU E 216 24.70 -49.55 18.36
CA GLU E 216 24.95 -50.85 17.83
C GLU E 216 23.66 -51.50 17.38
N LYS E 217 22.53 -51.06 17.93
CA LYS E 217 21.31 -51.60 17.45
C LYS E 217 21.20 -51.46 15.91
N TRP E 218 21.84 -50.45 15.35
CA TRP E 218 21.81 -50.18 13.90
C TRP E 218 22.99 -50.90 13.20
N LYS E 219 23.84 -51.52 14.01
CA LYS E 219 25.20 -51.97 13.58
C LYS E 219 25.95 -50.77 13.00
N ALA E 220 25.85 -49.65 13.72
CA ALA E 220 26.43 -48.38 13.34
C ALA E 220 27.94 -48.46 13.09
N THR E 221 28.66 -49.26 13.88
CA THR E 221 30.14 -49.38 13.71
C THR E 221 30.43 -49.91 12.29
N GLU E 222 29.89 -51.09 11.97
CA GLU E 222 29.98 -51.68 10.61
C GLU E 222 29.42 -50.71 9.55
N LEU E 223 28.31 -50.00 9.85
CA LEU E 223 27.67 -49.11 8.85
C LEU E 223 28.68 -48.05 8.43
N VAL E 224 29.27 -47.41 9.40
CA VAL E 224 30.12 -46.30 9.16
C VAL E 224 31.45 -46.76 8.58
N LYS E 225 31.90 -47.96 8.95
CA LYS E 225 33.17 -48.42 8.35
C LYS E 225 32.94 -48.62 6.88
N MET E 226 31.79 -49.18 6.52
CA MET E 226 31.49 -49.38 5.15
C MET E 226 31.41 -48.02 4.40
N ILE E 227 30.85 -47.00 5.05
CA ILE E 227 30.64 -45.65 4.48
C ILE E 227 31.99 -45.09 4.14
N ARG E 228 32.86 -45.05 5.15
CA ARG E 228 34.20 -44.53 4.98
C ARG E 228 35.07 -45.36 4.01
N GLU E 229 34.80 -46.63 3.79
CA GLU E 229 35.52 -47.32 2.71
C GLU E 229 35.03 -46.84 1.35
N LEU E 230 33.79 -46.34 1.23
CA LEU E 230 33.22 -46.01 -0.09
C LEU E 230 33.51 -44.56 -0.42
N GLN E 231 33.23 -43.65 0.52
CA GLN E 231 33.44 -42.26 0.31
C GLN E 231 33.99 -41.70 1.62
N PRO E 232 35.32 -41.83 1.85
CA PRO E 232 35.92 -41.50 3.15
C PRO E 232 35.62 -40.09 3.60
N ASN E 233 35.40 -39.17 2.64
CA ASN E 233 35.28 -37.74 2.99
C ASN E 233 33.84 -37.25 3.27
N VAL E 234 32.84 -38.11 3.18
CA VAL E 234 31.45 -37.74 3.48
C VAL E 234 31.28 -37.31 4.95
N LEU E 235 30.44 -36.31 5.17
CA LEU E 235 30.15 -35.85 6.52
C LEU E 235 28.85 -36.47 6.99
N ILE E 236 28.87 -36.94 8.23
CA ILE E 236 27.75 -37.59 8.82
C ILE E 236 27.28 -36.82 10.05
N ASP E 237 25.97 -36.74 10.21
CA ASP E 237 25.41 -36.09 11.39
C ASP E 237 25.52 -37.08 12.59
N ASN E 238 24.95 -36.70 13.73
CA ASN E 238 25.17 -37.33 15.05
C ASN E 238 23.89 -38.07 15.51
N ARG E 239 23.15 -38.66 14.57
CA ARG E 239 21.86 -39.28 14.88
C ARG E 239 21.85 -40.81 14.83
N LEU E 240 23.01 -41.45 14.66
CA LEU E 240 23.12 -42.89 14.85
C LEU E 240 23.36 -43.29 16.31
N GLY E 241 23.39 -42.33 17.25
CA GLY E 241 23.64 -42.63 18.65
C GLY E 241 25.07 -42.26 19.04
N GLY E 242 25.52 -42.74 20.18
CA GLY E 242 26.84 -42.33 20.64
C GLY E 242 26.85 -40.91 21.16
N ASN E 243 28.04 -40.39 21.44
CA ASN E 243 28.18 -39.10 22.08
C ASN E 243 29.31 -38.29 21.44
N ILE E 244 28.94 -37.35 20.58
CA ILE E 244 29.88 -36.53 19.83
C ILE E 244 30.63 -35.57 20.76
N LYS E 245 30.03 -35.22 21.91
CA LYS E 245 30.72 -34.45 22.94
C LYS E 245 31.80 -35.24 23.75
N ALA E 246 32.04 -36.51 23.47
CA ALA E 246 33.10 -37.26 24.18
C ALA E 246 34.47 -36.87 23.60
N ARG E 247 35.47 -36.81 24.49
CA ARG E 247 36.86 -36.65 24.11
C ARG E 247 37.21 -37.79 23.17
N GLU E 248 36.67 -38.98 23.44
CA GLU E 248 36.93 -40.15 22.60
C GLU E 248 35.62 -40.71 22.09
N PRO E 249 35.05 -40.14 21.01
CA PRO E 249 33.70 -40.51 20.60
C PRO E 249 33.76 -41.79 19.79
N GLU E 250 32.65 -42.52 19.80
CA GLU E 250 32.44 -43.66 18.92
C GLU E 250 32.71 -43.26 17.47
N ILE E 251 33.18 -44.20 16.66
CA ILE E 251 33.40 -43.99 15.24
C ILE E 251 32.10 -43.53 14.52
N TYR E 252 30.93 -43.87 15.09
CA TYR E 252 29.65 -43.54 14.47
C TYR E 252 29.03 -42.28 15.07
N ALA E 253 29.73 -41.53 15.91
CA ALA E 253 29.07 -40.48 16.66
C ALA E 253 28.77 -39.23 15.80
N GLY E 254 29.50 -39.04 14.70
CA GLY E 254 29.23 -37.94 13.76
C GLY E 254 30.34 -36.93 13.60
N ASP E 255 30.37 -36.33 12.42
CA ASP E 255 31.17 -35.15 12.09
C ASP E 255 30.52 -33.89 12.66
N PHE E 256 29.20 -33.80 12.73
CA PHE E 256 28.63 -32.55 13.27
C PHE E 256 27.37 -32.82 14.08
N ALA E 257 27.07 -31.97 15.05
CA ALA E 257 25.84 -32.02 15.83
C ALA E 257 24.71 -31.30 15.07
N SER E 258 23.47 -31.63 15.44
CA SER E 258 22.31 -31.21 14.66
C SER E 258 21.15 -30.77 15.55
N PRO E 259 21.30 -29.70 16.32
CA PRO E 259 20.09 -29.18 17.00
C PRO E 259 18.97 -28.81 16.01
N GLU E 260 17.72 -28.86 16.48
CA GLU E 260 16.55 -28.86 15.60
C GLU E 260 15.54 -27.79 16.03
N GLN E 261 15.18 -26.92 15.08
CA GLN E 261 14.08 -25.94 15.27
C GLN E 261 14.32 -25.01 16.47
N LEU E 262 15.59 -24.78 16.75
CA LEU E 262 16.06 -24.16 17.99
C LEU E 262 17.53 -23.80 17.66
N LEU E 263 17.88 -22.53 17.88
CA LEU E 263 19.28 -22.09 17.79
C LEU E 263 19.79 -22.17 19.22
N PRO E 264 20.86 -22.93 19.45
CA PRO E 264 21.26 -23.20 20.83
C PRO E 264 21.75 -21.88 21.42
N PRO E 265 21.51 -21.67 22.73
CA PRO E 265 21.86 -20.39 23.36
C PRO E 265 23.38 -20.09 23.35
N HIS E 266 24.22 -21.13 23.24
CA HIS E 266 25.66 -21.01 22.91
C HIS E 266 26.05 -22.12 21.93
N GLY E 267 27.22 -21.96 21.32
CA GLY E 267 27.78 -22.95 20.41
C GLY E 267 27.99 -24.27 21.12
N ILE E 268 27.75 -25.38 20.42
CA ILE E 268 27.89 -26.72 20.94
C ILE E 268 29.40 -26.95 21.13
N VAL E 269 29.78 -27.41 22.32
CA VAL E 269 31.16 -27.79 22.64
C VAL E 269 31.20 -29.21 23.16
N ASN E 270 32.36 -29.86 23.05
CA ASN E 270 32.56 -31.17 23.67
C ASN E 270 32.85 -31.04 25.19
N GLU E 271 33.22 -32.14 25.83
CA GLU E 271 33.27 -32.20 27.32
C GLU E 271 34.48 -31.39 27.82
N ASP E 272 35.53 -31.27 27.00
CA ASP E 272 36.65 -30.36 27.28
C ASP E 272 36.33 -28.88 26.98
N GLY E 273 35.16 -28.55 26.43
CA GLY E 273 34.87 -27.18 25.96
C GLY E 273 35.40 -26.81 24.56
N LYS E 274 35.88 -27.77 23.75
CA LYS E 274 36.34 -27.50 22.38
C LYS E 274 35.10 -27.44 21.46
N PRO E 275 34.93 -26.36 20.65
CA PRO E 275 33.82 -26.25 19.68
C PRO E 275 33.67 -27.49 18.81
N LEU E 276 32.45 -27.93 18.63
CA LEU E 276 32.16 -28.98 17.68
C LEU E 276 31.45 -28.38 16.50
N PRO E 277 31.72 -28.87 15.28
CA PRO E 277 30.90 -28.45 14.15
C PRO E 277 29.42 -28.81 14.45
N TRP E 278 28.52 -28.01 13.91
CA TRP E 278 27.12 -28.18 14.14
C TRP E 278 26.27 -27.36 13.19
N GLU E 279 25.01 -27.75 13.11
CA GLU E 279 24.14 -27.20 12.13
C GLU E 279 22.73 -27.22 12.69
N ALA E 280 22.05 -26.08 12.69
CA ALA E 280 20.64 -26.00 13.10
C ALA E 280 19.77 -26.20 11.84
N CYS E 281 18.84 -27.15 11.91
CA CYS E 281 17.90 -27.40 10.79
C CYS E 281 16.61 -26.64 11.15
N ILE E 282 16.07 -25.88 10.21
CA ILE E 282 15.03 -24.87 10.41
C ILE E 282 14.05 -24.99 9.23
N THR E 283 12.76 -24.98 9.51
CA THR E 283 11.70 -24.95 8.49
C THR E 283 11.43 -23.50 8.10
N LEU E 284 11.01 -23.23 6.85
CA LEU E 284 10.51 -21.91 6.47
C LEU E 284 9.13 -21.59 7.04
N ASN E 285 8.21 -22.56 7.02
CA ASN E 285 6.92 -22.43 7.72
C ASN E 285 7.04 -23.36 8.94
N HIS E 286 5.99 -24.10 9.33
CA HIS E 286 6.13 -24.96 10.51
C HIS E 286 6.37 -26.39 10.10
N HIS E 287 6.51 -26.69 8.81
CA HIS E 287 6.56 -28.07 8.34
C HIS E 287 7.75 -28.33 7.42
N TRP E 288 8.35 -29.53 7.58
CA TRP E 288 9.38 -30.06 6.70
C TRP E 288 8.75 -30.46 5.36
N GLY E 289 7.85 -31.43 5.39
CA GLY E 289 7.08 -31.82 4.19
C GLY E 289 6.11 -30.70 3.82
N TYR E 290 5.79 -30.57 2.56
CA TYR E 290 4.83 -29.57 2.14
C TYR E 290 3.51 -29.73 2.89
N HIS E 291 2.95 -28.61 3.36
CA HIS E 291 1.65 -28.55 3.99
C HIS E 291 0.84 -27.51 3.26
N ALA E 292 -0.27 -27.94 2.67
CA ALA E 292 -1.01 -27.16 1.72
C ALA E 292 -1.76 -25.99 2.36
N HIS E 293 -1.87 -25.93 3.68
CA HIS E 293 -2.58 -24.81 4.34
C HIS E 293 -1.71 -24.12 5.43
N ASP E 294 -0.38 -24.31 5.40
CA ASP E 294 0.55 -23.59 6.31
C ASP E 294 1.29 -22.47 5.54
N ARG E 295 0.73 -21.27 5.58
CA ARG E 295 1.30 -20.08 5.01
C ARG E 295 1.90 -19.13 6.09
N ASP E 296 2.17 -19.64 7.28
CA ASP E 296 2.72 -18.85 8.34
C ASP E 296 4.24 -18.95 8.24
N TYR E 297 4.80 -18.17 7.29
CA TYR E 297 6.19 -18.32 6.92
C TYR E 297 7.02 -17.38 7.77
N LYS E 298 8.26 -17.80 8.04
CA LYS E 298 9.32 -16.85 8.44
C LYS E 298 9.61 -15.82 7.34
N THR E 299 9.92 -14.62 7.78
CA THR E 299 10.34 -13.53 6.87
C THR E 299 11.83 -13.67 6.52
N PRO E 300 12.28 -13.05 5.42
CA PRO E 300 13.71 -13.02 5.06
C PRO E 300 14.54 -12.41 6.16
N LYS E 301 13.97 -11.40 6.79
CA LYS E 301 14.61 -10.83 7.92
C LYS E 301 14.99 -11.88 8.96
N GLN E 302 14.05 -12.78 9.29
CA GLN E 302 14.24 -13.80 10.36
C GLN E 302 15.22 -14.87 9.92
N VAL E 303 15.22 -15.18 8.61
CA VAL E 303 16.15 -16.17 8.09
C VAL E 303 17.58 -15.63 8.15
N VAL E 304 17.78 -14.38 7.67
CA VAL E 304 19.02 -13.72 7.74
C VAL E 304 19.50 -13.74 9.22
N ARG E 305 18.67 -13.24 10.14
CA ARG E 305 19.08 -13.16 11.53
C ARG E 305 19.43 -14.55 12.11
N GLY E 306 18.66 -15.58 11.72
CA GLY E 306 18.92 -16.91 12.15
C GLY E 306 20.32 -17.39 11.71
N LEU E 307 20.64 -17.15 10.42
CA LEU E 307 21.90 -17.59 9.84
C LEU E 307 23.11 -16.88 10.54
N VAL E 308 22.93 -15.58 10.81
CA VAL E 308 23.91 -14.80 11.54
C VAL E 308 24.10 -15.35 12.96
N GLU E 309 22.99 -15.55 13.65
CA GLU E 309 23.03 -16.22 14.98
C GLU E 309 23.85 -17.53 14.95
N CYS E 310 23.65 -18.38 13.95
CA CYS E 310 24.32 -19.66 13.93
C CYS E 310 25.83 -19.45 13.82
N VAL E 311 26.19 -18.60 12.86
CA VAL E 311 27.55 -18.31 12.55
C VAL E 311 28.26 -17.63 13.73
N SER E 312 27.54 -16.73 14.40
CA SER E 312 28.05 -16.13 15.61
C SER E 312 28.34 -17.10 16.74
N LYS E 313 27.77 -18.32 16.68
CA LYS E 313 28.00 -19.45 17.63
C LYS E 313 28.74 -20.63 16.97
N ASN E 314 29.47 -20.32 15.91
CA ASN E 314 30.38 -21.25 15.21
C ASN E 314 29.56 -22.33 14.52
N GLY E 315 28.33 -21.99 14.13
CA GLY E 315 27.45 -23.02 13.58
C GLY E 315 26.98 -22.73 12.17
N ASN E 316 26.35 -23.74 11.56
CA ASN E 316 25.71 -23.71 10.24
C ASN E 316 24.18 -23.64 10.40
N MET E 317 23.49 -23.30 9.32
CA MET E 317 22.08 -23.32 9.28
C MET E 317 21.70 -24.00 7.96
N LEU E 318 20.83 -25.01 8.05
CA LEU E 318 20.34 -25.79 6.95
C LEU E 318 18.84 -25.42 6.88
N LEU E 319 18.46 -24.58 5.91
CA LEU E 319 17.07 -24.10 5.82
C LEU E 319 16.22 -24.95 4.87
N ASN E 320 15.06 -25.40 5.36
CA ASN E 320 14.24 -26.37 4.66
C ASN E 320 13.29 -25.72 3.68
N VAL E 321 13.22 -26.34 2.52
CA VAL E 321 12.02 -26.27 1.72
C VAL E 321 11.31 -27.62 1.61
N GLY E 322 10.00 -27.53 1.45
CA GLY E 322 9.11 -28.63 1.28
C GLY E 322 8.35 -28.51 -0.02
N PRO E 323 8.87 -29.08 -1.11
CA PRO E 323 8.17 -28.92 -2.39
C PRO E 323 6.80 -29.61 -2.47
N ASN E 324 5.92 -29.07 -3.30
CA ASN E 324 4.60 -29.67 -3.45
C ASN E 324 4.67 -30.95 -4.35
N ALA E 325 3.51 -31.63 -4.49
CA ALA E 325 3.36 -32.92 -5.08
C ALA E 325 3.65 -32.87 -6.59
N LYS E 326 3.58 -31.68 -7.16
CA LYS E 326 3.92 -31.47 -8.54
C LYS E 326 5.43 -31.29 -8.72
N GLY E 327 6.18 -31.06 -7.63
CA GLY E 327 7.65 -30.92 -7.68
C GLY E 327 8.19 -29.49 -7.64
N GLU E 328 7.33 -28.54 -7.27
CA GLU E 328 7.66 -27.16 -7.30
C GLU E 328 7.84 -26.65 -5.89
N ILE E 329 8.96 -25.94 -5.67
CA ILE E 329 9.15 -25.27 -4.45
C ILE E 329 8.06 -24.19 -4.34
N PRO E 330 7.30 -24.10 -3.23
CA PRO E 330 6.17 -23.16 -3.22
C PRO E 330 6.66 -21.75 -3.46
N GLN E 331 5.85 -20.92 -4.13
CA GLN E 331 6.18 -19.53 -4.41
C GLN E 331 6.58 -18.70 -3.15
N LEU E 332 5.88 -18.86 -2.03
CA LEU E 332 6.25 -18.10 -0.87
C LEU E 332 7.65 -18.51 -0.39
N SER E 333 8.02 -19.79 -0.50
CA SER E 333 9.41 -20.20 -0.20
C SER E 333 10.41 -19.52 -1.13
N LEU E 334 10.12 -19.52 -2.43
CA LEU E 334 10.99 -18.82 -3.34
C LEU E 334 11.11 -17.33 -3.04
N ASP E 335 10.01 -16.67 -2.66
CA ASP E 335 10.04 -15.25 -2.33
C ASP E 335 11.01 -14.97 -1.17
N VAL E 336 10.98 -15.82 -0.13
CA VAL E 336 11.84 -15.67 0.99
C VAL E 336 13.29 -15.91 0.52
N LEU E 337 13.53 -16.93 -0.27
CA LEU E 337 14.91 -17.22 -0.64
C LEU E 337 15.45 -16.08 -1.51
N GLY E 338 14.65 -15.55 -2.42
CA GLY E 338 15.16 -14.47 -3.28
C GLY E 338 15.66 -13.26 -2.46
N GLU E 339 14.89 -12.86 -1.45
CA GLU E 339 15.30 -11.76 -0.60
C GLU E 339 16.45 -12.15 0.30
N VAL E 340 16.54 -13.39 0.73
CA VAL E 340 17.67 -13.73 1.54
C VAL E 340 18.91 -13.54 0.69
N GLY E 341 18.81 -14.04 -0.53
CA GLY E 341 19.86 -13.99 -1.53
C GLY E 341 20.33 -12.58 -1.88
N ALA E 342 19.41 -11.61 -1.95
CA ALA E 342 19.82 -10.22 -2.16
C ALA E 342 20.67 -9.71 -0.94
N TRP E 343 20.26 -10.01 0.29
CA TRP E 343 21.09 -9.65 1.46
C TRP E 343 22.49 -10.29 1.37
N MET E 344 22.55 -11.54 0.95
CA MET E 344 23.80 -12.35 1.01
C MET E 344 24.78 -11.86 -0.05
N ARG E 345 24.24 -11.38 -1.17
CA ARG E 345 25.06 -10.85 -2.25
C ARG E 345 25.86 -9.66 -1.72
N ALA E 346 25.21 -8.84 -0.89
CA ALA E 346 25.85 -7.69 -0.27
C ALA E 346 26.63 -8.06 1.00
N ASN E 347 26.15 -8.98 1.83
CA ASN E 347 26.76 -9.16 3.15
C ASN E 347 27.42 -10.52 3.40
N GLY E 348 27.46 -11.33 2.37
CA GLY E 348 28.06 -12.68 2.39
C GLY E 348 29.41 -12.84 3.07
N ASP E 349 30.27 -11.84 2.97
CA ASP E 349 31.58 -11.90 3.55
C ASP E 349 31.52 -12.10 5.05
N SER E 350 30.39 -11.73 5.72
CA SER E 350 30.30 -11.80 7.17
C SER E 350 29.79 -13.13 7.65
N ILE E 351 29.46 -13.99 6.68
CA ILE E 351 28.95 -15.31 6.88
C ILE E 351 30.01 -16.32 6.47
N TYR E 352 30.37 -16.35 5.18
CA TYR E 352 31.20 -17.42 4.63
C TYR E 352 32.60 -17.34 5.27
N GLY E 353 33.11 -18.47 5.75
CA GLY E 353 34.43 -18.51 6.34
C GLY E 353 34.47 -17.88 7.72
N CYS E 354 33.33 -17.41 8.27
CA CYS E 354 33.36 -16.69 9.56
C CYS E 354 32.92 -17.62 10.70
N GLY E 355 33.05 -17.12 11.92
CA GLY E 355 32.77 -17.88 13.07
C GLY E 355 32.60 -16.95 14.22
N ALA E 356 32.60 -17.49 15.42
CA ALA E 356 32.34 -16.72 16.59
C ALA E 356 33.53 -15.79 16.88
N ALA E 357 33.24 -14.65 17.52
CA ALA E 357 34.24 -13.75 18.07
C ALA E 357 34.40 -14.12 19.53
N ALA E 358 35.44 -13.61 20.18
CA ALA E 358 35.72 -13.94 21.57
C ALA E 358 35.16 -12.82 22.47
N LEU E 359 33.88 -12.49 22.26
CA LEU E 359 33.23 -11.34 22.88
C LEU E 359 31.82 -11.77 23.23
N SER E 360 31.33 -11.27 24.35
CA SER E 360 29.97 -11.45 24.69
C SER E 360 29.07 -10.80 23.62
N LYS E 361 27.88 -11.35 23.48
CA LYS E 361 26.88 -10.81 22.59
C LYS E 361 26.59 -9.41 23.03
N PRO E 362 26.76 -8.44 22.13
CA PRO E 362 26.47 -7.05 22.43
C PRO E 362 24.96 -6.74 22.43
N GLU E 363 24.61 -5.60 22.97
CA GLU E 363 23.24 -5.23 23.20
C GLU E 363 22.47 -5.03 21.90
N TRP E 364 23.15 -4.55 20.86
CA TRP E 364 22.55 -4.06 19.63
C TRP E 364 22.56 -5.11 18.53
N GLY E 365 23.08 -6.28 18.81
CA GLY E 365 23.21 -7.23 17.73
C GLY E 365 24.15 -8.37 18.00
N ARG E 366 24.90 -8.74 16.96
CA ARG E 366 25.79 -9.89 17.08
C ARG E 366 27.13 -9.65 16.41
N TYR E 367 28.10 -10.50 16.73
CA TYR E 367 29.40 -10.49 16.07
C TYR E 367 29.65 -11.76 15.28
N THR E 368 30.14 -11.65 14.05
CA THR E 368 30.87 -12.78 13.51
C THR E 368 32.30 -12.32 13.24
N GLN E 369 33.18 -13.25 12.86
CA GLN E 369 34.60 -12.91 12.72
C GLN E 369 35.33 -13.88 11.79
N LYS E 370 36.28 -13.28 11.06
CA LYS E 370 37.19 -13.94 10.16
C LYS E 370 38.53 -13.24 10.24
N GLY E 371 39.58 -13.93 10.70
CA GLY E 371 40.94 -13.31 10.94
C GLY E 371 40.89 -11.98 11.71
N ASN E 372 41.43 -10.93 11.08
CA ASN E 372 41.39 -9.54 11.63
C ASN E 372 40.09 -8.80 11.25
N LYS E 373 39.13 -9.51 10.63
CA LYS E 373 37.81 -8.90 10.29
C LYS E 373 36.74 -9.34 11.31
N LEU E 374 36.34 -8.36 12.14
CA LEU E 374 35.24 -8.48 13.04
C LEU E 374 34.01 -7.83 12.41
N TYR E 375 32.94 -8.64 12.20
CA TYR E 375 31.70 -8.08 11.61
C TYR E 375 30.68 -7.82 12.69
N ALA E 376 30.20 -6.59 12.71
CA ALA E 376 29.26 -6.18 13.69
C ALA E 376 27.88 -6.14 13.03
N HIS E 377 26.96 -6.95 13.53
CA HIS E 377 25.62 -7.13 12.89
C HIS E 377 24.62 -6.31 13.70
N ILE E 378 24.34 -5.11 13.22
CA ILE E 378 23.51 -4.19 13.91
C ILE E 378 22.08 -4.66 13.63
N LEU E 379 21.45 -5.28 14.63
CA LEU E 379 20.10 -5.72 14.51
C LEU E 379 19.09 -4.75 15.11
N ASP E 380 19.51 -3.95 16.06
CA ASP E 380 18.64 -2.94 16.67
C ASP E 380 19.48 -1.64 16.75
N ARG E 381 19.07 -0.63 15.97
CA ARG E 381 19.78 0.62 15.89
C ARG E 381 19.78 1.40 17.21
N GLY E 382 18.78 1.20 18.04
CA GLY E 382 18.70 1.90 19.30
C GLY E 382 18.46 3.38 19.05
N ILE E 383 18.94 4.16 20.00
CA ILE E 383 18.90 5.58 19.91
C ILE E 383 20.31 6.13 20.17
N GLY E 384 20.72 7.05 19.29
CA GLY E 384 22.03 7.64 19.38
C GLY E 384 23.13 6.66 18.95
N PRO E 385 24.38 6.92 19.35
CA PRO E 385 25.47 6.08 18.86
C PRO E 385 25.48 4.69 19.50
N ILE E 386 26.02 3.76 18.74
CA ILE E 386 26.08 2.36 19.06
C ILE E 386 27.36 2.12 19.84
N ALA E 387 27.23 1.56 21.05
CA ALA E 387 28.36 1.39 21.94
C ALA E 387 28.92 -0.02 21.80
N LEU E 388 30.20 -0.12 21.49
CA LEU E 388 30.84 -1.43 21.35
C LEU E 388 31.79 -1.61 22.52
N GLN E 389 31.45 -2.50 23.46
CA GLN E 389 32.25 -2.67 24.69
C GLN E 389 33.61 -3.32 24.37
N GLY E 390 34.71 -2.77 24.92
CA GLY E 390 36.07 -3.38 24.88
C GLY E 390 36.81 -3.25 23.56
N LEU E 391 36.31 -2.42 22.64
CA LEU E 391 36.98 -2.24 21.35
C LEU E 391 37.61 -0.85 21.17
N ASN E 392 37.55 0.02 22.18
CA ASN E 392 38.24 1.29 22.08
C ASN E 392 39.72 0.99 21.92
N GLY E 393 40.38 1.62 20.95
CA GLY E 393 41.79 1.37 20.69
C GLY E 393 42.08 0.04 20.01
N ARG E 394 41.06 -0.73 19.62
CA ARG E 394 41.36 -2.03 19.00
C ARG E 394 40.97 -2.09 17.50
N VAL E 395 40.45 -1.01 16.94
CA VAL E 395 39.88 -1.04 15.62
C VAL E 395 40.59 0.00 14.76
N LYS E 396 41.15 -0.41 13.63
CA LYS E 396 41.83 0.50 12.81
C LYS E 396 40.89 1.09 11.74
N GLU E 397 39.91 0.33 11.20
CA GLU E 397 38.98 0.85 10.19
C GLU E 397 37.57 0.32 10.44
N ALA E 398 36.56 1.10 10.07
CA ALA E 398 35.15 0.61 10.02
C ALA E 398 34.49 0.97 8.67
N ARG E 399 33.83 -0.04 8.08
CA ARG E 399 33.18 0.11 6.77
CA ARG E 399 33.17 0.15 6.79
C ARG E 399 31.80 -0.56 6.81
N LEU E 400 30.79 0.08 6.25
CA LEU E 400 29.53 -0.59 5.99
C LEU E 400 29.86 -1.62 4.92
N LEU E 401 29.58 -2.90 5.19
CA LEU E 401 30.02 -3.92 4.26
C LEU E 401 29.18 -3.94 2.96
N ALA E 402 27.91 -3.50 3.04
CA ALA E 402 27.01 -3.58 1.92
C ALA E 402 27.57 -2.76 0.76
N ASP E 403 28.10 -1.56 1.03
CA ASP E 403 28.56 -0.63 -0.04
C ASP E 403 30.04 -0.21 0.09
N GLY E 404 30.73 -0.68 1.12
CA GLY E 404 32.10 -0.34 1.31
C GLY E 404 32.32 1.05 1.92
N ALA E 405 31.24 1.72 2.33
CA ALA E 405 31.32 3.10 2.76
C ALA E 405 31.90 3.14 4.16
N GLU E 406 32.62 4.21 4.49
CA GLU E 406 33.27 4.38 5.77
C GLU E 406 32.29 4.73 6.90
N VAL E 407 32.60 4.23 8.09
CA VAL E 407 31.81 4.52 9.30
C VAL E 407 32.68 5.31 10.26
N ASN E 408 32.09 6.39 10.77
CA ASN E 408 32.70 7.25 11.80
C ASN E 408 32.69 6.53 13.15
N ILE E 409 33.89 6.24 13.66
CA ILE E 409 34.03 5.62 14.99
C ILE E 409 34.67 6.56 16.06
N GLN E 410 34.66 7.86 15.84
CA GLN E 410 35.16 8.79 16.84
C GLN E 410 34.09 8.86 17.95
N THR E 411 34.52 8.76 19.19
CA THR E 411 33.65 9.04 20.34
C THR E 411 32.92 10.37 20.19
N PRO E 412 31.58 10.42 20.12
CA PRO E 412 30.98 11.76 20.07
C PRO E 412 31.02 12.44 21.42
N TRP E 413 30.65 13.72 21.38
CA TRP E 413 30.73 14.67 22.50
C TRP E 413 29.88 14.21 23.69
N ASN E 414 28.74 13.55 23.41
CA ASN E 414 27.77 13.15 24.44
C ASN E 414 28.13 11.80 25.09
N ALA E 415 29.20 11.14 24.64
CA ALA E 415 29.61 9.81 25.14
C ALA E 415 31.04 9.83 25.74
N VAL E 416 31.54 11.00 26.10
CA VAL E 416 32.94 11.09 26.59
C VAL E 416 33.07 10.46 27.98
N ASP E 417 31.97 10.21 28.67
CA ASP E 417 32.04 9.50 29.98
C ASP E 417 32.19 7.97 29.88
N TYR E 418 32.34 7.40 28.67
CA TYR E 418 32.33 5.93 28.45
C TYR E 418 33.62 5.53 27.74
N PRO E 419 34.78 5.79 28.39
CA PRO E 419 36.08 5.74 27.71
C PRO E 419 36.44 4.33 27.20
N ASP E 420 35.81 3.30 27.77
CA ASP E 420 36.10 1.90 27.43
C ASP E 420 35.15 1.32 26.36
N TYR E 421 34.44 2.17 25.63
CA TYR E 421 33.56 1.73 24.59
C TYR E 421 34.03 2.43 23.31
N LEU E 422 34.01 1.70 22.19
CA LEU E 422 34.05 2.32 20.89
C LEU E 422 32.63 2.71 20.50
N PHE E 423 32.44 3.84 19.83
CA PHE E 423 31.16 4.29 19.34
C PHE E 423 31.13 4.30 17.82
N VAL E 424 30.01 3.84 17.24
CA VAL E 424 29.68 3.91 15.81
C VAL E 424 28.56 4.93 15.69
N ASN E 425 28.78 5.93 14.85
CA ASN E 425 27.89 7.09 14.72
C ASN E 425 27.15 6.87 13.41
N ILE E 426 25.83 6.80 13.48
CA ILE E 426 24.97 6.62 12.32
C ILE E 426 24.22 7.91 12.24
N PRO E 427 24.41 8.68 11.16
CA PRO E 427 23.73 9.98 11.07
C PRO E 427 22.20 9.97 10.78
N THR E 428 21.62 8.81 10.48
CA THR E 428 20.19 8.70 10.19
C THR E 428 19.49 8.00 11.35
N ALA E 429 18.18 8.21 11.41
CA ALA E 429 17.37 7.75 12.50
C ALA E 429 17.18 6.24 12.41
N GLN E 430 17.10 5.75 11.17
CA GLN E 430 17.07 4.35 10.84
C GLN E 430 18.29 3.87 10.07
N LEU E 431 18.52 2.57 10.17
CA LEU E 431 19.66 1.95 9.58
C LEU E 431 19.43 1.85 8.11
N PRO E 432 20.52 1.77 7.32
CA PRO E 432 20.38 1.51 5.91
C PRO E 432 19.62 0.23 5.61
N ASP E 433 19.70 -0.79 6.49
CA ASP E 433 19.15 -2.12 6.20
C ASP E 433 18.52 -2.70 7.46
N ASP E 434 17.20 -2.92 7.37
CA ASP E 434 16.41 -3.34 8.48
C ASP E 434 16.61 -4.79 8.84
N PHE E 435 16.99 -5.63 7.88
CA PHE E 435 17.27 -7.04 8.21
C PHE E 435 18.43 -7.10 9.19
N ASN E 436 19.50 -6.46 8.80
CA ASN E 436 20.83 -6.58 9.47
C ASN E 436 21.74 -5.63 8.70
N THR E 437 22.21 -4.59 9.36
CA THR E 437 23.24 -3.70 8.81
C THR E 437 24.61 -4.07 9.40
N VAL E 438 25.50 -4.53 8.52
CA VAL E 438 26.80 -5.10 8.90
C VAL E 438 27.89 -4.03 8.67
N ILE E 439 28.71 -3.90 9.73
CA ILE E 439 29.89 -3.09 9.76
C ILE E 439 31.11 -4.01 9.88
N GLU E 440 31.99 -3.91 8.91
CA GLU E 440 33.27 -4.59 8.95
C GLU E 440 34.25 -3.77 9.76
N LEU E 441 34.74 -4.31 10.87
CA LEU E 441 35.73 -3.64 11.66
C LEU E 441 37.04 -4.37 11.36
N THR E 442 38.06 -3.61 10.93
CA THR E 442 39.42 -4.18 10.76
C THR E 442 40.15 -4.06 12.10
N LEU E 443 40.52 -5.18 12.71
CA LEU E 443 41.13 -5.13 14.07
C LEU E 443 42.59 -4.74 13.94
N GLU E 444 43.08 -3.96 14.92
CA GLU E 444 44.53 -3.63 15.10
C GLU E 444 45.41 -4.89 15.20
N ASP E 445 46.40 -5.01 14.29
CA ASP E 445 47.39 -6.16 14.13
C ASP E 445 47.31 -6.73 12.72
N GLU F 18 17.28 20.26 60.02
CA GLU F 18 17.51 19.77 58.62
C GLU F 18 18.85 19.01 58.47
N GLY F 19 19.05 17.96 59.28
CA GLY F 19 20.29 17.16 59.27
C GLY F 19 20.28 16.03 58.25
N ARG F 20 21.18 15.07 58.42
CA ARG F 20 21.41 14.01 57.42
C ARG F 20 20.14 13.21 57.08
N HIS F 21 19.38 12.80 58.12
CA HIS F 21 18.21 11.91 57.91
C HIS F 21 17.09 12.61 57.16
N MET F 22 16.77 13.84 57.61
CA MET F 22 15.69 14.65 57.06
C MET F 22 16.02 14.88 55.60
N THR F 23 17.29 15.27 55.33
CA THR F 23 17.79 15.61 54.00
C THR F 23 17.75 14.41 53.04
N LEU F 24 18.39 13.27 53.43
CA LEU F 24 18.37 12.03 52.58
C LEU F 24 16.93 11.45 52.47
N THR F 25 16.14 11.42 53.55
CA THR F 25 14.77 10.91 53.49
C THR F 25 13.91 11.75 52.52
N ALA F 26 14.03 13.09 52.59
CA ALA F 26 13.25 13.98 51.73
C ALA F 26 13.75 13.85 50.27
N ARG F 27 15.05 13.57 50.08
CA ARG F 27 15.61 13.33 48.74
C ARG F 27 14.90 12.12 48.09
N GLU F 28 14.76 11.00 48.84
CA GLU F 28 14.17 9.74 48.38
C GLU F 28 12.67 9.87 48.15
N GLN F 29 12.00 10.62 49.01
CA GLN F 29 10.56 10.76 48.92
C GLN F 29 10.18 11.56 47.67
N ARG F 30 10.84 12.70 47.45
CA ARG F 30 10.42 13.58 46.35
C ARG F 30 10.69 12.92 44.97
N ILE F 31 11.64 11.99 44.88
CA ILE F 31 12.01 11.28 43.64
C ILE F 31 11.07 10.06 43.34
N GLN F 32 10.26 9.58 44.29
CA GLN F 32 9.45 8.38 44.07
C GLN F 32 8.56 8.54 42.84
N TRP F 33 7.82 9.63 42.75
CA TRP F 33 6.86 9.72 41.66
C TRP F 33 7.58 9.57 40.31
N PHE F 34 8.79 10.14 40.26
CA PHE F 34 9.57 10.36 39.05
C PHE F 34 10.07 9.02 38.57
N ASN F 35 10.70 8.29 39.48
CA ASN F 35 11.12 6.88 39.27
C ASN F 35 9.92 5.98 38.91
N HIS F 36 8.77 6.23 39.53
CA HIS F 36 7.61 5.49 39.18
C HIS F 36 7.16 5.83 37.75
N ASP F 37 7.11 7.12 37.42
CA ASP F 37 6.40 7.57 36.23
C ASP F 37 7.13 7.24 34.92
N ARG F 38 8.48 7.32 34.92
CA ARG F 38 9.38 6.80 33.85
C ARG F 38 9.41 7.63 32.54
N PHE F 39 8.29 8.25 32.11
CA PHE F 39 8.15 8.73 30.77
C PHE F 39 7.57 10.14 30.73
N GLY F 40 8.35 11.10 30.17
CA GLY F 40 7.91 12.47 30.10
C GLY F 40 8.09 13.01 28.70
N MET F 41 7.49 14.16 28.47
CA MET F 41 7.60 14.96 27.23
C MET F 41 8.44 16.20 27.55
N PHE F 42 9.47 16.47 26.72
CA PHE F 42 10.26 17.71 26.69
C PHE F 42 9.60 18.61 25.65
N ILE F 43 9.51 19.88 25.93
CA ILE F 43 9.01 20.80 24.96
C ILE F 43 9.96 21.97 24.86
N HIS F 44 10.53 22.12 23.67
CA HIS F 44 11.35 23.24 23.27
C HIS F 44 10.58 24.11 22.31
N TRP F 45 10.22 25.27 22.82
CA TRP F 45 9.47 26.22 22.09
C TRP F 45 9.95 27.62 22.44
N GLY F 46 10.01 28.44 21.41
CA GLY F 46 10.26 29.84 21.54
C GLY F 46 10.39 30.49 20.17
N LEU F 47 11.04 31.67 20.18
CA LEU F 47 11.25 32.47 19.03
C LEU F 47 12.00 31.70 17.95
N TYR F 48 12.95 30.82 18.35
CA TYR F 48 13.75 30.04 17.37
C TYR F 48 12.94 29.14 16.45
N ALA F 49 11.66 28.91 16.72
CA ALA F 49 10.76 28.14 15.87
C ALA F 49 10.51 28.85 14.56
N ILE F 50 10.73 30.17 14.53
CA ILE F 50 10.59 30.98 13.29
C ILE F 50 11.77 30.74 12.37
N PRO F 51 13.03 31.13 12.70
CA PRO F 51 14.14 30.70 11.86
C PRO F 51 14.16 29.18 11.61
N ALA F 52 13.62 28.41 12.58
CA ALA F 52 13.25 27.00 12.39
C ALA F 52 14.43 26.19 11.89
N ARG F 53 15.60 26.39 12.51
CA ARG F 53 16.74 25.58 12.18
C ARG F 53 17.57 25.26 13.41
N GLY F 54 16.89 25.21 14.57
CA GLY F 54 17.50 24.86 15.86
C GLY F 54 17.58 26.03 16.83
N GLU F 55 17.59 25.74 18.13
CA GLU F 55 17.50 26.77 19.20
C GLU F 55 18.86 27.46 19.40
N TRP F 56 19.90 26.86 18.83
CA TRP F 56 21.25 27.47 18.89
C TRP F 56 21.52 28.45 17.76
N VAL F 57 20.50 28.84 16.98
CA VAL F 57 20.76 29.62 15.81
C VAL F 57 21.54 30.92 16.09
N ARG F 58 21.21 31.65 17.16
CA ARG F 58 21.93 32.90 17.45
C ARG F 58 23.43 32.62 17.58
N SER F 59 23.80 31.51 18.19
CA SER F 59 25.18 31.17 18.38
C SER F 59 25.88 30.66 17.13
N PHE F 60 25.25 29.79 16.35
CA PHE F 60 26.02 29.27 15.20
C PHE F 60 26.02 30.25 14.04
N GLU F 61 25.12 31.21 14.02
CA GLU F 61 25.13 32.20 12.92
C GLU F 61 25.57 33.56 13.45
N ARG F 62 26.00 33.63 14.70
CA ARG F 62 26.45 34.87 15.37
C ARG F 62 25.49 36.04 15.16
N ILE F 63 24.22 35.83 15.48
CA ILE F 63 23.20 36.80 15.20
C ILE F 63 23.12 37.83 16.32
N PRO F 64 23.31 39.12 16.04
CA PRO F 64 23.08 40.11 17.12
C PRO F 64 21.59 40.21 17.46
N VAL F 65 21.34 40.62 18.68
CA VAL F 65 20.00 40.85 19.21
C VAL F 65 19.13 41.58 18.22
N GLU F 66 19.61 42.70 17.71
CA GLU F 66 18.86 43.56 16.80
C GLU F 66 18.39 42.77 15.58
N ASP F 67 19.20 41.79 15.14
CA ASP F 67 18.86 40.95 13.95
C ASP F 67 17.83 39.87 14.29
N TYR F 68 17.70 39.51 15.56
CA TYR F 68 16.73 38.54 16.00
C TYR F 68 15.40 39.19 16.36
N GLU F 69 15.39 40.50 16.59
CA GLU F 69 14.21 41.29 16.89
C GLU F 69 13.11 41.00 15.87
N LYS F 70 13.45 40.66 14.62
CA LYS F 70 12.39 40.47 13.60
C LYS F 70 11.47 39.33 14.02
N TYR F 71 12.06 38.34 14.70
CA TYR F 71 11.34 37.16 15.15
C TYR F 71 10.48 37.53 16.36
N PHE F 72 11.08 38.29 17.28
CA PHE F 72 10.30 38.83 18.41
C PHE F 72 9.05 39.58 17.93
N ASN F 73 9.20 40.46 16.93
CA ASN F 73 8.05 41.27 16.46
C ASN F 73 7.03 40.44 15.68
N SER F 74 7.42 39.26 15.16
CA SER F 74 6.47 38.49 14.31
C SER F 74 5.98 37.19 14.99
N PHE F 75 6.30 36.97 16.26
CA PHE F 75 5.86 35.80 16.99
C PHE F 75 4.41 35.91 17.43
N ASN F 76 3.60 35.07 16.78
CA ASN F 76 2.17 35.13 16.89
C ASN F 76 1.62 33.73 16.71
N PRO F 77 1.65 32.92 17.77
CA PRO F 77 1.26 31.52 17.64
C PRO F 77 -0.26 31.33 17.77
N VAL F 78 -0.92 31.56 16.64
CA VAL F 78 -2.37 31.52 16.54
C VAL F 78 -2.96 30.13 16.77
N ASN F 79 -2.18 29.07 16.68
CA ASN F 79 -2.68 27.71 16.87
C ASN F 79 -2.09 27.04 18.12
N TYR F 80 -1.70 27.81 19.13
CA TYR F 80 -1.15 27.26 20.34
C TYR F 80 -2.29 26.83 21.20
N ASP F 81 -2.40 25.52 21.40
CA ASP F 81 -3.44 25.01 22.23
C ASP F 81 -2.80 24.02 23.18
N PRO F 82 -2.30 24.51 24.35
CA PRO F 82 -1.65 23.60 25.31
C PRO F 82 -2.53 22.45 25.84
N LYS F 83 -3.86 22.62 25.79
CA LYS F 83 -4.78 21.53 26.10
C LYS F 83 -4.63 20.35 25.14
N ALA F 84 -4.58 20.64 23.85
CA ALA F 84 -4.28 19.60 22.85
C ALA F 84 -2.91 18.99 23.12
N TRP F 85 -1.90 19.80 23.40
CA TRP F 85 -0.52 19.26 23.71
C TRP F 85 -0.58 18.22 24.83
N ALA F 86 -1.35 18.55 25.87
CA ALA F 86 -1.46 17.77 27.09
C ALA F 86 -2.27 16.49 26.88
N LYS F 87 -3.34 16.59 26.11
CA LYS F 87 -4.08 15.40 25.70
C LYS F 87 -3.20 14.43 24.90
N ALA F 88 -2.44 14.96 23.98
CA ALA F 88 -1.55 14.12 23.22
C ALA F 88 -0.46 13.47 24.13
N ALA F 89 0.10 14.23 25.07
CA ALA F 89 1.10 13.69 25.91
C ALA F 89 0.48 12.57 26.76
N LYS F 90 -0.73 12.81 27.26
CA LYS F 90 -1.42 11.80 28.09
C LYS F 90 -1.76 10.54 27.30
N ALA F 91 -2.27 10.76 26.10
CA ALA F 91 -2.58 9.67 25.21
C ALA F 91 -1.31 8.88 24.86
N ALA F 92 -0.13 9.50 24.86
CA ALA F 92 1.10 8.71 24.59
C ALA F 92 1.60 7.87 25.79
N GLY F 93 0.99 8.10 26.96
CA GLY F 93 1.43 7.46 28.18
C GLY F 93 2.51 8.21 28.93
N MET F 94 2.73 9.48 28.59
CA MET F 94 3.64 10.35 29.35
C MET F 94 2.93 10.84 30.62
N LYS F 95 3.70 10.97 31.69
CA LYS F 95 3.19 11.36 33.03
C LYS F 95 3.62 12.74 33.50
N TYR F 96 4.58 13.32 32.80
CA TYR F 96 5.11 14.59 33.15
C TYR F 96 5.59 15.24 31.89
N ALA F 97 5.72 16.54 32.00
CA ALA F 97 6.37 17.36 30.97
C ALA F 97 7.35 18.38 31.56
N VAL F 98 8.24 18.82 30.69
CA VAL F 98 9.22 19.87 30.96
C VAL F 98 9.24 20.84 29.79
N MET F 99 8.82 22.09 30.04
CA MET F 99 8.85 23.12 28.98
C MET F 99 9.88 24.22 29.20
N THR F 100 10.45 24.69 28.07
CA THR F 100 11.33 25.86 28.02
C THR F 100 10.55 27.11 28.41
N THR F 101 10.82 27.63 29.63
CA THR F 101 10.36 28.94 30.08
C THR F 101 11.25 30.06 29.48
N LYS F 102 12.53 29.71 29.35
CA LYS F 102 13.56 30.53 28.85
C LYS F 102 14.77 29.70 28.41
N HIS F 103 15.12 29.86 27.13
CA HIS F 103 16.23 29.14 26.57
C HIS F 103 17.46 30.09 26.49
N HIS F 104 18.55 29.62 25.83
CA HIS F 104 19.81 30.35 25.75
C HIS F 104 19.63 31.75 25.13
N ASP F 105 18.72 31.93 24.20
CA ASP F 105 18.50 33.25 23.63
C ASP F 105 17.86 34.26 24.62
N GLY F 106 17.43 33.79 25.78
CA GLY F 106 17.04 34.73 26.82
C GLY F 106 15.59 35.21 26.72
N PHE F 107 14.89 34.75 25.68
CA PHE F 107 13.46 35.03 25.55
C PHE F 107 12.59 34.20 26.53
N CYS F 108 11.76 34.93 27.27
CA CYS F 108 10.99 34.43 28.37
C CYS F 108 9.55 34.21 27.87
N LEU F 109 9.05 32.96 28.01
CA LEU F 109 7.65 32.58 27.56
C LEU F 109 6.61 32.82 28.66
N PHE F 110 7.13 33.15 29.85
CA PHE F 110 6.34 33.61 30.98
C PHE F 110 6.48 35.11 31.16
N ASP F 111 5.55 35.68 31.93
CA ASP F 111 5.38 37.11 32.05
C ASP F 111 6.20 37.67 33.22
N SER F 112 7.52 37.61 33.08
CA SER F 112 8.48 38.15 34.10
C SER F 112 8.36 39.64 34.33
N ALA F 113 8.49 40.03 35.60
CA ALA F 113 8.45 41.45 35.93
C ALA F 113 9.84 42.07 35.76
N LEU F 114 10.84 41.26 35.44
CA LEU F 114 12.25 41.60 35.42
C LEU F 114 12.81 41.82 34.01
N THR F 115 12.00 41.73 32.95
CA THR F 115 12.47 41.99 31.57
C THR F 115 11.28 42.28 30.69
N ASP F 116 11.51 43.06 29.63
CA ASP F 116 10.54 43.32 28.55
CA ASP F 116 10.48 43.26 28.60
C ASP F 116 10.70 42.30 27.40
N TYR F 117 11.73 41.43 27.50
CA TYR F 117 12.02 40.38 26.49
C TYR F 117 11.26 39.05 26.74
N LYS F 118 9.94 39.10 26.48
CA LYS F 118 9.09 38.15 27.02
C LYS F 118 7.82 38.09 26.17
N ALA F 119 7.04 37.00 26.27
CA ALA F 119 6.00 36.72 25.22
C ALA F 119 4.87 37.74 25.27
N THR F 120 4.55 38.25 26.48
CA THR F 120 3.45 39.20 26.63
C THR F 120 3.66 40.49 25.83
N ASN F 121 4.91 40.84 25.50
CA ASN F 121 5.24 41.99 24.66
C ASN F 121 5.39 41.65 23.17
N THR F 122 5.16 40.40 22.76
CA THR F 122 5.15 40.04 21.31
C THR F 122 3.70 40.09 20.85
N PRO F 123 3.41 39.90 19.57
CA PRO F 123 2.00 39.77 19.20
C PRO F 123 1.25 38.62 19.93
N ALA F 124 1.97 37.60 20.43
CA ALA F 124 1.33 36.61 21.27
C ALA F 124 0.49 37.32 22.34
N GLY F 125 1.06 38.32 23.01
CA GLY F 125 0.29 39.05 23.97
C GLY F 125 -0.20 38.23 25.14
N ARG F 126 0.56 37.19 25.54
CA ARG F 126 0.18 36.41 26.70
C ARG F 126 1.27 35.55 27.28
N ASP F 127 0.99 35.07 28.50
CA ASP F 127 1.85 34.21 29.29
C ASP F 127 1.66 32.77 28.79
N LEU F 128 2.59 32.32 27.92
CA LEU F 128 2.46 30.98 27.29
C LEU F 128 2.72 29.83 28.32
N ILE F 129 3.58 30.12 29.29
CA ILE F 129 3.92 29.15 30.32
C ILE F 129 2.73 28.92 31.26
N ARG F 130 1.99 29.98 31.62
CA ARG F 130 0.83 29.77 32.49
C ARG F 130 -0.19 28.88 31.78
N GLU F 131 -0.46 29.17 30.51
CA GLU F 131 -1.35 28.26 29.73
C GLU F 131 -0.83 26.78 29.74
N TYR F 132 0.48 26.59 29.61
CA TYR F 132 1.04 25.25 29.60
C TYR F 132 0.75 24.62 30.97
N ALA F 133 1.11 25.31 32.04
CA ALA F 133 1.08 24.67 33.36
C ALA F 133 -0.35 24.36 33.75
N ASP F 134 -1.27 25.26 33.44
CA ASP F 134 -2.69 25.00 33.68
C ASP F 134 -3.19 23.74 32.97
N ALA F 135 -2.93 23.68 31.66
CA ALA F 135 -3.41 22.59 30.79
C ALA F 135 -2.80 21.26 31.19
N PHE F 136 -1.50 21.21 31.49
CA PHE F 136 -0.91 19.90 31.78
C PHE F 136 -1.38 19.45 33.15
N ARG F 137 -1.55 20.40 34.06
CA ARG F 137 -1.93 20.05 35.44
C ARG F 137 -3.36 19.49 35.43
N ALA F 138 -4.22 20.09 34.59
CA ALA F 138 -5.63 19.69 34.49
C ALA F 138 -5.78 18.25 33.98
N GLU F 139 -4.82 17.81 33.17
CA GLU F 139 -4.77 16.43 32.66
C GLU F 139 -4.02 15.50 33.62
N GLY F 140 -3.50 16.03 34.71
CA GLY F 140 -2.96 15.18 35.73
C GLY F 140 -1.51 14.83 35.49
N LEU F 141 -0.83 15.65 34.68
CA LEU F 141 0.60 15.42 34.39
C LEU F 141 1.38 16.35 35.29
N LYS F 142 2.47 15.83 35.87
CA LYS F 142 3.41 16.63 36.62
C LYS F 142 3.98 17.71 35.70
N VAL F 143 4.12 18.89 36.30
CA VAL F 143 4.50 20.09 35.57
C VAL F 143 5.96 20.47 35.86
N GLY F 144 6.73 20.58 34.78
CA GLY F 144 8.17 20.86 34.80
C GLY F 144 8.52 22.08 33.96
N PHE F 145 9.51 22.82 34.48
CA PHE F 145 10.01 24.09 33.86
C PHE F 145 11.50 23.91 33.55
N TYR F 146 11.84 24.15 32.29
CA TYR F 146 13.21 24.23 31.91
C TYR F 146 13.61 25.71 31.97
N TYR F 147 14.84 25.95 32.44
CA TYR F 147 15.31 27.33 32.60
C TYR F 147 16.79 27.36 32.25
N SER F 148 17.12 28.21 31.27
CA SER F 148 18.48 28.36 30.80
C SER F 148 19.25 29.31 31.72
N ILE F 149 20.29 28.81 32.33
CA ILE F 149 21.12 29.67 33.17
C ILE F 149 22.06 30.50 32.28
N ILE F 150 22.30 29.99 31.06
CA ILE F 150 22.92 30.69 30.00
C ILE F 150 21.96 31.72 29.46
N ASP F 151 22.46 32.92 29.22
CA ASP F 151 21.61 33.97 28.69
C ASP F 151 22.41 34.82 27.71
N TRP F 152 22.03 34.71 26.45
CA TRP F 152 22.57 35.50 25.37
C TRP F 152 21.85 36.85 25.12
N HIS F 153 20.86 37.20 25.92
CA HIS F 153 20.24 38.53 25.76
C HIS F 153 20.74 39.49 26.84
N HIS F 154 20.85 38.98 28.06
CA HIS F 154 21.15 39.83 29.20
C HIS F 154 22.53 40.51 29.07
N PRO F 155 22.54 41.85 29.18
CA PRO F 155 23.75 42.64 28.94
C PRO F 155 24.93 42.37 29.86
N ASP F 156 24.67 41.85 31.05
CA ASP F 156 25.73 41.45 32.01
C ASP F 156 26.25 40.02 31.92
N TYR F 157 25.73 39.23 30.98
CA TYR F 157 26.18 37.85 30.80
C TYR F 157 27.43 37.88 29.93
N PRO F 158 28.50 37.16 30.29
CA PRO F 158 29.73 37.24 29.52
C PRO F 158 29.53 36.90 28.06
N ALA F 159 30.20 37.66 27.18
CA ALA F 159 29.97 37.61 25.72
C ALA F 159 31.31 37.38 25.02
N TYR F 160 32.21 38.38 25.01
CA TYR F 160 33.46 38.29 24.27
C TYR F 160 34.23 37.14 24.83
N GLY F 161 34.71 36.20 24.00
CA GLY F 161 35.51 35.07 24.54
C GLY F 161 34.71 33.96 25.26
N ASP F 162 33.39 34.13 25.40
CA ASP F 162 32.55 33.05 25.88
C ASP F 162 32.58 31.90 24.87
N ARG F 163 32.40 30.69 25.41
CA ARG F 163 32.42 29.47 24.66
C ARG F 163 31.33 29.43 23.59
N GLN F 164 30.17 30.06 23.81
CA GLN F 164 29.14 29.93 22.77
C GLN F 164 28.23 31.13 22.54
N HIS F 165 28.58 32.25 23.17
CA HIS F 165 27.81 33.48 23.03
C HIS F 165 27.83 33.88 21.55
N PRO F 166 26.67 34.29 20.98
CA PRO F 166 26.60 34.79 19.61
C PRO F 166 27.67 35.85 19.32
N MET F 167 27.98 36.70 20.30
CA MET F 167 28.93 37.79 20.11
C MET F 167 30.33 37.44 20.59
N ARG F 168 30.65 36.15 20.72
CA ARG F 168 31.88 35.68 21.37
C ARG F 168 33.14 36.22 20.66
N ASP F 169 33.04 36.50 19.34
CA ASP F 169 34.19 36.98 18.53
C ASP F 169 33.96 38.40 18.03
N ASN F 170 32.90 39.07 18.49
CA ASN F 170 32.53 40.36 17.98
C ASN F 170 33.20 41.44 18.83
N ALA F 171 33.92 42.34 18.14
CA ALA F 171 34.84 43.36 18.75
C ALA F 171 34.07 44.44 19.54
N GLU F 172 32.82 44.69 19.15
CA GLU F 172 31.98 45.70 19.80
C GLU F 172 31.73 45.33 21.25
N PHE F 173 31.91 44.03 21.60
CA PHE F 173 31.62 43.50 22.94
C PHE F 173 32.90 43.37 23.79
N LYS F 174 34.06 43.56 23.16
CA LYS F 174 35.29 43.48 23.91
C LYS F 174 35.40 44.67 24.88
N ASP F 175 35.88 44.39 26.10
CA ASP F 175 36.04 45.41 27.17
C ASP F 175 34.80 46.34 27.30
N ARG F 176 33.57 45.78 27.30
CA ARG F 176 32.31 46.51 27.71
C ARG F 176 32.13 46.34 29.22
N PRO F 177 31.67 47.37 29.95
CA PRO F 177 31.59 47.20 31.41
C PRO F 177 30.31 46.43 31.82
N GLN F 178 30.51 45.19 32.26
CA GLN F 178 29.45 44.29 32.74
C GLN F 178 29.58 44.09 34.24
N ASP F 179 28.45 43.98 34.93
CA ASP F 179 28.45 43.43 36.32
C ASP F 179 27.66 42.10 36.36
N PHE F 180 28.39 41.00 36.43
CA PHE F 180 27.78 39.68 36.42
C PHE F 180 26.81 39.41 37.61
N ASN F 181 27.06 40.01 38.78
CA ASN F 181 26.11 39.98 39.87
C ASN F 181 24.71 40.47 39.47
N ARG F 182 24.65 41.42 38.56
CA ARG F 182 23.34 41.91 38.13
C ARG F 182 22.58 40.78 37.36
N TYR F 183 23.35 39.94 36.63
CA TYR F 183 22.76 38.79 35.91
C TYR F 183 22.25 37.76 36.95
N LEU F 184 23.02 37.54 38.01
CA LEU F 184 22.56 36.64 39.03
C LEU F 184 21.28 37.14 39.73
N ASP F 185 21.11 38.44 39.95
CA ASP F 185 19.84 38.89 40.60
C ASP F 185 18.68 38.54 39.69
N TYR F 186 18.88 38.73 38.39
CA TYR F 186 17.86 38.46 37.37
C TYR F 186 17.47 36.97 37.37
N MET F 187 18.49 36.12 37.27
CA MET F 187 18.31 34.70 37.18
C MET F 187 17.69 34.14 38.48
N HIS F 188 18.29 34.49 39.61
CA HIS F 188 17.68 34.09 40.89
C HIS F 188 16.25 34.65 41.05
N GLY F 189 16.03 35.88 40.63
CA GLY F 189 14.70 36.43 40.65
C GLY F 189 13.74 35.69 39.75
N GLN F 190 14.20 35.29 38.55
CA GLN F 190 13.23 34.69 37.60
C GLN F 190 12.85 33.30 38.11
N VAL F 191 13.83 32.58 38.64
CA VAL F 191 13.60 31.29 39.25
C VAL F 191 12.52 31.43 40.32
N LYS F 192 12.67 32.43 41.15
CA LYS F 192 11.67 32.73 42.19
C LYS F 192 10.30 33.04 41.57
N GLU F 193 10.21 33.87 40.53
CA GLU F 193 8.94 34.08 39.89
C GLU F 193 8.37 32.73 39.46
N LEU F 194 9.22 31.87 38.84
CA LEU F 194 8.75 30.59 38.29
C LEU F 194 8.18 29.66 39.39
N LEU F 195 8.75 29.72 40.58
CA LEU F 195 8.34 28.91 41.70
C LEU F 195 7.29 29.54 42.64
N THR F 196 6.82 30.76 42.35
CA THR F 196 5.77 31.41 43.20
C THR F 196 4.49 31.68 42.41
N ASN F 197 4.60 32.02 41.13
CA ASN F 197 3.46 32.51 40.36
C ASN F 197 2.73 31.41 39.57
N TYR F 198 3.13 30.13 39.71
CA TYR F 198 2.60 29.08 38.76
C TYR F 198 2.03 27.81 39.43
N GLY F 199 1.82 27.85 40.76
CA GLY F 199 1.35 26.69 41.48
C GLY F 199 2.51 25.76 41.72
N THR F 200 2.20 24.46 41.88
CA THR F 200 3.20 23.48 42.23
C THR F 200 3.97 23.08 40.97
N ILE F 201 5.28 23.09 41.08
CA ILE F 201 6.14 22.82 40.01
C ILE F 201 6.93 21.63 40.45
N ASP F 202 6.96 20.60 39.61
CA ASP F 202 7.48 19.27 40.05
C ASP F 202 8.94 19.04 39.60
N VAL F 203 9.36 19.78 38.55
CA VAL F 203 10.71 19.68 38.00
C VAL F 203 11.18 21.07 37.57
N LEU F 204 12.43 21.35 37.91
CA LEU F 204 13.20 22.46 37.42
C LEU F 204 14.43 21.93 36.72
N TRP F 205 14.51 22.21 35.43
CA TRP F 205 15.53 21.63 34.57
C TRP F 205 16.48 22.75 34.07
N PHE F 206 17.61 22.92 34.76
CA PHE F 206 18.59 23.93 34.47
C PHE F 206 19.53 23.45 33.37
N ASP F 207 20.02 24.41 32.59
CA ASP F 207 20.87 24.09 31.46
C ASP F 207 21.72 25.33 31.10
N PHE F 208 23.05 25.23 31.01
CA PHE F 208 23.91 24.20 31.56
C PHE F 208 25.19 24.88 32.05
N SER F 209 26.01 24.17 32.81
CA SER F 209 27.31 24.69 33.26
C SER F 209 28.39 24.21 32.31
N TYR F 210 29.39 25.07 32.08
CA TYR F 210 30.55 24.77 31.23
C TYR F 210 31.75 25.59 31.74
N GLU F 211 32.97 25.09 31.47
CA GLU F 211 34.24 25.75 31.83
C GLU F 211 34.15 26.34 33.24
N ASP F 212 34.30 27.67 33.37
CA ASP F 212 34.29 28.35 34.69
C ASP F 212 32.88 28.82 35.06
N MET F 213 31.90 28.59 34.18
CA MET F 213 30.47 28.92 34.41
C MET F 213 29.77 27.67 35.03
N THR F 214 30.03 27.47 36.30
CA THR F 214 29.63 26.31 37.01
C THR F 214 29.64 26.56 38.52
N GLY F 215 28.86 25.77 39.23
CA GLY F 215 28.87 25.76 40.68
C GLY F 215 28.57 27.09 41.30
N GLU F 216 29.52 27.58 42.11
CA GLU F 216 29.38 28.84 42.83
C GLU F 216 29.41 30.11 41.95
N LYS F 217 29.86 29.99 40.69
CA LYS F 217 29.70 31.05 39.75
C LYS F 217 28.22 31.47 39.63
N TRP F 218 27.30 30.51 39.76
CA TRP F 218 25.84 30.75 39.65
C TRP F 218 25.25 31.18 41.00
N LYS F 219 26.14 31.20 42.00
CA LYS F 219 25.69 31.11 43.42
C LYS F 219 24.67 29.97 43.59
N ALA F 220 25.05 28.82 43.03
CA ALA F 220 24.20 27.63 43.05
C ALA F 220 23.70 27.24 44.46
N THR F 221 24.60 27.23 45.46
CA THR F 221 24.20 26.94 46.84
C THR F 221 22.98 27.79 47.25
N GLU F 222 23.09 29.09 47.06
CA GLU F 222 22.01 30.00 47.42
C GLU F 222 20.76 29.82 46.53
N LEU F 223 20.98 29.56 45.23
CA LEU F 223 19.86 29.30 44.32
C LEU F 223 19.00 28.14 44.86
N VAL F 224 19.68 27.05 45.17
CA VAL F 224 18.99 25.85 45.61
C VAL F 224 18.33 25.98 47.00
N LYS F 225 18.99 26.65 47.95
CA LYS F 225 18.34 26.95 49.26
C LYS F 225 17.06 27.73 49.06
N MET F 226 17.07 28.69 48.14
CA MET F 226 15.88 29.49 47.90
C MET F 226 14.77 28.65 47.25
N ILE F 227 15.19 27.75 46.33
CA ILE F 227 14.27 26.81 45.65
C ILE F 227 13.54 25.93 46.68
N ARG F 228 14.33 25.28 47.54
CA ARG F 228 13.76 24.42 48.56
C ARG F 228 13.01 25.18 49.67
N GLU F 229 13.22 26.49 49.86
CA GLU F 229 12.35 27.24 50.73
C GLU F 229 11.01 27.33 50.05
N LEU F 230 11.00 27.58 48.73
CA LEU F 230 9.74 27.91 48.07
C LEU F 230 8.97 26.65 47.71
N GLN F 231 9.67 25.63 47.21
CA GLN F 231 9.03 24.40 46.71
C GLN F 231 9.93 23.21 47.04
N PRO F 232 9.82 22.73 48.29
CA PRO F 232 10.79 21.75 48.82
C PRO F 232 10.87 20.49 47.97
N ASN F 233 9.73 20.08 47.39
CA ASN F 233 9.57 18.78 46.71
C ASN F 233 10.01 18.77 45.22
N VAL F 234 10.41 19.92 44.64
CA VAL F 234 10.80 20.00 43.25
C VAL F 234 12.09 19.19 42.99
N LEU F 235 12.13 18.54 41.84
CA LEU F 235 13.33 17.84 41.43
C LEU F 235 14.13 18.67 40.43
N ILE F 236 15.44 18.68 40.65
CA ILE F 236 16.36 19.45 39.91
C ILE F 236 17.32 18.48 39.22
N ASP F 237 17.71 18.80 37.98
CA ASP F 237 18.71 17.98 37.26
C ASP F 237 20.13 18.38 37.70
N ASN F 238 21.17 17.83 37.06
CA ASN F 238 22.54 17.88 37.59
C ASN F 238 23.35 18.80 36.68
N ARG F 239 22.82 19.96 36.29
CA ARG F 239 23.55 20.78 35.34
C ARG F 239 24.01 22.12 35.93
N LEU F 240 23.96 22.27 37.27
CA LEU F 240 24.51 23.46 37.92
C LEU F 240 25.98 23.32 38.29
N GLY F 241 26.66 22.24 37.93
CA GLY F 241 27.98 21.98 38.44
C GLY F 241 27.94 20.97 39.58
N GLY F 242 29.09 20.76 40.18
CA GLY F 242 29.15 19.73 41.21
C GLY F 242 28.99 18.33 40.64
N ASN F 243 28.81 17.37 41.53
CA ASN F 243 29.04 15.96 41.19
C ASN F 243 27.98 15.08 41.89
N ILE F 244 26.96 14.66 41.11
CA ILE F 244 25.87 13.82 41.65
C ILE F 244 26.39 12.42 42.04
N LYS F 245 27.52 11.97 41.47
CA LYS F 245 28.14 10.68 41.76
C LYS F 245 29.05 10.69 42.98
N ALA F 246 29.12 11.79 43.73
CA ALA F 246 29.92 11.83 44.98
C ALA F 246 29.10 11.18 46.07
N ARG F 247 29.80 10.48 46.99
CA ARG F 247 29.18 9.90 48.20
C ARG F 247 28.37 10.97 48.98
N GLU F 248 28.96 12.13 49.18
CA GLU F 248 28.27 13.29 49.77
C GLU F 248 28.31 14.39 48.72
N PRO F 249 27.19 14.65 48.02
CA PRO F 249 27.25 15.60 46.93
C PRO F 249 26.91 17.02 47.39
N GLU F 250 27.50 18.01 46.73
CA GLU F 250 27.09 19.39 46.92
C GLU F 250 25.56 19.46 46.94
N ILE F 251 25.00 20.42 47.67
CA ILE F 251 23.54 20.68 47.71
C ILE F 251 22.93 20.95 46.32
N TYR F 252 23.72 21.34 45.33
CA TYR F 252 23.17 21.71 44.01
C TYR F 252 23.56 20.68 42.94
N ALA F 253 24.04 19.51 43.35
CA ALA F 253 24.49 18.49 42.43
C ALA F 253 23.32 17.81 41.69
N GLY F 254 22.14 17.82 42.31
CA GLY F 254 20.89 17.46 41.66
C GLY F 254 20.26 16.16 42.17
N ASP F 255 18.96 16.08 41.89
CA ASP F 255 18.11 14.95 42.15
C ASP F 255 18.30 13.84 41.13
N PHE F 256 18.62 14.16 39.87
CA PHE F 256 18.79 13.14 38.88
C PHE F 256 19.80 13.52 37.82
N ALA F 257 20.48 12.53 37.26
CA ALA F 257 21.39 12.74 36.17
C ALA F 257 20.62 12.82 34.85
N SER F 258 21.31 13.34 33.81
CA SER F 258 20.68 13.72 32.54
C SER F 258 21.58 13.42 31.33
N PRO F 259 21.96 12.17 31.11
CA PRO F 259 22.57 11.88 29.81
C PRO F 259 21.70 12.30 28.57
N GLU F 260 22.33 12.61 27.45
CA GLU F 260 21.68 13.37 26.41
C GLU F 260 21.94 12.68 25.07
N GLN F 261 20.86 12.36 24.34
CA GLN F 261 20.89 11.84 22.98
C GLN F 261 21.63 10.51 22.92
N LEU F 262 21.70 9.84 24.05
CA LEU F 262 22.19 8.49 24.07
C LEU F 262 21.60 7.83 25.30
N LEU F 263 21.45 6.48 25.22
CA LEU F 263 20.96 5.68 26.33
C LEU F 263 22.20 5.03 26.89
N PRO F 264 22.51 5.25 28.16
CA PRO F 264 23.81 4.80 28.63
C PRO F 264 23.99 3.30 28.52
N PRO F 265 25.21 2.78 28.30
CA PRO F 265 25.39 1.31 28.22
C PRO F 265 24.89 0.55 29.46
N HIS F 266 25.03 1.12 30.66
CA HIS F 266 24.45 0.55 31.87
C HIS F 266 23.88 1.72 32.64
N GLY F 267 23.10 1.45 33.67
CA GLY F 267 22.50 2.53 34.43
C GLY F 267 23.53 3.33 35.19
N ILE F 268 23.17 4.57 35.53
CA ILE F 268 24.11 5.48 36.15
C ILE F 268 24.23 5.12 37.64
N VAL F 269 25.46 5.01 38.12
CA VAL F 269 25.67 4.77 39.55
C VAL F 269 26.66 5.77 40.06
N ASN F 270 26.65 5.97 41.38
CA ASN F 270 27.63 6.84 42.02
C ASN F 270 28.93 6.07 42.30
N GLU F 271 29.83 6.75 43.03
CA GLU F 271 31.18 6.29 43.48
C GLU F 271 31.13 4.90 44.07
N ASP F 272 30.09 4.63 44.87
CA ASP F 272 29.94 3.38 45.64
C ASP F 272 29.15 2.32 44.84
N GLY F 273 28.88 2.58 43.56
CA GLY F 273 28.03 1.70 42.77
C GLY F 273 26.54 1.74 43.08
N LYS F 274 26.01 2.69 43.87
CA LYS F 274 24.55 2.77 44.16
C LYS F 274 23.83 3.43 42.98
N PRO F 275 22.64 2.93 42.57
CA PRO F 275 21.93 3.59 41.47
C PRO F 275 21.53 5.03 41.76
N LEU F 276 21.75 5.94 40.81
CA LEU F 276 21.16 7.30 40.92
C LEU F 276 19.94 7.39 40.02
N PRO F 277 18.92 8.15 40.41
CA PRO F 277 17.89 8.51 39.45
C PRO F 277 18.52 9.17 38.23
N TRP F 278 18.03 8.79 37.06
CA TRP F 278 18.47 9.41 35.82
C TRP F 278 17.41 9.38 34.71
N GLU F 279 17.62 10.25 33.74
CA GLU F 279 16.71 10.51 32.68
C GLU F 279 17.49 10.82 31.42
N ALA F 280 17.20 10.09 30.39
CA ALA F 280 17.75 10.35 29.09
C ALA F 280 16.81 11.30 28.39
N CYS F 281 17.38 12.40 27.86
CA CYS F 281 16.63 13.35 27.06
C CYS F 281 16.92 13.02 25.59
N ILE F 282 15.88 12.82 24.78
CA ILE F 282 15.95 12.29 23.44
C ILE F 282 15.08 13.16 22.53
N THR F 283 15.56 13.48 21.31
CA THR F 283 14.74 14.14 20.31
C THR F 283 14.03 13.09 19.48
N LEU F 284 12.87 13.48 18.97
CA LEU F 284 12.10 12.62 18.08
C LEU F 284 12.70 12.63 16.67
N ASN F 285 13.02 13.82 16.14
CA ASN F 285 13.90 13.96 14.92
C ASN F 285 15.32 14.31 15.41
N HIS F 286 16.08 15.18 14.75
CA HIS F 286 17.51 15.47 15.24
C HIS F 286 17.61 16.77 16.05
N HIS F 287 16.47 17.44 16.31
CA HIS F 287 16.46 18.79 16.80
C HIS F 287 15.50 18.97 17.96
N TRP F 288 15.90 19.83 18.89
CA TRP F 288 15.10 20.16 20.03
C TRP F 288 14.05 21.18 19.61
N GLY F 289 14.49 22.34 19.14
CA GLY F 289 13.57 23.29 18.58
C GLY F 289 13.11 22.80 17.21
N TYR F 290 11.96 23.31 16.78
CA TYR F 290 11.40 22.96 15.50
C TYR F 290 12.36 23.33 14.35
N HIS F 291 12.66 22.33 13.54
CA HIS F 291 13.41 22.46 12.30
C HIS F 291 12.46 22.17 11.14
N ALA F 292 12.30 23.09 10.23
CA ALA F 292 11.27 23.01 9.19
C ALA F 292 11.61 21.94 8.14
N HIS F 293 12.86 21.48 8.07
CA HIS F 293 13.29 20.52 6.99
C HIS F 293 13.82 19.19 7.53
N ASP F 294 13.62 18.93 8.83
CA ASP F 294 14.08 17.67 9.49
C ASP F 294 12.83 16.80 9.71
N ARG F 295 12.65 15.84 8.80
CA ARG F 295 11.59 14.88 8.87
C ARG F 295 12.15 13.47 9.12
N ASP F 296 13.41 13.37 9.53
CA ASP F 296 14.03 12.09 9.81
C ASP F 296 13.71 11.71 11.28
N TYR F 297 12.44 11.36 11.50
CA TYR F 297 11.90 10.97 12.75
C TYR F 297 12.25 9.54 13.10
N LYS F 298 12.42 9.32 14.40
CA LYS F 298 12.36 7.99 14.99
C LYS F 298 10.91 7.45 14.88
N THR F 299 10.84 6.14 14.70
CA THR F 299 9.62 5.38 14.59
C THR F 299 9.15 5.11 16.03
N PRO F 300 7.83 4.94 16.21
CA PRO F 300 7.23 4.50 17.46
C PRO F 300 7.87 3.25 18.04
N LYS F 301 8.24 2.34 17.16
CA LYS F 301 8.96 1.16 17.54
C LYS F 301 10.20 1.53 18.36
N GLN F 302 10.98 2.48 17.82
CA GLN F 302 12.28 2.92 18.39
C GLN F 302 12.09 3.65 19.74
N VAL F 303 11.01 4.46 19.82
CA VAL F 303 10.71 5.17 20.98
C VAL F 303 10.36 4.18 22.08
N VAL F 304 9.50 3.19 21.77
CA VAL F 304 9.09 2.17 22.69
C VAL F 304 10.33 1.42 23.20
N ARG F 305 11.15 0.95 22.29
CA ARG F 305 12.32 0.19 22.68
C ARG F 305 13.29 1.06 23.50
N GLY F 306 13.38 2.37 23.19
CA GLY F 306 14.20 3.30 23.92
C GLY F 306 13.78 3.43 25.37
N LEU F 307 12.48 3.64 25.55
CA LEU F 307 11.87 3.75 26.88
C LEU F 307 12.06 2.42 27.71
N VAL F 308 11.79 1.31 27.07
CA VAL F 308 12.05 0.02 27.69
C VAL F 308 13.53 -0.10 28.09
N GLU F 309 14.43 0.28 27.21
CA GLU F 309 15.86 0.19 27.53
C GLU F 309 16.17 1.02 28.82
N CYS F 310 15.60 2.22 28.92
CA CYS F 310 15.89 3.14 30.02
C CYS F 310 15.43 2.48 31.30
N VAL F 311 14.15 2.03 31.28
CA VAL F 311 13.56 1.42 32.40
C VAL F 311 14.35 0.18 32.80
N SER F 312 14.76 -0.60 31.83
CA SER F 312 15.52 -1.75 32.16
C SER F 312 16.86 -1.43 32.83
N LYS F 313 17.27 -0.15 32.78
CA LYS F 313 18.55 0.33 33.38
C LYS F 313 18.27 1.30 34.53
N ASN F 314 17.07 1.24 35.08
CA ASN F 314 16.66 2.09 36.19
C ASN F 314 16.54 3.54 35.83
N GLY F 315 16.28 3.84 34.54
CA GLY F 315 16.18 5.23 34.09
C GLY F 315 14.85 5.66 33.49
N ASN F 316 14.72 7.00 33.32
CA ASN F 316 13.61 7.61 32.71
C ASN F 316 13.97 7.98 31.28
N MET F 317 12.94 8.36 30.50
CA MET F 317 13.11 8.85 29.16
C MET F 317 12.21 10.09 28.98
N LEU F 318 12.87 11.20 28.65
CA LEU F 318 12.19 12.49 28.42
C LEU F 318 12.29 12.79 26.92
N LEU F 319 11.18 12.66 26.21
CA LEU F 319 11.19 12.67 24.77
C LEU F 319 10.71 14.03 24.26
N ASN F 320 11.47 14.67 23.40
CA ASN F 320 11.22 16.02 23.00
C ASN F 320 10.23 16.12 21.86
N VAL F 321 9.40 17.15 21.95
CA VAL F 321 8.75 17.78 20.84
C VAL F 321 9.15 19.24 20.74
N GLY F 322 9.17 19.69 19.47
CA GLY F 322 9.59 20.99 19.09
C GLY F 322 8.46 21.61 18.29
N PRO F 323 7.55 22.34 18.94
CA PRO F 323 6.38 22.84 18.21
C PRO F 323 6.78 23.95 17.23
N ASN F 324 6.02 24.07 16.14
CA ASN F 324 6.30 25.13 15.13
C ASN F 324 5.86 26.50 15.63
N ALA F 325 6.12 27.55 14.83
CA ALA F 325 5.86 28.94 15.21
C ALA F 325 4.40 29.27 15.35
N LYS F 326 3.53 28.46 14.75
CA LYS F 326 2.08 28.62 14.97
C LYS F 326 1.60 27.97 16.25
N GLY F 327 2.43 27.17 16.93
CA GLY F 327 2.11 26.59 18.24
C GLY F 327 1.62 25.15 18.22
N GLU F 328 1.92 24.45 17.12
CA GLU F 328 1.43 23.18 16.84
C GLU F 328 2.59 22.25 17.04
N ILE F 329 2.29 21.11 17.67
CA ILE F 329 3.17 19.98 17.62
C ILE F 329 3.13 19.42 16.21
N PRO F 330 4.28 19.19 15.54
CA PRO F 330 4.19 18.71 14.15
C PRO F 330 3.47 17.36 14.02
N GLN F 331 2.71 17.27 12.93
CA GLN F 331 1.88 16.09 12.65
C GLN F 331 2.68 14.78 12.76
N LEU F 332 3.90 14.72 12.21
CA LEU F 332 4.70 13.51 12.29
C LEU F 332 5.06 13.19 13.76
N SER F 333 5.27 14.24 14.57
CA SER F 333 5.48 14.07 16.01
C SER F 333 4.27 13.42 16.66
N LEU F 334 3.10 14.00 16.42
CA LEU F 334 1.86 13.42 16.86
C LEU F 334 1.59 11.99 16.35
N ASP F 335 1.88 11.70 15.08
CA ASP F 335 1.70 10.34 14.58
C ASP F 335 2.51 9.36 15.49
N VAL F 336 3.75 9.72 15.82
CA VAL F 336 4.59 8.82 16.56
C VAL F 336 3.98 8.66 17.95
N LEU F 337 3.56 9.76 18.58
CA LEU F 337 3.06 9.70 19.95
C LEU F 337 1.74 8.90 20.01
N GLY F 338 0.89 9.04 19.01
CA GLY F 338 -0.34 8.23 18.94
C GLY F 338 -0.05 6.72 18.96
N GLU F 339 0.93 6.26 18.20
CA GLU F 339 1.21 4.84 18.18
C GLU F 339 1.98 4.38 19.42
N VAL F 340 2.90 5.19 19.92
CA VAL F 340 3.55 4.83 21.18
C VAL F 340 2.46 4.68 22.24
N GLY F 341 1.51 5.58 22.23
CA GLY F 341 0.40 5.52 23.16
C GLY F 341 -0.42 4.24 23.09
N ALA F 342 -0.69 3.74 21.88
CA ALA F 342 -1.50 2.50 21.79
C ALA F 342 -0.68 1.34 22.40
N TRP F 343 0.64 1.34 22.21
CA TRP F 343 1.45 0.27 22.79
C TRP F 343 1.44 0.40 24.32
N MET F 344 1.41 1.62 24.82
CA MET F 344 1.57 1.91 26.25
C MET F 344 0.26 1.54 26.94
N ARG F 345 -0.86 1.70 26.26
CA ARG F 345 -2.17 1.35 26.84
C ARG F 345 -2.27 -0.15 27.19
N ALA F 346 -1.73 -0.98 26.32
CA ALA F 346 -1.65 -2.37 26.48
C ALA F 346 -0.49 -2.81 27.37
N ASN F 347 0.70 -2.17 27.31
CA ASN F 347 1.94 -2.76 27.95
C ASN F 347 2.60 -1.91 29.07
N GLY F 348 1.91 -0.84 29.45
CA GLY F 348 2.30 0.12 30.47
C GLY F 348 2.65 -0.49 31.85
N ASP F 349 2.06 -1.62 32.23
CA ASP F 349 2.44 -2.19 33.55
C ASP F 349 3.93 -2.53 33.54
N SER F 350 4.53 -2.73 32.35
CA SER F 350 5.95 -3.13 32.25
C SER F 350 6.94 -1.96 32.34
N ILE F 351 6.39 -0.75 32.34
CA ILE F 351 7.12 0.49 32.43
C ILE F 351 6.91 1.17 33.78
N TYR F 352 5.66 1.53 34.07
CA TYR F 352 5.35 2.29 35.26
C TYR F 352 5.64 1.49 36.54
N GLY F 353 6.43 2.08 37.43
CA GLY F 353 6.83 1.44 38.69
C GLY F 353 7.84 0.34 38.51
N CYS F 354 8.40 0.17 37.31
CA CYS F 354 9.41 -0.93 37.06
C CYS F 354 10.83 -0.36 36.99
N GLY F 355 11.79 -1.27 37.03
CA GLY F 355 13.14 -0.96 36.99
C GLY F 355 13.94 -2.15 36.54
N ALA F 356 15.25 -2.10 36.80
CA ALA F 356 16.14 -3.16 36.37
C ALA F 356 15.87 -4.47 37.11
N ALA F 357 16.01 -5.56 36.39
CA ALA F 357 16.07 -6.91 36.94
C ALA F 357 17.54 -7.18 37.23
N ALA F 358 17.81 -8.12 38.14
CA ALA F 358 19.17 -8.48 38.48
C ALA F 358 19.55 -9.64 37.56
N LEU F 359 19.44 -9.42 36.26
CA LEU F 359 19.77 -10.46 35.27
C LEU F 359 20.52 -9.76 34.13
N SER F 360 21.48 -10.44 33.55
CA SER F 360 22.10 -9.97 32.35
C SER F 360 21.05 -9.84 31.23
N LYS F 361 21.28 -8.87 30.36
CA LYS F 361 20.51 -8.66 29.16
C LYS F 361 20.44 -9.99 28.41
N PRO F 362 19.21 -10.53 28.17
CA PRO F 362 19.05 -11.73 27.36
C PRO F 362 19.21 -11.46 25.85
N GLU F 363 19.39 -12.53 25.09
CA GLU F 363 19.71 -12.43 23.68
C GLU F 363 18.54 -11.81 22.88
N TRP F 364 17.33 -11.98 23.40
CA TRP F 364 16.11 -11.82 22.61
C TRP F 364 15.46 -10.51 22.96
N GLY F 365 16.03 -9.75 23.91
CA GLY F 365 15.31 -8.58 24.40
C GLY F 365 15.79 -8.05 25.73
N ARG F 366 14.85 -7.58 26.54
CA ARG F 366 15.17 -6.95 27.83
C ARG F 366 14.17 -7.36 28.91
N TYR F 367 14.59 -7.13 30.15
CA TYR F 367 13.80 -7.40 31.33
C TYR F 367 13.48 -6.06 31.99
N THR F 368 12.23 -5.90 32.42
CA THR F 368 11.94 -4.99 33.47
C THR F 368 11.31 -5.75 34.62
N GLN F 369 11.24 -5.11 35.79
CA GLN F 369 10.77 -5.80 36.96
C GLN F 369 10.17 -4.87 38.01
N LYS F 370 9.18 -5.43 38.73
CA LYS F 370 8.48 -4.72 39.80
C LYS F 370 7.96 -5.76 40.77
N GLY F 371 8.56 -5.77 41.97
CA GLY F 371 8.32 -6.78 42.95
C GLY F 371 8.56 -8.15 42.35
N ASN F 372 7.55 -9.02 42.44
CA ASN F 372 7.51 -10.41 41.90
C ASN F 372 7.13 -10.49 40.39
N LYS F 373 6.94 -9.34 39.73
CA LYS F 373 6.56 -9.33 38.32
C LYS F 373 7.77 -8.98 37.49
N LEU F 374 8.26 -9.95 36.72
CA LEU F 374 9.44 -9.85 35.84
C LEU F 374 8.89 -9.75 34.42
N TYR F 375 9.11 -8.65 33.71
CA TYR F 375 8.54 -8.56 32.40
C TYR F 375 9.62 -8.84 31.40
N ALA F 376 9.33 -9.77 30.49
CA ALA F 376 10.25 -10.12 29.42
C ALA F 376 9.83 -9.42 28.12
N HIS F 377 10.67 -8.49 27.65
CA HIS F 377 10.36 -7.69 26.43
C HIS F 377 11.01 -8.43 25.25
N ILE F 378 10.18 -9.13 24.45
CA ILE F 378 10.68 -9.91 23.34
C ILE F 378 10.81 -8.92 22.17
N LEU F 379 12.06 -8.57 21.88
CA LEU F 379 12.38 -7.63 20.83
C LEU F 379 12.78 -8.34 19.53
N ASP F 380 13.26 -9.57 19.64
CA ASP F 380 13.60 -10.37 18.46
C ASP F 380 13.05 -11.79 18.68
N ARG F 381 12.05 -12.16 17.88
CA ARG F 381 11.42 -13.49 17.99
C ARG F 381 12.43 -14.65 17.85
N GLY F 382 13.54 -14.44 17.16
CA GLY F 382 14.50 -15.48 16.88
C GLY F 382 13.81 -16.57 16.05
N ILE F 383 14.35 -17.78 16.23
CA ILE F 383 13.72 -18.97 15.70
C ILE F 383 13.54 -20.01 16.80
N GLY F 384 12.34 -20.59 16.79
CA GLY F 384 11.96 -21.58 17.82
C GLY F 384 11.67 -20.94 19.19
N PRO F 385 11.77 -21.72 20.25
CA PRO F 385 11.46 -21.18 21.55
C PRO F 385 12.52 -20.20 22.06
N ILE F 386 12.05 -19.23 22.84
CA ILE F 386 12.82 -18.22 23.49
C ILE F 386 13.40 -18.84 24.78
N ALA F 387 14.71 -18.72 24.94
CA ALA F 387 15.39 -19.28 26.06
C ALA F 387 15.61 -18.23 27.17
N LEU F 388 15.16 -18.50 28.39
CA LEU F 388 15.37 -17.54 29.50
C LEU F 388 16.38 -18.16 30.49
N GLN F 389 17.65 -17.73 30.42
CA GLN F 389 18.70 -18.34 31.24
C GLN F 389 18.39 -18.09 32.70
N GLY F 390 18.48 -19.17 33.51
CA GLY F 390 18.47 -19.10 34.96
C GLY F 390 17.09 -19.01 35.57
N LEU F 391 16.04 -19.20 34.78
CA LEU F 391 14.67 -19.02 35.34
C LEU F 391 13.94 -20.33 35.41
N ASN F 392 14.64 -21.43 35.08
CA ASN F 392 14.06 -22.76 35.28
C ASN F 392 13.70 -22.90 36.75
N GLY F 393 12.48 -23.40 37.00
CA GLY F 393 11.93 -23.54 38.37
C GLY F 393 11.65 -22.23 39.10
N ARG F 394 11.89 -21.07 38.50
CA ARG F 394 11.74 -19.80 39.24
C ARG F 394 10.45 -19.04 38.88
N VAL F 395 9.65 -19.55 37.94
CA VAL F 395 8.48 -18.83 37.42
C VAL F 395 7.22 -19.64 37.67
N LYS F 396 6.23 -19.04 38.34
CA LYS F 396 4.96 -19.65 38.60
C LYS F 396 4.00 -19.56 37.38
N GLU F 397 3.82 -18.37 36.82
CA GLU F 397 2.82 -18.07 35.80
C GLU F 397 3.48 -17.21 34.71
N ALA F 398 3.07 -17.40 33.46
CA ALA F 398 3.50 -16.51 32.36
C ALA F 398 2.29 -16.06 31.55
N ARG F 399 2.11 -14.75 31.41
CA ARG F 399 0.99 -14.17 30.61
CA ARG F 399 0.99 -14.20 30.59
C ARG F 399 1.53 -13.20 29.53
N LEU F 400 0.95 -13.21 28.34
CA LEU F 400 1.14 -12.08 27.42
C LEU F 400 0.47 -10.86 28.02
N LEU F 401 1.23 -9.79 28.32
CA LEU F 401 0.68 -8.66 29.04
C LEU F 401 -0.43 -7.96 28.26
N ALA F 402 -0.34 -7.92 26.93
CA ALA F 402 -1.27 -7.08 26.14
C ALA F 402 -2.72 -7.57 26.25
N ASP F 403 -2.94 -8.88 26.29
CA ASP F 403 -4.30 -9.45 26.33
C ASP F 403 -4.53 -10.34 27.56
N GLY F 404 -3.52 -10.45 28.43
CA GLY F 404 -3.50 -11.45 29.53
C GLY F 404 -3.67 -12.94 29.22
N ALA F 405 -3.37 -13.34 27.97
CA ALA F 405 -3.39 -14.71 27.53
C ALA F 405 -2.20 -15.43 28.15
N GLU F 406 -2.40 -16.68 28.50
CA GLU F 406 -1.37 -17.55 29.07
C GLU F 406 -0.34 -17.93 28.00
N VAL F 407 0.89 -18.07 28.47
CA VAL F 407 2.06 -18.45 27.66
C VAL F 407 2.54 -19.84 28.13
N ASN F 408 2.77 -20.75 27.17
CA ASN F 408 3.25 -22.05 27.50
C ASN F 408 4.72 -21.94 27.86
N ILE F 409 5.09 -22.25 29.11
CA ILE F 409 6.50 -22.21 29.50
C ILE F 409 7.07 -23.60 29.81
N GLN F 410 6.48 -24.65 29.27
CA GLN F 410 7.08 -25.96 29.39
C GLN F 410 8.25 -26.09 28.42
N THR F 411 9.29 -26.78 28.84
CA THR F 411 10.42 -27.18 27.97
C THR F 411 9.93 -28.04 26.80
N PRO F 412 9.99 -27.56 25.54
CA PRO F 412 9.57 -28.45 24.43
C PRO F 412 10.61 -29.56 24.17
N TRP F 413 10.24 -30.59 23.40
CA TRP F 413 11.08 -31.81 23.23
C TRP F 413 12.48 -31.48 22.68
N ASN F 414 12.56 -30.46 21.81
CA ASN F 414 13.80 -30.11 21.09
C ASN F 414 14.75 -29.29 21.95
N ALA F 415 14.33 -28.98 23.19
CA ALA F 415 15.07 -28.12 24.12
C ALA F 415 15.54 -28.84 25.41
N VAL F 416 15.43 -30.17 25.49
CA VAL F 416 15.67 -30.88 26.80
C VAL F 416 17.16 -30.98 27.21
N ASP F 417 18.08 -30.52 26.34
CA ASP F 417 19.51 -30.44 26.66
C ASP F 417 19.89 -29.13 27.37
N TYR F 418 18.93 -28.21 27.58
CA TYR F 418 19.23 -26.91 28.19
C TYR F 418 18.41 -26.73 29.49
N PRO F 419 18.70 -27.55 30.55
CA PRO F 419 17.93 -27.47 31.81
C PRO F 419 18.17 -26.23 32.68
N ASP F 420 19.19 -25.43 32.43
CA ASP F 420 19.30 -24.16 33.18
C ASP F 420 18.61 -23.02 32.41
N TYR F 421 17.60 -23.35 31.58
CA TYR F 421 16.83 -22.38 30.84
C TYR F 421 15.37 -22.74 30.98
N LEU F 422 14.54 -21.71 31.09
CA LEU F 422 13.09 -21.81 30.88
C LEU F 422 12.83 -21.48 29.41
N PHE F 423 11.89 -22.18 28.77
CA PHE F 423 11.54 -21.82 27.40
C PHE F 423 10.13 -21.24 27.32
N VAL F 424 9.94 -20.19 26.52
CA VAL F 424 8.65 -19.62 26.18
C VAL F 424 8.35 -20.06 24.78
N ASN F 425 7.25 -20.77 24.60
CA ASN F 425 6.88 -21.32 23.31
C ASN F 425 5.88 -20.35 22.66
N ILE F 426 6.21 -19.90 21.44
CA ILE F 426 5.40 -18.95 20.69
C ILE F 426 4.96 -19.73 19.47
N PRO F 427 3.66 -20.05 19.34
CA PRO F 427 3.22 -20.90 18.24
C PRO F 427 3.19 -20.26 16.85
N THR F 428 3.47 -18.97 16.73
CA THR F 428 3.43 -18.26 15.42
C THR F 428 4.88 -17.93 15.00
N ALA F 429 5.08 -17.90 13.68
CA ALA F 429 6.31 -17.50 13.04
C ALA F 429 6.72 -16.08 13.43
N GLN F 430 5.72 -15.17 13.47
CA GLN F 430 5.91 -13.85 14.04
C GLN F 430 5.25 -13.64 15.39
N LEU F 431 5.78 -12.64 16.10
CA LEU F 431 5.23 -12.17 17.38
C LEU F 431 3.98 -11.37 17.14
N PRO F 432 3.17 -11.25 18.17
CA PRO F 432 1.95 -10.45 18.08
C PRO F 432 2.19 -8.97 17.81
N ASP F 433 3.28 -8.44 18.39
CA ASP F 433 3.57 -7.03 18.37
C ASP F 433 5.04 -6.84 18.04
N ASP F 434 5.27 -6.40 16.80
CA ASP F 434 6.61 -6.10 16.30
C ASP F 434 7.34 -5.01 17.08
N PHE F 435 6.65 -4.08 17.72
CA PHE F 435 7.36 -3.13 18.56
C PHE F 435 8.08 -3.85 19.70
N ASN F 436 7.35 -4.70 20.38
CA ASN F 436 7.84 -5.30 21.63
C ASN F 436 6.71 -6.16 22.13
N THR F 437 6.93 -7.46 22.19
CA THR F 437 5.91 -8.33 22.79
C THR F 437 6.28 -8.65 24.21
N VAL F 438 5.42 -8.23 25.14
CA VAL F 438 5.77 -8.33 26.57
C VAL F 438 5.07 -9.55 27.18
N ILE F 439 5.88 -10.34 27.89
CA ILE F 439 5.44 -11.42 28.69
C ILE F 439 5.61 -11.07 30.17
N GLU F 440 4.52 -11.22 30.93
CA GLU F 440 4.52 -11.05 32.36
C GLU F 440 4.82 -12.39 33.04
N LEU F 441 5.97 -12.48 33.71
CA LEU F 441 6.37 -13.66 34.40
C LEU F 441 6.16 -13.43 35.89
N THR F 442 5.31 -14.26 36.49
CA THR F 442 5.11 -14.21 37.98
C THR F 442 6.16 -15.12 38.62
N LEU F 443 7.04 -14.55 39.42
CA LEU F 443 8.15 -15.29 40.08
C LEU F 443 7.64 -16.08 41.28
N GLU F 444 8.24 -17.25 41.53
CA GLU F 444 7.94 -18.05 42.73
C GLU F 444 8.36 -17.29 44.00
N ASP F 445 7.77 -17.68 45.15
CA ASP F 445 8.22 -17.26 46.50
C ASP F 445 8.06 -15.75 46.68
#